data_8SOK
#
_entry.id   8SOK
#
_cell.length_a   1.00
_cell.length_b   1.00
_cell.length_c   1.00
_cell.angle_alpha   90.00
_cell.angle_beta   90.00
_cell.angle_gamma   90.00
#
_symmetry.space_group_name_H-M   'P 1'
#
loop_
_entity.id
_entity.type
_entity.pdbx_description
1 polymer 'CST complex subunit CTC1'
2 polymer 'CST complex subunit STN1'
3 polymer 'CST complex subunit TEN1'
4 polymer 'Protection of telomeres protein 1'
5 polymer TPP1
6 polymer "DNA (5'-D(*TP*TP*AP*GP*GP*GP*TP*TP*AP*G)-3')"
7 non-polymer 'ZINC ION'
#
loop_
_entity_poly.entity_id
_entity_poly.type
_entity_poly.pdbx_seq_one_letter_code
_entity_poly.pdbx_strand_id
1 'polypeptide(L)'
;MGSSHHHHHHSSGTKIEEGKLVIWINGDKGYNGLAEVGKKFEKDTGIKVTVEHPDKLEEKFPQVAATGDGPDIIFWAHDR
FGGYAQSGLLAEITPDKAFQDKLYPFTWDAVRYNGKLIAYPIAVEALSLIYNKDLLPNPPKTWEEIPALDKELKAKGKSA
LMFNLQEPYFTWPLIAADGGYAFKYENGKYDIKDVGVDNAGAKAGLTFLVDLIKNKHMNADTDYSIAEAAFNKGETAMTI
NGPWAWSNIDTSKVNYGVTVLPTFKGQPSKPFVGVLSAGINAASPNKELAKEFLENYLLTDEGLEAVNKDKPLGAVALKS
YEEELAKDPRIAATMENAQKGEIMPNIPQMSAFWYAVRTAVINAASGRQTVDEALKDAQTKLVEKYLEVLFQGPGSMAAG
RAQVPSSEQAWLEDAQVFIQKTLCPAVKEPNVQLTPLVIDCVKTVWLSQGRNQGSTLPLSYSFVSVQDLKTHQRLPCCSH
LSWSSSAYQAWAQEAGPNGNPLPREQLLLLGTLTDLSADLEQECRNGSLYVRDNTGVLSCELIDLDLSWLGHLFLFPRWS
YLPPARWNSSGEGHLELWDAPVPVFPLTISPGPVTPIPVLYPESASCLLRLRNKLRGVQRNLAGSLVRLSALVKSKQKAY
FILSLGRSHPAVTHVSIIVQVPAQLVWHRALRPGTAYVLTELRVSKIRGQRQHVWMTSQSSRLLLLKPECVQELELELEG
PLLEADPKPLPMPSNSEDKKDPESLVRYSRLLSYSGAVTGVLNEPAGLYELDGQLGLCLAYQQFRGLRRVMRPGVCLQLQ
DVHLLQSVGGGTRRPVLAPCLRGAVLLQSFSRQKPGAHSSRQAYGASLYEQLVWERQLGLPLYLWATKALEELACKLCPH
VLRHHQFLQHSSPGSPSLGLQLLAPTLDLLAPPGSPVRNAHNEILEEPHHCPLQKYTRLQTPSSFPTLATLKEEGQRKAW
ASFDPKALLPLPEASYLPSCQLNRRLAWSWLCLLPSAFCPAQVLLGVLVASSHKGCLQLRDQSGSLPCLLLAKHSQPLSD
PRLIGCLVRAERFQLIVERDVRSSFPSWKELSMPGFIQKQQARVYVQFFLADALILPVPRPCLHSATPSTPQTDPTGPEG
PHLGQSRLFLLCHKEALMKRNFCVPPGASPEVPKPALSFYVLGSWLGGTQRKEGTGWGLPEPQGNDDNDQKVHLIFFGSS
VRWFEFLHPGQVYRLIAPGPATPMLFEKDGSSCISRRPLELAGCASCLTVQDNWTLELESSQDIQDVLDANKSLPESSLT
DLLSDNFTDSLVSFSAEILSRTLCEPLVASLWMKLGNTGAMRRCVKLTVALETAECEFPPHLDVYIEDPHLPPSLGLLPG
ARVHFSQLEKRVSRSHNVYCCFRSSTYVQVLSFPPETTISIPLPHIYLAELLQGGQSPFQATASCHIVSVFSLQLFWVCA
YCTSICRQGKCTRLGSTCPTQTAISQAIIRLLVEDGTAEAVVTCRNHHVAAALGLCPREWASLLDFVQVPGRVVLQFAGP
GAQLESSARVDEPMTMFLWTLCTSPSVLRPIVLSFELERKPSKIVPLEPPRLQRFQCGELPFLTHVNPRLRLSCLSIRES
EYSSSLGILASSC
;
A
2 'polypeptide(L)'
;MQPGSSRCEEETPSLLWGLDPVFLAFAKLYIRDILDMKESRQVPGVFLYNGHPIKQVDVLGTVIGVRERDAFYSYGVDDS
TGVINCICWKKLNTESVSAAPSAARELSLTSQLKKLQETIEQKTKIEIGDTIRVRGSIRTYREEREIHATTYYKVDDPVW
NIQIARMLELPTIYRKVYDQPFHSSALEKEEALSNPGALDLPSLTSLLSEKAKEFLMENRVQSFYQQELEMVESLLSLAN
QPVIHSASSDQVNFKKDTTSKAIHSIFKNAIQLLQEKGLVFQKDDGFDNLYYVTREDKDLHRKIHRIIQQDCQKPNHMEK
GCHFLHILACARLSIRPGLSEAVLQQVLELLEDQSDIVSTMEHYYTAF
;
B
3 'polypeptide(L)'
;MMLPKPGTYYLPWEVSAGQVPDGSTLRTFGRLCLYDMIQSRVTLMAQHGSDQHQVLVCTKLVEPFHAQVGSLYIVLGELQ
HQQDRGSVVKARVLTCVEGMNLPLLEQAIREQRLYKQERGGSQ
;
C
4 'polypeptide(L)'
;MHHHHHHGSSLVPATNYIYTPLNQLKGGTIVNVYGVVKFFKPPYLSKGTDYCSVVTIVDQTNVKLTCLLFSGNYEALPII
YKNGDIVRFHRLKIQVYKKETQGITSSGFASLTFEGTLGAPIIPRTSSKYFNFTTEDHKMVEALRVWASTHMSPSWTLLK
LCDVQPMQYFDLTCQLLGKAEVDGASFLLKVWDGTRTPFPSWRVLIQDLVLEGDLSHIHRLQNLTIDILVYDNHVHVARS
LKVGSFLRIYSLHTKLQSMNSENQTMLSLEFHLHGGTSYGRGIRVLPESNSDVDQLKKDLESANLTANQHSDVICQSEPD
DSFPSSGSESDLVSLYEVERCQQLSATILTDHQYLERTPLCAILKQKAPQQYRIRAKLRSYKPRRLFQSVKLHCPKCHLL
QEVPHEGDLDIIFQDGATKTPDVKLQNTSLYDSKIWTTKNQKGRKVAVHFVKNNGILPLSNECLLLIEGGTLSEICKLSN
KFNSVIPVRSGHEDLELLDLSAPFLIQGTIHHYGCKQCSSLRSIQNLNSLVDKTSWIPSSVAEALGIVPLQYVFVMTFTL
DDGTGVLEAYLMDSDKFFQIPASEVLMDDDLQKSVDMIMDMFCPPGIKIDAYPWLECFIKSYNVTNGTDNQICYQIFDTT
VAEDVI
;
D
5 'polypeptide(L)'
;MWSHPQFEKGGGSGGGSGGSAWSHPQFEKGSVSKGEELFTGVVPILVELDGDVNGHKFSVSGEGEGDATYGKLTLKFICT
TGKLPVPWPTLVTTLTYGVQCFSRYPDHMKQHDFFKSAMPEGYVQERTIFFKDDGNYKTRAEVKFEGDTLVNRIELKGID
FKEDGNILGHKLEYNYNSHNVYIMADKQKNGIKVNFKIRHNIEDGSVQLADHYQQNTPIGDGPVLLPDNHYLSTQSALSK
DPNEKRDHMVLLEFVTAAGITLGMDELYKENLYFQGGSMAGSGRLVLRPWIRELILGSETPSSPRAGQLLEVLQDAEAAV
AGPSHAPDTSDVGATLLVSDGTHSVRCLVTREALDTSDWEEKEFGFRGTEGRLLLLQDCGVHVQVAEGGAPAEFYLQVDR
FSLLPTEQPRLRVPGCNQDLDVQKKLYDCLEEHLSESTSSNAGLSLSQLLDEMREDQEHQGALVCLAESCLTLEGPCTAP
PVTHWAASRCKATGEAVYTVPSSMLCISENDQLILSSLGPCQRTQGPEL
;
E
6 'polydeoxyribonucleotide' (DG)(DG)(DT)(DT)(DA)(DG)(DG)(DG)(DT)(DT)(DA)(DG)(DG)(DG)(DT)(DT)(DA)(DG) F
#
# COMPACT_ATOMS: atom_id res chain seq x y z
N VAL A 404 -72.68 -39.61 30.83
CA VAL A 404 -72.21 -38.64 29.85
C VAL A 404 -73.08 -38.74 28.60
N PRO A 405 -73.63 -37.61 28.14
CA PRO A 405 -74.50 -37.66 26.95
C PRO A 405 -73.75 -38.22 25.75
N SER A 406 -74.53 -38.56 24.71
CA SER A 406 -73.95 -39.10 23.50
C SER A 406 -72.95 -38.13 22.90
N SER A 407 -72.03 -38.69 22.10
CA SER A 407 -71.01 -37.86 21.46
C SER A 407 -71.65 -36.66 20.77
N GLU A 408 -72.67 -36.91 19.96
CA GLU A 408 -73.37 -35.80 19.32
C GLU A 408 -74.05 -34.92 20.35
N GLN A 409 -74.64 -35.53 21.38
CA GLN A 409 -75.33 -34.74 22.40
C GLN A 409 -74.33 -33.94 23.24
N ALA A 410 -73.18 -34.53 23.54
CA ALA A 410 -72.15 -33.79 24.26
C ALA A 410 -71.64 -32.62 23.41
N TRP A 411 -71.39 -32.87 22.13
CA TRP A 411 -71.01 -31.79 21.21
C TRP A 411 -72.07 -30.68 21.22
N LEU A 412 -73.34 -31.08 21.26
CA LEU A 412 -74.43 -30.10 21.22
C LEU A 412 -74.48 -29.29 22.50
N GLU A 413 -74.30 -29.94 23.64
CA GLU A 413 -74.35 -29.19 24.91
C GLU A 413 -73.13 -28.29 25.06
N ASP A 414 -71.98 -28.73 24.56
CA ASP A 414 -70.81 -27.86 24.53
C ASP A 414 -71.08 -26.65 23.65
N ALA A 415 -71.69 -26.87 22.48
CA ALA A 415 -72.09 -25.74 21.65
C ALA A 415 -73.08 -24.85 22.38
N GLN A 416 -73.95 -25.44 23.18
CA GLN A 416 -74.92 -24.66 23.95
C GLN A 416 -74.19 -23.71 24.90
N VAL A 417 -73.25 -24.25 25.66
CA VAL A 417 -72.47 -23.41 26.57
C VAL A 417 -71.72 -22.34 25.79
N PHE A 418 -71.05 -22.74 24.71
CA PHE A 418 -70.29 -21.79 23.91
C PHE A 418 -71.16 -20.65 23.45
N ILE A 419 -72.31 -20.96 22.85
CA ILE A 419 -73.23 -19.93 22.39
C ILE A 419 -73.59 -19.05 23.58
N GLN A 420 -74.25 -19.63 24.59
CA GLN A 420 -74.74 -18.88 25.73
C GLN A 420 -73.72 -17.85 26.22
N LYS A 421 -72.49 -18.29 26.47
CA LYS A 421 -71.53 -17.40 27.10
C LYS A 421 -70.71 -16.62 26.07
N THR A 422 -69.98 -17.33 25.21
CA THR A 422 -69.05 -16.69 24.29
C THR A 422 -69.76 -15.78 23.30
N LEU A 423 -70.96 -16.18 22.85
CA LEU A 423 -71.53 -15.59 21.64
C LEU A 423 -72.76 -14.74 21.90
N CYS A 424 -73.67 -15.18 22.75
CA CYS A 424 -74.92 -14.47 22.96
C CYS A 424 -74.66 -13.00 23.24
N PRO A 425 -75.22 -12.07 22.47
CA PRO A 425 -74.84 -10.67 22.59
C PRO A 425 -75.33 -10.06 23.89
N ALA A 426 -74.57 -9.07 24.37
CA ALA A 426 -74.99 -8.34 25.56
C ALA A 426 -76.35 -7.68 25.36
N VAL A 427 -76.73 -7.42 24.11
CA VAL A 427 -78.01 -6.77 23.85
C VAL A 427 -79.17 -7.72 24.11
N LYS A 428 -78.92 -9.03 24.08
CA LYS A 428 -79.98 -10.02 24.16
C LYS A 428 -79.59 -11.13 25.12
N GLU A 429 -80.58 -11.67 25.82
CA GLU A 429 -80.33 -12.71 26.81
C GLU A 429 -79.57 -13.86 26.17
N PRO A 430 -78.93 -14.71 26.99
CA PRO A 430 -78.31 -15.93 26.44
C PRO A 430 -79.35 -16.86 25.86
N ASN A 431 -80.09 -16.38 24.87
CA ASN A 431 -81.32 -17.05 24.44
C ASN A 431 -81.00 -18.38 23.77
N VAL A 432 -81.66 -19.44 24.26
CA VAL A 432 -81.48 -20.76 23.66
C VAL A 432 -82.14 -20.82 22.29
N GLN A 433 -83.11 -19.95 22.04
CA GLN A 433 -83.73 -19.91 20.71
C GLN A 433 -82.69 -19.60 19.64
N LEU A 434 -81.55 -19.03 20.04
CA LEU A 434 -80.47 -18.79 19.09
C LEU A 434 -79.78 -20.11 18.71
N THR A 435 -79.66 -21.03 19.66
CA THR A 435 -78.93 -22.27 19.41
C THR A 435 -79.48 -23.08 18.25
N PRO A 436 -80.80 -23.28 18.10
CA PRO A 436 -81.26 -24.00 16.91
C PRO A 436 -80.89 -23.30 15.63
N LEU A 437 -80.84 -21.97 15.64
CA LEU A 437 -80.48 -21.25 14.43
C LEU A 437 -79.06 -21.62 13.99
N VAL A 438 -78.09 -21.52 14.90
CA VAL A 438 -76.71 -21.84 14.52
C VAL A 438 -76.57 -23.32 14.23
N ILE A 439 -77.29 -24.15 14.98
CA ILE A 439 -77.28 -25.59 14.71
C ILE A 439 -77.74 -25.85 13.29
N ASP A 440 -78.80 -25.15 12.88
CA ASP A 440 -79.30 -25.31 11.52
C ASP A 440 -78.28 -24.83 10.51
N CYS A 441 -77.55 -23.76 10.82
CA CYS A 441 -76.53 -23.28 9.90
C CYS A 441 -75.45 -24.33 9.70
N VAL A 442 -74.90 -24.85 10.79
CA VAL A 442 -73.84 -25.84 10.67
C VAL A 442 -74.38 -27.09 9.98
N LYS A 443 -75.60 -27.50 10.33
CA LYS A 443 -76.22 -28.65 9.68
C LYS A 443 -76.36 -28.42 8.18
N THR A 444 -76.87 -27.25 7.80
CA THR A 444 -77.05 -26.88 6.42
C THR A 444 -75.74 -27.02 5.66
N VAL A 445 -74.74 -26.25 6.07
CA VAL A 445 -73.49 -26.24 5.31
C VAL A 445 -72.85 -27.62 5.32
N TRP A 446 -73.05 -28.39 6.39
CA TRP A 446 -72.40 -29.70 6.52
C TRP A 446 -73.10 -30.74 5.64
N LEU A 447 -74.43 -30.80 5.73
CA LEU A 447 -75.15 -31.83 5.00
C LEU A 447 -75.34 -31.45 3.54
N SER A 448 -75.56 -30.16 3.26
CA SER A 448 -75.70 -29.73 1.87
C SER A 448 -74.50 -30.14 1.03
N GLN A 449 -73.36 -30.42 1.66
CA GLN A 449 -72.25 -31.02 0.95
C GLN A 449 -72.69 -32.30 0.27
N GLY A 450 -73.19 -33.24 1.05
CA GLY A 450 -73.33 -34.61 0.59
C GLY A 450 -72.00 -35.31 0.68
N ARG A 451 -70.96 -34.67 0.11
CA ARG A 451 -69.60 -35.17 0.23
C ARG A 451 -69.18 -35.32 1.68
N ASN A 452 -69.86 -34.65 2.60
CA ASN A 452 -69.51 -34.75 4.01
C ASN A 452 -69.55 -36.19 4.48
N GLN A 453 -70.57 -36.95 4.04
CA GLN A 453 -70.74 -38.33 4.46
C GLN A 453 -70.62 -38.46 5.98
N GLY A 454 -71.22 -37.51 6.70
CA GLY A 454 -71.00 -37.35 8.11
C GLY A 454 -72.27 -37.44 8.93
N SER A 455 -72.08 -37.46 10.24
CA SER A 455 -73.18 -37.36 11.19
C SER A 455 -74.03 -36.14 10.87
N THR A 456 -75.27 -36.13 11.36
CA THR A 456 -76.14 -34.99 11.13
C THR A 456 -75.48 -33.70 11.63
N LEU A 457 -74.72 -33.79 12.72
CA LEU A 457 -74.01 -32.65 13.26
C LEU A 457 -72.51 -32.83 13.08
N PRO A 458 -71.79 -31.83 12.57
CA PRO A 458 -70.35 -32.00 12.37
C PRO A 458 -69.58 -31.97 13.69
N LEU A 459 -69.40 -33.15 14.30
CA LEU A 459 -68.76 -33.20 15.61
C LEU A 459 -67.28 -32.91 15.52
N SER A 460 -66.67 -33.12 14.35
CA SER A 460 -65.23 -32.94 14.22
C SER A 460 -64.81 -31.49 14.47
N TYR A 461 -65.58 -30.55 13.96
CA TYR A 461 -65.24 -29.14 14.12
C TYR A 461 -65.58 -28.67 15.52
N SER A 462 -65.03 -27.51 15.88
CA SER A 462 -65.21 -26.97 17.22
C SER A 462 -65.35 -25.45 17.14
N PHE A 463 -65.64 -24.85 18.29
CA PHE A 463 -66.01 -23.45 18.39
C PHE A 463 -64.91 -22.66 19.07
N VAL A 464 -64.57 -21.50 18.47
CA VAL A 464 -63.45 -20.68 18.92
C VAL A 464 -63.91 -19.23 18.96
N SER A 465 -63.57 -18.53 20.04
CA SER A 465 -63.93 -17.13 20.18
C SER A 465 -62.83 -16.23 19.62
N VAL A 466 -63.14 -14.94 19.54
CA VAL A 466 -62.16 -13.97 19.08
C VAL A 466 -60.99 -13.90 20.05
N GLN A 467 -61.28 -13.65 21.34
CA GLN A 467 -60.23 -13.57 22.33
C GLN A 467 -59.52 -14.90 22.47
N ASP A 468 -60.27 -16.00 22.38
CA ASP A 468 -59.67 -17.32 22.38
C ASP A 468 -58.61 -17.43 21.29
N LEU A 469 -59.01 -17.15 20.05
CA LEU A 469 -58.07 -17.17 18.94
C LEU A 469 -56.88 -16.25 19.22
N LYS A 470 -57.16 -15.04 19.69
CA LYS A 470 -56.12 -14.04 19.90
C LYS A 470 -55.05 -14.56 20.85
N THR A 471 -55.45 -14.99 22.05
CA THR A 471 -54.49 -15.50 23.01
C THR A 471 -53.81 -16.77 22.52
N HIS A 472 -54.61 -17.77 22.15
CA HIS A 472 -54.08 -19.09 21.90
C HIS A 472 -53.22 -19.12 20.64
N GLN A 473 -53.80 -18.74 19.51
CA GLN A 473 -53.20 -19.03 18.23
C GLN A 473 -52.10 -18.02 17.87
N ARG A 474 -51.11 -18.49 17.10
CA ARG A 474 -50.18 -17.58 16.45
C ARG A 474 -49.62 -18.13 15.13
N LEU A 475 -50.08 -19.27 14.65
CA LEU A 475 -49.80 -19.68 13.29
C LEU A 475 -50.89 -19.17 12.36
N PRO A 476 -50.61 -19.09 11.06
CA PRO A 476 -51.71 -18.95 10.08
C PRO A 476 -52.56 -20.21 10.09
N CYS A 477 -53.88 -20.04 9.96
CA CYS A 477 -54.78 -21.17 10.01
C CYS A 477 -55.97 -20.93 9.10
N CYS A 478 -56.43 -22.00 8.45
CA CYS A 478 -57.57 -21.94 7.56
C CYS A 478 -58.66 -22.90 8.02
N SER A 479 -59.88 -22.38 8.16
CA SER A 479 -61.05 -23.22 8.30
C SER A 479 -61.77 -23.24 6.96
N HIS A 480 -61.30 -24.09 6.06
CA HIS A 480 -62.04 -24.32 4.84
C HIS A 480 -63.26 -25.17 5.20
N LEU A 481 -64.21 -24.54 5.86
CA LEU A 481 -65.29 -25.23 6.56
C LEU A 481 -65.95 -26.30 5.69
N SER A 482 -66.10 -27.50 6.26
CA SER A 482 -66.83 -28.63 5.71
C SER A 482 -66.16 -29.27 4.50
N TRP A 483 -64.87 -29.01 4.28
CA TRP A 483 -64.14 -29.57 3.16
C TRP A 483 -63.10 -30.57 3.64
N SER A 484 -62.94 -31.66 2.89
CA SER A 484 -61.94 -32.67 3.17
C SER A 484 -60.56 -32.20 2.72
N SER A 485 -59.52 -32.89 3.21
CA SER A 485 -58.15 -32.54 2.81
C SER A 485 -57.98 -32.61 1.31
N SER A 486 -58.73 -33.48 0.63
CA SER A 486 -58.67 -33.53 -0.82
C SER A 486 -59.23 -32.25 -1.45
N ALA A 487 -60.46 -31.89 -1.08
CA ALA A 487 -61.05 -30.65 -1.58
C ALA A 487 -60.23 -29.45 -1.12
N TYR A 488 -59.76 -29.49 0.12
CA TYR A 488 -58.86 -28.45 0.62
C TYR A 488 -57.68 -28.27 -0.32
N GLN A 489 -56.94 -29.35 -0.55
CA GLN A 489 -55.81 -29.29 -1.48
C GLN A 489 -56.24 -28.74 -2.83
N ALA A 490 -57.37 -29.21 -3.35
CA ALA A 490 -57.86 -28.74 -4.65
C ALA A 490 -58.12 -27.24 -4.67
N TRP A 491 -58.41 -26.65 -3.50
CA TRP A 491 -58.54 -25.20 -3.40
C TRP A 491 -57.21 -24.54 -3.06
N ALA A 492 -56.48 -25.13 -2.11
CA ALA A 492 -55.23 -24.53 -1.65
C ALA A 492 -54.20 -24.47 -2.78
N GLN A 493 -54.01 -25.57 -3.50
CA GLN A 493 -53.01 -25.65 -4.54
C GLN A 493 -53.52 -25.16 -5.89
N GLU A 494 -54.72 -24.56 -5.93
CA GLU A 494 -55.12 -23.81 -7.10
C GLU A 494 -54.38 -22.48 -7.19
N ALA A 495 -53.87 -21.99 -6.06
CA ALA A 495 -52.87 -20.92 -6.03
C ALA A 495 -51.45 -21.45 -6.20
N GLY A 496 -51.29 -22.70 -6.65
CA GLY A 496 -49.98 -23.29 -6.87
C GLY A 496 -49.47 -23.00 -8.26
N PRO A 497 -48.50 -23.80 -8.74
CA PRO A 497 -47.86 -24.95 -8.08
C PRO A 497 -46.96 -24.57 -6.90
N ASN A 498 -46.80 -25.49 -5.96
CA ASN A 498 -45.93 -25.30 -4.78
C ASN A 498 -46.32 -24.06 -3.98
N GLY A 499 -47.60 -23.72 -3.97
CA GLY A 499 -48.08 -22.67 -3.07
C GLY A 499 -48.12 -23.14 -1.64
N ASN A 500 -47.19 -22.64 -0.81
CA ASN A 500 -47.07 -23.09 0.57
C ASN A 500 -48.36 -22.75 1.33
N PRO A 501 -49.21 -23.73 1.60
CA PRO A 501 -50.57 -23.42 2.03
C PRO A 501 -50.67 -23.07 3.50
N LEU A 502 -51.83 -22.52 3.87
CA LEU A 502 -52.25 -22.49 5.25
C LEU A 502 -52.59 -23.91 5.71
N PRO A 503 -52.65 -24.15 7.02
CA PRO A 503 -53.03 -25.48 7.51
C PRO A 503 -54.54 -25.65 7.59
N ARG A 504 -54.99 -26.87 7.34
CA ARG A 504 -56.41 -27.20 7.45
C ARG A 504 -56.76 -27.40 8.92
N GLU A 505 -57.71 -26.61 9.42
CA GLU A 505 -58.10 -26.66 10.83
C GLU A 505 -59.61 -26.69 10.93
N GLN A 506 -60.13 -27.54 11.81
CA GLN A 506 -61.57 -27.75 11.91
C GLN A 506 -62.13 -26.90 13.06
N LEU A 507 -62.25 -25.61 12.78
CA LEU A 507 -62.83 -24.64 13.71
C LEU A 507 -64.07 -23.99 13.09
N LEU A 508 -64.95 -23.51 13.96
CA LEU A 508 -66.14 -22.76 13.57
C LEU A 508 -66.07 -21.38 14.20
N LEU A 509 -66.32 -20.34 13.39
CA LEU A 509 -66.19 -18.95 13.83
C LEU A 509 -67.55 -18.27 13.74
N LEU A 510 -67.98 -17.70 14.86
CA LEU A 510 -69.28 -17.04 14.98
C LEU A 510 -69.07 -15.67 15.63
N GLY A 511 -69.63 -14.62 15.06
CA GLY A 511 -69.39 -13.28 15.59
C GLY A 511 -70.15 -12.19 14.85
N THR A 512 -70.15 -11.01 15.46
CA THR A 512 -70.77 -9.82 14.87
C THR A 512 -69.76 -9.09 13.99
N LEU A 513 -70.26 -8.50 12.92
CA LEU A 513 -69.44 -7.84 11.90
C LEU A 513 -69.72 -6.35 11.92
N THR A 514 -68.68 -5.53 12.05
CA THR A 514 -68.86 -4.09 12.06
C THR A 514 -67.63 -3.37 11.54
N ASP A 515 -67.82 -2.09 11.22
CA ASP A 515 -66.70 -1.20 10.94
C ASP A 515 -66.12 -0.63 12.22
N LEU A 516 -66.92 -0.51 13.26
CA LEU A 516 -66.47 0.13 14.49
C LEU A 516 -65.29 -0.63 15.08
N SER A 517 -64.18 0.07 15.27
CA SER A 517 -63.01 -0.52 15.89
C SER A 517 -63.24 -0.68 17.39
N ALA A 518 -62.33 -1.41 18.03
CA ALA A 518 -62.42 -1.62 19.47
C ALA A 518 -62.11 -0.36 20.27
N ASP A 519 -61.58 0.68 19.62
CA ASP A 519 -61.22 1.91 20.31
C ASP A 519 -62.39 2.87 20.34
N LEU A 520 -62.47 3.65 21.43
CA LEU A 520 -63.54 4.63 21.62
C LEU A 520 -62.99 6.03 21.83
N GLU A 521 -61.70 6.27 21.58
CA GLU A 521 -61.17 7.63 21.64
C GLU A 521 -61.88 8.53 20.65
N GLN A 522 -62.34 7.98 19.53
CA GLN A 522 -63.11 8.70 18.54
C GLN A 522 -64.12 7.71 17.96
N GLU A 523 -64.70 8.07 16.82
CA GLU A 523 -65.41 7.06 16.03
C GLU A 523 -64.43 6.04 15.48
N CYS A 524 -63.21 6.47 15.15
CA CYS A 524 -62.16 5.58 14.65
C CYS A 524 -62.64 4.79 13.43
N ARG A 525 -63.26 5.51 12.49
CA ARG A 525 -63.75 4.89 11.26
C ARG A 525 -62.57 4.36 10.44
N ASN A 526 -61.75 5.27 9.94
CA ASN A 526 -60.52 4.94 9.22
C ASN A 526 -60.75 3.86 8.17
N GLY A 527 -61.96 3.75 7.63
CA GLY A 527 -62.23 2.74 6.63
C GLY A 527 -61.91 1.33 7.07
N SER A 528 -61.87 1.09 8.38
CA SER A 528 -61.48 -0.20 8.92
C SER A 528 -62.71 -1.09 9.16
N LEU A 529 -62.46 -2.39 9.27
CA LEU A 529 -63.52 -3.38 9.40
C LEU A 529 -63.11 -4.39 10.46
N TYR A 530 -64.09 -4.90 11.22
CA TYR A 530 -63.78 -5.69 12.39
C TYR A 530 -64.84 -6.76 12.64
N VAL A 531 -64.43 -7.79 13.36
CA VAL A 531 -65.33 -8.81 13.91
C VAL A 531 -65.33 -8.66 15.42
N ARG A 532 -66.52 -8.76 16.02
CA ARG A 532 -66.67 -8.59 17.46
C ARG A 532 -67.55 -9.70 18.02
N ASP A 533 -67.12 -10.27 19.15
CA ASP A 533 -67.91 -11.22 19.93
C ASP A 533 -67.87 -10.77 21.39
N ASN A 534 -68.47 -11.57 22.27
CA ASN A 534 -68.46 -11.22 23.68
C ASN A 534 -67.05 -11.23 24.27
N THR A 535 -66.09 -11.86 23.60
CA THR A 535 -64.76 -12.04 24.17
C THR A 535 -63.76 -11.00 23.67
N GLY A 536 -63.79 -10.66 22.39
CA GLY A 536 -62.79 -9.74 21.86
C GLY A 536 -63.17 -9.26 20.47
N VAL A 537 -62.36 -8.33 19.99
CA VAL A 537 -62.56 -7.70 18.69
C VAL A 537 -61.29 -7.94 17.85
N LEU A 538 -61.47 -8.05 16.55
CA LEU A 538 -60.38 -8.36 15.64
C LEU A 538 -60.71 -7.80 14.26
N SER A 539 -59.71 -7.27 13.57
CA SER A 539 -59.95 -6.71 12.25
C SER A 539 -59.94 -7.82 11.19
N CYS A 540 -60.58 -7.52 10.05
CA CYS A 540 -60.80 -8.51 9.01
C CYS A 540 -60.75 -7.86 7.64
N GLU A 541 -60.55 -8.69 6.62
CA GLU A 541 -60.58 -8.27 5.22
C GLU A 541 -61.49 -9.20 4.43
N LEU A 542 -62.24 -8.64 3.49
CA LEU A 542 -63.35 -9.37 2.85
C LEU A 542 -63.46 -8.99 1.37
N ILE A 543 -63.14 -9.95 0.50
CA ILE A 543 -63.34 -9.78 -0.94
C ILE A 543 -64.84 -9.78 -1.27
N ASP A 544 -65.18 -9.11 -2.37
CA ASP A 544 -66.58 -8.94 -2.83
C ASP A 544 -67.56 -8.70 -1.68
N LEU A 545 -67.24 -7.70 -0.86
CA LEU A 545 -68.04 -7.38 0.32
C LEU A 545 -69.43 -6.88 -0.05
N ASP A 546 -70.39 -7.16 0.83
CA ASP A 546 -71.73 -6.58 0.78
C ASP A 546 -71.96 -5.76 2.04
N LEU A 547 -72.20 -4.46 1.88
CA LEU A 547 -72.26 -3.57 3.03
C LEU A 547 -73.47 -3.86 3.92
N SER A 548 -74.56 -4.35 3.34
CA SER A 548 -75.75 -4.64 4.14
C SER A 548 -75.40 -5.45 5.37
N TRP A 549 -74.40 -6.33 5.25
CA TRP A 549 -74.01 -7.20 6.35
C TRP A 549 -73.54 -6.45 7.58
N LEU A 550 -73.35 -5.14 7.51
CA LEU A 550 -72.86 -4.39 8.66
C LEU A 550 -73.79 -4.59 9.85
N GLY A 551 -73.21 -4.66 11.04
CA GLY A 551 -73.95 -4.80 12.28
C GLY A 551 -74.59 -6.14 12.50
N HIS A 552 -74.63 -7.01 11.51
CA HIS A 552 -75.31 -8.29 11.63
C HIS A 552 -74.42 -9.33 12.30
N LEU A 553 -75.04 -10.41 12.77
CA LEU A 553 -74.36 -11.49 13.48
C LEU A 553 -74.43 -12.74 12.63
N PHE A 554 -73.30 -13.44 12.49
CA PHE A 554 -73.17 -14.47 11.47
C PHE A 554 -72.41 -15.69 11.97
N LEU A 555 -72.61 -16.78 11.22
CA LEU A 555 -71.60 -17.82 11.10
C LEU A 555 -70.73 -17.50 9.91
N PHE A 556 -69.44 -17.83 10.02
CA PHE A 556 -68.50 -17.56 8.95
C PHE A 556 -67.96 -18.86 8.40
N PRO A 557 -68.27 -19.23 7.15
CA PRO A 557 -67.65 -20.40 6.53
C PRO A 557 -66.36 -20.00 5.83
N ARG A 558 -65.63 -21.02 5.36
CA ARG A 558 -64.41 -20.85 4.57
C ARG A 558 -63.63 -19.61 4.98
N TRP A 559 -63.13 -19.61 6.21
CA TRP A 559 -62.49 -18.45 6.81
C TRP A 559 -61.06 -18.78 7.24
N SER A 560 -60.22 -17.73 7.25
CA SER A 560 -58.80 -17.87 7.52
C SER A 560 -58.32 -16.76 8.44
N TYR A 561 -57.36 -17.10 9.30
CA TYR A 561 -56.74 -16.15 10.21
C TYR A 561 -55.25 -16.05 9.91
N LEU A 562 -54.74 -14.82 9.87
CA LEU A 562 -53.32 -14.57 9.74
C LEU A 562 -52.78 -13.99 11.03
N PRO A 563 -51.70 -14.51 11.59
CA PRO A 563 -51.23 -14.06 12.89
C PRO A 563 -50.51 -12.74 12.78
N PRO A 564 -50.33 -12.03 13.89
CA PRO A 564 -49.46 -10.87 13.88
C PRO A 564 -48.03 -11.25 13.51
N ALA A 565 -47.23 -10.24 13.14
CA ALA A 565 -45.87 -10.44 12.68
C ALA A 565 -44.85 -10.03 13.74
N ARG A 566 -43.73 -10.77 13.77
CA ARG A 566 -42.70 -10.54 14.79
C ARG A 566 -42.25 -9.09 14.82
N TRP A 567 -41.97 -8.52 13.64
CA TRP A 567 -41.50 -7.14 13.60
C TRP A 567 -42.57 -6.17 14.10
N ASN A 568 -43.84 -6.53 13.97
CA ASN A 568 -44.91 -5.57 14.18
C ASN A 568 -45.16 -5.35 15.66
N SER A 569 -45.31 -4.08 16.05
CA SER A 569 -45.57 -3.74 17.45
C SER A 569 -47.01 -4.02 17.81
N SER A 570 -47.95 -3.61 16.95
CA SER A 570 -49.36 -3.75 17.25
C SER A 570 -49.73 -5.20 17.53
N GLY A 571 -48.90 -6.14 17.08
CA GLY A 571 -49.14 -7.55 17.40
C GLY A 571 -50.55 -8.01 17.15
N GLU A 572 -51.18 -7.50 16.11
CA GLU A 572 -52.55 -7.89 15.75
C GLU A 572 -52.53 -8.73 14.48
N GLY A 573 -53.18 -9.88 14.52
CA GLY A 573 -53.46 -10.61 13.30
C GLY A 573 -54.61 -9.96 12.57
N HIS A 574 -55.14 -10.69 11.60
CA HIS A 574 -56.36 -10.25 10.92
C HIS A 574 -56.99 -11.42 10.20
N LEU A 575 -58.30 -11.29 9.95
CA LEU A 575 -59.06 -12.35 9.29
C LEU A 575 -59.08 -12.13 7.78
N GLU A 576 -59.18 -13.25 7.04
CA GLU A 576 -59.45 -13.23 5.61
C GLU A 576 -60.59 -14.19 5.32
N LEU A 577 -61.47 -13.82 4.40
CA LEU A 577 -62.73 -14.51 4.20
C LEU A 577 -62.89 -14.88 2.74
N TRP A 578 -63.49 -16.04 2.49
CA TRP A 578 -63.63 -16.54 1.13
C TRP A 578 -65.07 -16.74 0.67
N ASP A 579 -66.07 -16.50 1.52
CA ASP A 579 -67.45 -16.70 1.11
C ASP A 579 -68.37 -15.86 1.98
N ALA A 580 -69.59 -15.64 1.47
CA ALA A 580 -70.53 -14.79 2.17
C ALA A 580 -70.85 -15.36 3.55
N PRO A 581 -71.03 -14.51 4.56
CA PRO A 581 -71.39 -15.02 5.88
C PRO A 581 -72.87 -15.37 5.95
N VAL A 582 -73.18 -16.35 6.79
CA VAL A 582 -74.55 -16.81 6.99
C VAL A 582 -75.07 -16.22 8.29
N PRO A 583 -76.19 -15.50 8.29
CA PRO A 583 -76.66 -14.89 9.53
C PRO A 583 -77.37 -15.91 10.43
N VAL A 584 -77.06 -15.85 11.72
CA VAL A 584 -77.84 -16.65 12.68
C VAL A 584 -79.26 -16.14 12.72
N PHE A 585 -79.42 -14.83 12.70
CA PHE A 585 -80.75 -14.24 12.66
C PHE A 585 -81.45 -14.70 11.38
N PRO A 586 -82.70 -15.18 11.46
CA PRO A 586 -83.39 -15.65 10.25
C PRO A 586 -83.34 -14.62 9.13
N LEU A 587 -83.56 -15.08 7.89
CA LEU A 587 -83.43 -14.21 6.73
C LEU A 587 -84.16 -12.90 6.97
N THR A 588 -83.41 -11.79 6.94
CA THR A 588 -83.96 -10.46 7.19
C THR A 588 -84.34 -9.81 5.86
N ILE A 589 -85.42 -10.33 5.27
CA ILE A 589 -85.91 -9.80 4.01
C ILE A 589 -86.45 -8.39 4.23
N SER A 590 -86.04 -7.46 3.37
CA SER A 590 -86.41 -6.06 3.50
C SER A 590 -86.72 -5.50 2.12
N PRO A 591 -87.58 -4.47 2.04
CA PRO A 591 -87.95 -3.91 0.74
C PRO A 591 -86.81 -3.12 0.12
N GLY A 592 -87.04 -2.68 -1.11
CA GLY A 592 -86.07 -1.91 -1.85
C GLY A 592 -86.67 -0.65 -2.45
N PRO A 593 -85.84 0.12 -3.16
CA PRO A 593 -86.34 1.39 -3.75
C PRO A 593 -87.30 1.16 -4.90
N VAL A 594 -88.58 1.00 -4.59
CA VAL A 594 -89.58 0.78 -5.65
C VAL A 594 -89.65 1.99 -6.56
N THR A 595 -89.78 3.18 -5.97
CA THR A 595 -89.92 4.39 -6.77
C THR A 595 -88.64 4.65 -7.57
N PRO A 596 -88.75 5.05 -8.84
CA PRO A 596 -87.56 5.38 -9.61
C PRO A 596 -86.87 6.62 -9.04
N ILE A 597 -85.66 6.44 -8.55
CA ILE A 597 -84.97 7.51 -7.83
C ILE A 597 -84.63 8.63 -8.80
N PRO A 598 -84.94 9.89 -8.48
CA PRO A 598 -84.53 10.99 -9.37
C PRO A 598 -83.04 11.27 -9.30
N VAL A 599 -82.32 11.01 -10.39
CA VAL A 599 -80.87 11.17 -10.44
C VAL A 599 -80.50 11.89 -11.72
N LEU A 600 -79.42 12.67 -11.66
CA LEU A 600 -78.89 13.34 -12.84
C LEU A 600 -78.01 12.39 -13.63
N TYR A 601 -78.28 12.28 -14.93
CA TYR A 601 -77.50 11.39 -15.78
C TYR A 601 -76.14 12.01 -16.08
N PRO A 602 -75.15 11.20 -16.47
CA PRO A 602 -73.76 11.70 -16.47
C PRO A 602 -73.50 12.91 -17.36
N GLU A 603 -74.26 13.11 -18.45
CA GLU A 603 -73.99 14.26 -19.30
C GLU A 603 -74.37 15.57 -18.60
N SER A 604 -75.60 15.65 -18.11
CA SER A 604 -76.02 16.83 -17.37
C SER A 604 -75.19 17.00 -16.10
N ALA A 605 -74.90 15.90 -15.42
CA ALA A 605 -74.12 15.98 -14.18
C ALA A 605 -72.73 16.52 -14.45
N SER A 606 -72.11 16.11 -15.57
CA SER A 606 -70.77 16.61 -15.88
C SER A 606 -70.82 18.06 -16.32
N CYS A 607 -71.80 18.41 -17.17
CA CYS A 607 -72.00 19.81 -17.51
C CYS A 607 -72.13 20.65 -16.25
N LEU A 608 -72.77 20.10 -15.22
CA LEU A 608 -72.86 20.77 -13.94
C LEU A 608 -71.51 20.82 -13.24
N LEU A 609 -70.69 19.78 -13.42
CA LEU A 609 -69.36 19.80 -12.83
C LEU A 609 -68.51 20.91 -13.44
N ARG A 610 -68.79 21.28 -14.69
CA ARG A 610 -68.20 22.51 -15.23
C ARG A 610 -69.01 23.72 -14.78
N LEU A 611 -70.30 23.73 -15.08
CA LEU A 611 -71.20 24.83 -14.71
C LEU A 611 -71.84 24.53 -13.35
N ARG A 612 -71.03 24.75 -12.31
CA ARG A 612 -71.50 24.61 -10.94
C ARG A 612 -72.62 25.60 -10.61
N ASN A 613 -72.88 26.55 -11.50
CA ASN A 613 -73.90 27.57 -11.24
C ASN A 613 -75.31 27.00 -11.30
N LYS A 614 -75.52 25.96 -12.10
CA LYS A 614 -76.86 25.49 -12.42
C LYS A 614 -77.33 24.33 -11.53
N LEU A 615 -76.86 24.27 -10.28
CA LEU A 615 -77.28 23.24 -9.34
C LEU A 615 -78.53 23.68 -8.59
N ARG A 616 -79.66 23.61 -9.29
CA ARG A 616 -80.95 23.97 -8.73
C ARG A 616 -82.04 23.19 -9.44
N GLY A 617 -83.06 22.78 -8.69
CA GLY A 617 -84.17 22.04 -9.25
C GLY A 617 -83.89 20.56 -9.38
N VAL A 618 -83.01 20.20 -10.30
CA VAL A 618 -82.67 18.79 -10.49
C VAL A 618 -82.10 18.23 -9.18
N GLN A 619 -82.59 17.06 -8.79
CA GLN A 619 -82.21 16.46 -7.52
C GLN A 619 -80.72 16.18 -7.49
N ARG A 620 -80.10 16.43 -6.33
CA ARG A 620 -78.68 16.18 -6.14
C ARG A 620 -78.39 14.71 -5.87
N ASN A 621 -78.70 13.86 -6.85
CA ASN A 621 -78.35 12.45 -6.85
C ASN A 621 -77.64 12.12 -8.16
N LEU A 622 -77.07 10.93 -8.25
CA LEU A 622 -76.30 10.54 -9.42
C LEU A 622 -76.42 9.04 -9.67
N ALA A 623 -75.91 8.63 -10.83
CA ALA A 623 -75.89 7.23 -11.22
C ALA A 623 -74.97 7.08 -12.42
N GLY A 624 -74.51 5.86 -12.63
CA GLY A 624 -73.69 5.55 -13.79
C GLY A 624 -72.73 4.41 -13.48
N SER A 625 -71.97 4.04 -14.52
CA SER A 625 -70.97 2.99 -14.40
C SER A 625 -69.67 3.56 -13.86
N LEU A 626 -69.09 2.88 -12.87
CA LEU A 626 -67.88 3.36 -12.21
C LEU A 626 -66.70 3.20 -13.16
N VAL A 627 -66.18 4.31 -13.65
CA VAL A 627 -65.11 4.29 -14.65
C VAL A 627 -63.75 4.55 -14.00
N ARG A 628 -63.73 5.31 -12.91
CA ARG A 628 -62.48 5.78 -12.36
C ARG A 628 -62.65 6.06 -10.88
N LEU A 629 -61.63 5.75 -10.09
CA LEU A 629 -61.67 5.99 -8.66
C LEU A 629 -60.25 6.03 -8.10
N SER A 630 -60.09 6.78 -7.02
CA SER A 630 -58.81 6.84 -6.34
C SER A 630 -58.72 5.72 -5.30
N ALA A 631 -57.49 5.45 -4.86
CA ALA A 631 -57.32 4.75 -3.60
C ALA A 631 -57.86 5.63 -2.47
N LEU A 632 -57.99 5.04 -1.29
CA LEU A 632 -58.55 5.78 -0.16
C LEU A 632 -57.53 6.79 0.33
N VAL A 633 -57.74 8.05 0.02
CA VAL A 633 -56.78 9.09 0.39
C VAL A 633 -57.01 9.48 1.84
N LYS A 634 -55.93 9.90 2.51
CA LYS A 634 -56.01 10.40 3.87
C LYS A 634 -55.27 11.72 3.96
N SER A 635 -55.91 12.71 4.57
CA SER A 635 -55.20 13.88 5.06
C SER A 635 -54.74 13.58 6.48
N LYS A 636 -54.25 14.60 7.19
CA LYS A 636 -53.86 14.38 8.57
C LYS A 636 -55.07 14.24 9.48
N GLN A 637 -56.23 14.73 9.05
CA GLN A 637 -57.46 14.55 9.82
C GLN A 637 -58.54 13.99 8.92
N LYS A 638 -58.74 14.59 7.76
CA LYS A 638 -59.77 14.14 6.83
C LYS A 638 -59.28 12.94 6.03
N ALA A 639 -60.24 12.10 5.67
CA ALA A 639 -59.99 10.97 4.77
C ALA A 639 -61.12 10.93 3.75
N TYR A 640 -60.80 10.46 2.56
CA TYR A 640 -61.71 10.61 1.43
C TYR A 640 -61.14 9.82 0.26
N PHE A 641 -61.99 9.59 -0.73
CA PHE A 641 -61.54 8.98 -1.97
C PHE A 641 -62.52 9.35 -3.05
N ILE A 642 -62.01 9.44 -4.28
CA ILE A 642 -62.75 10.02 -5.40
C ILE A 642 -63.16 8.91 -6.35
N LEU A 643 -64.30 9.11 -7.00
CA LEU A 643 -64.85 8.15 -7.95
C LEU A 643 -65.49 8.90 -9.10
N SER A 644 -65.68 8.20 -10.22
CA SER A 644 -66.26 8.81 -11.40
C SER A 644 -67.19 7.83 -12.11
N LEU A 645 -68.33 8.33 -12.56
CA LEU A 645 -69.36 7.54 -13.22
C LEU A 645 -69.50 8.02 -14.67
N GLY A 646 -69.61 7.07 -15.59
CA GLY A 646 -69.81 7.37 -16.99
C GLY A 646 -71.12 6.81 -17.50
N ARG A 647 -71.76 7.55 -18.42
CA ARG A 647 -72.99 7.06 -19.03
C ARG A 647 -72.77 5.71 -19.69
N SER A 648 -71.60 5.53 -20.28
CA SER A 648 -71.16 4.27 -20.86
C SER A 648 -69.64 4.38 -21.02
N HIS A 649 -69.08 3.66 -21.98
CA HIS A 649 -67.69 3.92 -22.32
C HIS A 649 -67.38 3.33 -23.67
N PRO A 650 -66.67 4.06 -24.56
CA PRO A 650 -66.24 5.46 -24.42
C PRO A 650 -67.44 6.40 -24.38
N ALA A 651 -67.53 7.25 -23.35
CA ALA A 651 -68.66 8.16 -23.19
C ALA A 651 -68.18 9.60 -23.19
N VAL A 652 -69.07 10.51 -23.58
CA VAL A 652 -68.70 11.91 -23.71
C VAL A 652 -68.42 12.53 -22.36
N THR A 653 -69.03 12.00 -21.30
CA THR A 653 -68.97 12.64 -19.99
C THR A 653 -68.79 11.61 -18.89
N HIS A 654 -68.05 11.99 -17.86
CA HIS A 654 -67.96 11.21 -16.62
C HIS A 654 -68.06 12.17 -15.45
N VAL A 655 -68.76 11.74 -14.40
CA VAL A 655 -69.08 12.58 -13.26
C VAL A 655 -68.15 12.18 -12.11
N SER A 656 -67.18 13.04 -11.80
CA SER A 656 -66.27 12.77 -10.69
C SER A 656 -66.97 13.11 -9.38
N ILE A 657 -66.75 12.28 -8.36
CA ILE A 657 -67.38 12.44 -7.06
C ILE A 657 -66.36 12.09 -5.97
N ILE A 658 -66.60 12.61 -4.77
CA ILE A 658 -65.74 12.35 -3.63
C ILE A 658 -66.59 11.96 -2.44
N VAL A 659 -66.22 10.86 -1.79
CA VAL A 659 -66.79 10.47 -0.50
C VAL A 659 -65.91 11.03 0.59
N GLN A 660 -66.52 11.62 1.63
CA GLN A 660 -65.73 12.31 2.64
C GLN A 660 -66.31 12.29 4.05
N VAL A 661 -67.52 11.77 4.28
CA VAL A 661 -68.02 11.71 5.66
C VAL A 661 -67.37 10.53 6.38
N PRO A 662 -66.83 10.72 7.58
CA PRO A 662 -66.09 9.62 8.21
C PRO A 662 -66.89 8.33 8.31
N ALA A 663 -68.15 8.41 8.75
CA ALA A 663 -68.96 7.22 8.85
C ALA A 663 -69.11 6.50 7.52
N GLN A 664 -69.01 7.24 6.41
CA GLN A 664 -69.16 6.64 5.09
C GLN A 664 -67.88 6.02 4.58
N LEU A 665 -66.75 6.26 5.25
CA LEU A 665 -65.46 5.82 4.73
C LEU A 665 -65.51 4.35 4.32
N VAL A 666 -66.23 3.53 5.08
CA VAL A 666 -66.28 2.11 4.77
C VAL A 666 -66.76 1.86 3.35
N TRP A 667 -67.57 2.78 2.81
CA TRP A 667 -68.09 2.63 1.46
C TRP A 667 -67.00 2.22 0.49
N HIS A 668 -65.81 2.78 0.69
CA HIS A 668 -64.71 2.55 -0.24
C HIS A 668 -64.53 1.07 -0.53
N ARG A 669 -64.73 0.21 0.47
CA ARG A 669 -64.40 -1.20 0.32
C ARG A 669 -65.33 -1.89 -0.67
N ALA A 670 -66.52 -1.35 -0.88
CA ALA A 670 -67.58 -2.14 -1.52
C ALA A 670 -67.55 -2.03 -3.04
N LEU A 671 -67.31 -0.84 -3.56
CA LEU A 671 -67.54 -0.59 -4.98
C LEU A 671 -66.61 -1.45 -5.83
N ARG A 672 -66.91 -1.50 -7.13
CA ARG A 672 -66.06 -2.18 -8.10
C ARG A 672 -66.22 -1.54 -9.45
N PRO A 673 -65.20 -1.58 -10.30
CA PRO A 673 -65.25 -0.87 -11.57
C PRO A 673 -66.25 -1.47 -12.53
N GLY A 674 -66.74 -0.63 -13.43
CA GLY A 674 -67.68 -1.07 -14.45
C GLY A 674 -69.11 -1.15 -13.94
N THR A 675 -69.30 -1.77 -12.77
CA THR A 675 -70.61 -1.86 -12.17
C THR A 675 -71.21 -0.46 -12.04
N ALA A 676 -72.52 -0.37 -12.25
CA ALA A 676 -73.23 0.89 -12.20
C ALA A 676 -73.94 1.05 -10.86
N TYR A 677 -73.90 2.27 -10.34
CA TYR A 677 -74.35 2.54 -8.98
C TYR A 677 -75.21 3.79 -8.95
N VAL A 678 -75.71 4.11 -7.77
CA VAL A 678 -76.54 5.29 -7.55
C VAL A 678 -76.08 5.97 -6.26
N LEU A 679 -75.91 7.28 -6.33
CA LEU A 679 -75.52 8.11 -5.20
C LEU A 679 -76.61 9.12 -4.93
N THR A 680 -76.68 9.61 -3.68
CA THR A 680 -77.84 10.38 -3.26
C THR A 680 -77.44 11.52 -2.34
N GLU A 681 -78.31 12.53 -2.29
CA GLU A 681 -78.19 13.66 -1.36
C GLU A 681 -76.80 14.28 -1.43
N LEU A 682 -76.47 14.80 -2.60
CA LEU A 682 -75.12 15.28 -2.88
C LEU A 682 -75.05 16.80 -2.93
N ARG A 683 -73.83 17.29 -3.11
CA ARG A 683 -73.56 18.68 -3.49
C ARG A 683 -72.38 18.65 -4.46
N VAL A 684 -71.97 19.82 -4.94
CA VAL A 684 -70.75 19.98 -5.71
C VAL A 684 -69.85 20.96 -4.99
N SER A 685 -68.57 20.61 -4.86
CA SER A 685 -67.61 21.38 -4.08
C SER A 685 -66.46 21.86 -4.96
N LYS A 686 -65.77 22.89 -4.49
CA LYS A 686 -64.59 23.46 -5.16
C LYS A 686 -63.41 23.40 -4.19
N ILE A 687 -62.68 22.28 -4.23
CA ILE A 687 -61.51 22.11 -3.38
C ILE A 687 -60.43 23.11 -3.80
N ARG A 688 -59.57 23.47 -2.85
CA ARG A 688 -58.56 24.50 -3.05
C ARG A 688 -57.82 24.36 -4.38
N GLY A 689 -58.05 25.32 -5.29
CA GLY A 689 -57.40 25.35 -6.58
C GLY A 689 -57.83 24.29 -7.57
N GLN A 690 -58.83 23.46 -7.23
CA GLN A 690 -59.26 22.36 -8.09
C GLN A 690 -60.43 22.82 -8.97
N ARG A 691 -60.08 23.61 -9.99
CA ARG A 691 -61.10 24.34 -10.76
C ARG A 691 -62.12 23.40 -11.40
N GLN A 692 -61.73 22.19 -11.78
CA GLN A 692 -62.70 21.20 -12.26
C GLN A 692 -63.41 20.60 -11.04
N HIS A 693 -64.64 21.04 -10.82
CA HIS A 693 -65.38 20.73 -9.60
C HIS A 693 -65.80 19.25 -9.56
N VAL A 694 -66.17 18.79 -8.35
CA VAL A 694 -66.64 17.41 -8.15
C VAL A 694 -67.90 17.42 -7.30
N TRP A 695 -68.70 16.37 -7.46
CA TRP A 695 -69.80 16.10 -6.54
C TRP A 695 -69.25 15.50 -5.25
N MET A 696 -69.97 15.71 -4.15
CA MET A 696 -69.49 15.30 -2.84
C MET A 696 -70.66 14.83 -1.97
N THR A 697 -70.33 14.00 -0.98
CA THR A 697 -71.35 13.42 -0.12
C THR A 697 -71.63 14.32 1.07
N SER A 698 -72.89 14.30 1.51
CA SER A 698 -73.35 15.13 2.62
C SER A 698 -73.59 14.28 3.87
N GLN A 699 -74.08 14.92 4.92
CA GLN A 699 -74.46 14.22 6.14
C GLN A 699 -75.55 13.20 5.87
N SER A 700 -76.31 13.36 4.79
CA SER A 700 -77.47 12.52 4.50
C SER A 700 -77.29 11.65 3.27
N SER A 701 -76.11 11.67 2.65
CA SER A 701 -75.92 10.92 1.43
C SER A 701 -76.03 9.41 1.67
N ARG A 702 -76.47 8.71 0.63
CA ARG A 702 -76.50 7.26 0.62
C ARG A 702 -76.04 6.79 -0.74
N LEU A 703 -75.45 5.60 -0.78
CA LEU A 703 -75.02 4.99 -2.03
C LEU A 703 -75.80 3.71 -2.28
N LEU A 704 -76.06 3.43 -3.55
CA LEU A 704 -76.93 2.34 -3.93
C LEU A 704 -76.46 1.75 -5.25
N LEU A 705 -76.92 0.54 -5.54
CA LEU A 705 -76.68 -0.09 -6.82
C LEU A 705 -77.75 0.35 -7.81
N LEU A 706 -77.39 0.33 -9.09
CA LEU A 706 -78.27 0.77 -10.15
C LEU A 706 -79.08 -0.40 -10.71
N LYS A 707 -80.37 -0.17 -10.92
CA LYS A 707 -81.29 -1.18 -11.45
C LYS A 707 -82.32 -0.48 -12.33
N PRO A 708 -82.67 -1.05 -13.49
CA PRO A 708 -83.48 -0.30 -14.46
C PRO A 708 -84.76 0.31 -13.90
N GLU A 709 -85.58 -0.46 -13.19
CA GLU A 709 -86.85 0.05 -12.70
C GLU A 709 -86.71 0.94 -11.47
N CYS A 710 -85.48 1.21 -11.02
CA CYS A 710 -85.25 1.95 -9.79
C CYS A 710 -84.66 3.33 -10.03
N VAL A 711 -84.71 3.84 -11.26
CA VAL A 711 -84.07 5.10 -11.60
C VAL A 711 -85.05 6.01 -12.32
N GLN A 712 -84.87 7.31 -12.11
CA GLN A 712 -85.61 8.36 -12.82
C GLN A 712 -84.57 9.32 -13.42
N GLU A 713 -84.25 9.11 -14.70
CA GLU A 713 -83.22 9.91 -15.32
C GLU A 713 -83.62 11.38 -15.36
N LEU A 714 -82.65 12.27 -15.11
CA LEU A 714 -82.88 13.70 -15.09
C LEU A 714 -81.86 14.37 -16.01
N GLU A 715 -82.34 15.19 -16.93
CA GLU A 715 -81.49 15.94 -17.85
C GLU A 715 -81.98 17.38 -17.93
N LEU A 716 -81.03 18.30 -18.03
CA LEU A 716 -81.34 19.72 -18.07
C LEU A 716 -82.01 20.10 -19.40
N ASP A 741 -35.49 9.49 -25.10
CA ASP A 741 -34.70 9.56 -26.33
C ASP A 741 -33.21 9.42 -26.01
N PRO A 742 -32.48 8.60 -26.76
CA PRO A 742 -31.03 8.48 -26.51
C PRO A 742 -30.32 9.81 -26.39
N GLU A 743 -30.86 10.85 -27.04
CA GLU A 743 -30.27 12.18 -26.92
C GLU A 743 -30.83 12.94 -25.72
N SER A 744 -32.01 12.54 -25.23
CA SER A 744 -32.63 13.18 -24.06
C SER A 744 -33.47 12.10 -23.38
N LEU A 745 -32.87 11.44 -22.38
CA LEU A 745 -33.49 10.27 -21.75
C LEU A 745 -34.80 10.58 -21.05
N VAL A 746 -35.23 11.86 -21.00
CA VAL A 746 -36.53 12.21 -20.44
C VAL A 746 -37.59 11.46 -21.23
N ARG A 747 -38.31 10.57 -20.56
CA ARG A 747 -39.23 9.70 -21.27
C ARG A 747 -40.56 9.62 -20.53
N TYR A 748 -41.51 8.94 -21.16
CA TYR A 748 -42.93 9.09 -20.84
C TYR A 748 -43.49 7.84 -20.17
N SER A 749 -44.42 8.06 -19.25
CA SER A 749 -45.19 6.99 -18.67
C SER A 749 -46.40 6.67 -19.54
N ARG A 750 -46.74 5.39 -19.59
CA ARG A 750 -47.90 4.91 -20.35
C ARG A 750 -49.00 4.53 -19.37
N LEU A 751 -50.05 5.35 -19.30
CA LEU A 751 -51.16 5.04 -18.42
C LEU A 751 -51.91 3.82 -18.94
N LEU A 752 -52.30 2.93 -18.04
CA LEU A 752 -53.04 1.73 -18.39
C LEU A 752 -53.69 1.17 -17.14
N SER A 753 -54.31 0.02 -17.28
CA SER A 753 -54.86 -0.73 -16.16
C SER A 753 -54.51 -2.20 -16.36
N TYR A 754 -54.38 -2.92 -15.25
CA TYR A 754 -53.82 -4.26 -15.31
C TYR A 754 -54.38 -5.11 -14.20
N SER A 755 -54.25 -6.43 -14.37
CA SER A 755 -54.64 -7.39 -13.35
C SER A 755 -53.75 -8.62 -13.47
N GLY A 756 -53.71 -9.39 -12.40
CA GLY A 756 -52.90 -10.60 -12.36
C GLY A 756 -52.65 -11.08 -10.95
N ALA A 757 -51.42 -11.53 -10.68
CA ALA A 757 -51.05 -12.00 -9.35
C ALA A 757 -49.59 -11.68 -9.08
N VAL A 758 -49.32 -11.14 -7.89
CA VAL A 758 -47.94 -11.01 -7.45
C VAL A 758 -47.35 -12.39 -7.28
N THR A 759 -46.01 -12.45 -7.27
CA THR A 759 -45.32 -13.73 -7.23
C THR A 759 -44.07 -13.70 -6.36
N GLY A 760 -43.92 -12.71 -5.50
CA GLY A 760 -42.77 -12.64 -4.61
C GLY A 760 -42.73 -11.31 -3.90
N VAL A 761 -41.61 -11.05 -3.23
CA VAL A 761 -41.33 -9.73 -2.69
C VAL A 761 -39.84 -9.47 -2.82
N LEU A 762 -39.50 -8.22 -3.12
CA LEU A 762 -38.11 -7.81 -3.19
C LEU A 762 -37.71 -6.87 -2.07
N ASN A 763 -38.69 -6.31 -1.36
CA ASN A 763 -38.39 -5.45 -0.22
C ASN A 763 -39.67 -5.05 0.50
N GLU A 764 -40.24 -5.98 1.27
CA GLU A 764 -41.55 -5.75 1.85
C GLU A 764 -41.70 -4.41 2.55
N PRO A 765 -40.76 -3.96 3.37
CA PRO A 765 -41.00 -2.70 4.08
C PRO A 765 -40.99 -1.50 3.17
N ALA A 766 -40.34 -1.58 2.00
CA ALA A 766 -40.37 -0.45 1.09
C ALA A 766 -41.61 -0.49 0.21
N GLY A 767 -41.77 -1.57 -0.56
CA GLY A 767 -43.00 -1.82 -1.26
C GLY A 767 -42.84 -2.37 -2.66
N LEU A 768 -41.79 -3.13 -2.93
CA LEU A 768 -41.56 -3.65 -4.27
C LEU A 768 -42.10 -5.05 -4.40
N TYR A 769 -42.58 -5.38 -5.60
CA TYR A 769 -43.20 -6.68 -5.82
C TYR A 769 -43.02 -7.06 -7.28
N GLU A 770 -43.11 -8.36 -7.55
CA GLU A 770 -42.94 -8.91 -8.89
C GLU A 770 -44.28 -9.43 -9.38
N LEU A 771 -44.95 -8.64 -10.22
CA LEU A 771 -46.22 -9.05 -10.80
C LEU A 771 -45.95 -10.13 -11.85
N ASP A 772 -46.36 -11.35 -11.55
CA ASP A 772 -46.12 -12.50 -12.42
C ASP A 772 -44.66 -12.59 -12.83
N GLY A 773 -43.77 -11.94 -12.09
CA GLY A 773 -42.35 -11.95 -12.39
C GLY A 773 -41.97 -11.10 -13.57
N GLN A 774 -42.89 -10.96 -14.53
CA GLN A 774 -42.56 -10.33 -15.80
C GLN A 774 -42.35 -8.84 -15.63
N LEU A 775 -43.11 -8.21 -14.75
CA LEU A 775 -43.25 -6.76 -14.73
C LEU A 775 -43.05 -6.24 -13.32
N GLY A 776 -42.10 -5.32 -13.17
CA GLY A 776 -41.88 -4.72 -11.86
C GLY A 776 -43.11 -3.99 -11.38
N LEU A 777 -43.28 -3.97 -10.07
CA LEU A 777 -44.43 -3.32 -9.44
C LEU A 777 -43.96 -2.66 -8.16
N CYS A 778 -43.89 -1.34 -8.15
CA CYS A 778 -43.77 -0.66 -6.89
C CYS A 778 -45.16 -0.46 -6.31
N LEU A 779 -45.22 0.28 -5.22
CA LEU A 779 -46.51 0.73 -4.70
C LEU A 779 -46.33 1.96 -3.82
N ALA A 780 -45.17 2.61 -3.85
CA ALA A 780 -44.81 3.48 -2.75
C ALA A 780 -45.73 4.69 -2.68
N TYR A 781 -46.06 5.25 -3.80
CA TYR A 781 -46.64 6.57 -3.75
C TYR A 781 -48.07 6.59 -3.32
N GLN A 782 -48.59 5.53 -2.70
CA GLN A 782 -49.90 5.59 -2.07
C GLN A 782 -49.74 5.83 -0.56
N GLN A 783 -50.87 5.86 0.15
CA GLN A 783 -50.81 5.74 1.59
C GLN A 783 -50.55 4.28 1.99
N PHE A 784 -51.03 3.34 1.17
CA PHE A 784 -50.44 2.01 1.04
C PHE A 784 -50.51 1.13 2.29
N ARG A 785 -50.35 1.71 3.47
CA ARG A 785 -50.18 0.93 4.69
C ARG A 785 -51.23 -0.17 4.83
N GLY A 786 -52.46 0.11 4.40
CA GLY A 786 -53.50 -0.88 4.55
C GLY A 786 -53.25 -2.14 3.75
N LEU A 787 -52.46 -2.05 2.69
CA LEU A 787 -52.25 -3.20 1.82
C LEU A 787 -51.12 -4.08 2.30
N ARG A 788 -50.22 -3.54 3.12
CA ARG A 788 -49.06 -4.32 3.53
C ARG A 788 -49.50 -5.68 4.04
N ARG A 789 -50.24 -5.69 5.15
CA ARG A 789 -50.47 -6.93 5.89
C ARG A 789 -51.22 -7.99 5.09
N VAL A 790 -51.62 -7.72 3.86
CA VAL A 790 -52.18 -8.73 2.98
C VAL A 790 -51.14 -9.21 1.99
N MET A 791 -50.43 -8.28 1.37
CA MET A 791 -49.69 -8.55 0.15
C MET A 791 -48.66 -9.64 0.33
N ARG A 792 -48.82 -10.71 -0.45
CA ARG A 792 -47.92 -11.86 -0.40
C ARG A 792 -48.14 -12.64 -1.68
N PRO A 793 -47.22 -13.53 -2.03
CA PRO A 793 -47.35 -14.28 -3.28
C PRO A 793 -48.68 -15.02 -3.33
N GLY A 794 -49.19 -15.18 -4.54
CA GLY A 794 -50.49 -15.79 -4.75
C GLY A 794 -51.65 -14.87 -4.54
N VAL A 795 -51.41 -13.61 -4.22
CA VAL A 795 -52.49 -12.63 -4.16
C VAL A 795 -52.83 -12.19 -5.58
N CYS A 796 -54.11 -12.16 -5.90
CA CYS A 796 -54.59 -11.76 -7.21
C CYS A 796 -55.23 -10.39 -7.12
N LEU A 797 -54.89 -9.51 -8.06
CA LEU A 797 -55.23 -8.10 -7.91
C LEU A 797 -55.50 -7.46 -9.26
N GLN A 798 -56.15 -6.31 -9.21
CA GLN A 798 -56.46 -5.50 -10.39
C GLN A 798 -56.03 -4.07 -10.12
N LEU A 799 -55.43 -3.44 -11.13
CA LEU A 799 -55.00 -2.05 -11.03
C LEU A 799 -55.74 -1.22 -12.06
N GLN A 800 -56.12 0.00 -11.66
CA GLN A 800 -56.82 0.93 -12.51
C GLN A 800 -56.03 2.24 -12.60
N ASP A 801 -55.85 2.74 -13.83
CA ASP A 801 -55.15 4.00 -14.06
C ASP A 801 -53.82 4.03 -13.31
N VAL A 802 -52.79 3.47 -13.92
CA VAL A 802 -51.52 3.22 -13.26
C VAL A 802 -50.40 3.49 -14.26
N HIS A 803 -49.47 4.35 -13.86
CA HIS A 803 -48.33 4.66 -14.72
C HIS A 803 -47.50 3.41 -14.97
N LEU A 804 -46.98 3.28 -16.19
CA LEU A 804 -46.00 2.24 -16.53
C LEU A 804 -44.77 2.90 -17.09
N LEU A 805 -43.60 2.52 -16.57
CA LEU A 805 -42.32 3.09 -17.00
C LEU A 805 -41.36 1.99 -17.42
N GLN A 806 -40.38 2.36 -18.26
CA GLN A 806 -39.38 1.43 -18.77
C GLN A 806 -38.00 2.07 -18.68
N SER A 807 -36.97 1.21 -18.77
CA SER A 807 -35.57 1.63 -18.76
C SER A 807 -35.20 2.38 -17.48
N VAL A 808 -35.82 2.01 -16.37
CA VAL A 808 -35.76 2.82 -15.17
C VAL A 808 -34.35 2.84 -14.57
N GLY A 809 -34.13 3.79 -13.67
CA GLY A 809 -32.82 4.00 -13.08
C GLY A 809 -32.31 2.80 -12.29
N GLY A 810 -31.10 2.97 -11.76
CA GLY A 810 -30.43 1.88 -11.07
C GLY A 810 -30.10 0.70 -11.96
N GLY A 811 -30.09 0.89 -13.28
CA GLY A 811 -29.85 -0.20 -14.19
C GLY A 811 -30.83 -1.34 -14.06
N THR A 812 -31.98 -1.11 -13.43
CA THR A 812 -32.93 -2.19 -13.21
C THR A 812 -33.49 -2.70 -14.53
N ARG A 813 -33.73 -4.00 -14.58
CA ARG A 813 -33.97 -4.64 -15.87
C ARG A 813 -35.43 -4.51 -16.31
N ARG A 814 -36.37 -4.90 -15.46
CA ARG A 814 -37.74 -5.05 -15.90
C ARG A 814 -38.47 -3.72 -15.97
N PRO A 815 -39.58 -3.65 -16.71
CA PRO A 815 -40.48 -2.51 -16.59
C PRO A 815 -41.06 -2.46 -15.18
N VAL A 816 -41.69 -1.32 -14.86
CA VAL A 816 -42.21 -1.11 -13.50
C VAL A 816 -43.53 -0.36 -13.59
N LEU A 817 -44.59 -0.98 -13.07
CA LEU A 817 -45.82 -0.28 -12.78
C LEU A 817 -45.63 0.50 -11.48
N ALA A 818 -46.54 1.43 -11.22
CA ALA A 818 -46.36 2.21 -10.01
C ALA A 818 -47.58 3.04 -9.65
N PRO A 819 -48.65 2.43 -9.23
CA PRO A 819 -49.87 3.18 -8.94
C PRO A 819 -49.64 4.50 -8.25
N CYS A 820 -50.55 5.45 -8.46
CA CYS A 820 -50.51 6.74 -7.81
C CYS A 820 -51.93 7.17 -7.53
N LEU A 821 -52.06 8.21 -6.70
CA LEU A 821 -53.37 8.55 -6.13
C LEU A 821 -54.47 8.56 -7.18
N ARG A 822 -54.18 9.06 -8.37
CA ARG A 822 -55.20 9.08 -9.40
C ARG A 822 -55.59 7.68 -9.84
N GLY A 823 -54.93 6.64 -9.31
CA GLY A 823 -55.33 5.28 -9.55
C GLY A 823 -55.89 4.61 -8.31
N ALA A 824 -56.07 3.29 -8.40
CA ALA A 824 -56.60 2.52 -7.30
C ALA A 824 -56.23 1.06 -7.49
N VAL A 825 -56.09 0.35 -6.37
CA VAL A 825 -55.69 -1.05 -6.34
C VAL A 825 -56.86 -1.88 -5.82
N LEU A 826 -57.12 -3.00 -6.48
CA LEU A 826 -58.29 -3.82 -6.19
C LEU A 826 -57.89 -5.28 -6.05
N LEU A 827 -58.43 -5.93 -5.02
CA LEU A 827 -58.14 -7.34 -4.78
C LEU A 827 -59.00 -8.22 -5.67
N GLN A 828 -58.37 -9.18 -6.35
CA GLN A 828 -59.13 -10.24 -7.03
C GLN A 828 -59.40 -11.39 -6.06
N SER A 829 -58.36 -11.84 -5.35
CA SER A 829 -58.49 -13.00 -4.48
C SER A 829 -57.42 -12.95 -3.39
N PHE A 830 -57.80 -13.36 -2.18
CA PHE A 830 -56.80 -13.65 -1.15
C PHE A 830 -55.94 -14.83 -1.59
N SER A 831 -54.77 -14.96 -0.98
CA SER A 831 -53.85 -16.04 -1.34
C SER A 831 -53.97 -17.18 -0.34
N ARG A 832 -54.11 -18.41 -0.86
CA ARG A 832 -54.07 -19.58 0.00
C ARG A 832 -52.69 -19.83 0.58
N GLN A 833 -51.67 -19.13 0.09
CA GLN A 833 -50.30 -19.35 0.54
C GLN A 833 -50.07 -18.68 1.88
N LYS A 834 -49.42 -19.38 2.80
CA LYS A 834 -49.13 -18.82 4.11
C LYS A 834 -47.91 -17.90 4.03
N PRO A 835 -47.80 -16.92 4.93
CA PRO A 835 -46.63 -16.04 4.90
C PRO A 835 -45.34 -16.81 5.11
N GLY A 836 -44.24 -16.21 4.66
CA GLY A 836 -42.91 -16.78 4.87
C GLY A 836 -42.32 -16.38 6.21
N ALA A 837 -41.04 -16.69 6.37
CA ALA A 837 -40.35 -16.51 7.63
C ALA A 837 -40.03 -15.04 7.90
N HIS A 838 -39.77 -14.74 9.17
CA HIS A 838 -39.24 -13.44 9.56
C HIS A 838 -37.71 -13.43 9.47
N SER A 839 -37.15 -12.26 9.19
CA SER A 839 -35.72 -12.06 9.24
C SER A 839 -35.45 -10.57 9.31
N SER A 840 -34.73 -10.14 10.36
CA SER A 840 -34.51 -8.71 10.56
C SER A 840 -33.96 -8.04 9.31
N ARG A 841 -33.12 -8.75 8.54
CA ARG A 841 -32.54 -8.15 7.34
C ARG A 841 -33.60 -7.66 6.37
N GLN A 842 -34.75 -8.33 6.34
CA GLN A 842 -35.76 -8.01 5.35
C GLN A 842 -36.88 -7.15 5.92
N ALA A 843 -37.21 -7.32 7.19
CA ALA A 843 -38.52 -6.90 7.70
C ALA A 843 -38.60 -5.47 8.20
N TYR A 844 -37.50 -4.74 8.27
CA TYR A 844 -37.49 -3.54 9.10
C TYR A 844 -37.45 -2.25 8.29
N GLY A 845 -37.91 -1.17 8.91
CA GLY A 845 -37.64 0.18 8.45
C GLY A 845 -38.60 0.78 7.44
N ALA A 846 -39.83 0.26 7.32
CA ALA A 846 -40.76 0.83 6.35
C ALA A 846 -40.84 2.34 6.48
N SER A 847 -40.89 2.83 7.71
CA SER A 847 -41.05 4.26 7.92
C SER A 847 -39.96 5.04 7.19
N LEU A 848 -38.78 4.46 6.98
CA LEU A 848 -37.68 5.22 6.40
C LEU A 848 -37.86 5.40 4.90
N TYR A 849 -38.12 4.31 4.19
CA TYR A 849 -38.41 4.46 2.77
C TYR A 849 -39.57 5.43 2.57
N GLU A 850 -40.60 5.31 3.40
CA GLU A 850 -41.74 6.22 3.28
C GLU A 850 -41.33 7.66 3.53
N GLN A 851 -40.50 7.88 4.54
CA GLN A 851 -40.06 9.24 4.87
C GLN A 851 -39.27 9.85 3.73
N LEU A 852 -38.37 9.07 3.12
CA LEU A 852 -37.73 9.55 1.91
C LEU A 852 -38.78 10.05 0.94
N VAL A 853 -39.71 9.17 0.56
CA VAL A 853 -40.59 9.51 -0.54
C VAL A 853 -41.39 10.77 -0.23
N TRP A 854 -41.82 10.95 1.01
CA TRP A 854 -42.74 12.08 1.23
C TRP A 854 -42.06 13.36 1.71
N GLU A 855 -40.91 13.27 2.40
CA GLU A 855 -40.23 14.50 2.81
C GLU A 855 -39.34 15.03 1.68
N ARG A 856 -38.67 14.14 0.95
CA ARG A 856 -37.78 14.55 -0.12
C ARG A 856 -38.44 14.53 -1.49
N GLN A 857 -39.50 13.73 -1.67
CA GLN A 857 -40.25 13.68 -2.93
C GLN A 857 -39.35 13.27 -4.10
N LEU A 858 -38.67 12.13 -3.96
CA LEU A 858 -37.87 11.62 -5.07
C LEU A 858 -38.76 11.24 -6.23
N GLY A 859 -38.12 10.88 -7.33
CA GLY A 859 -38.80 10.23 -8.43
C GLY A 859 -38.39 8.77 -8.52
N LEU A 860 -39.35 7.94 -8.86
CA LEU A 860 -39.15 6.48 -8.79
C LEU A 860 -37.80 6.03 -9.35
N PRO A 861 -37.34 6.50 -10.51
CA PRO A 861 -36.06 5.99 -11.02
C PRO A 861 -34.90 6.31 -10.13
N LEU A 862 -35.05 7.25 -9.21
CA LEU A 862 -34.03 7.46 -8.19
C LEU A 862 -34.31 6.64 -6.94
N TYR A 863 -35.59 6.40 -6.65
CA TYR A 863 -35.96 5.65 -5.46
C TYR A 863 -35.50 4.20 -5.53
N LEU A 864 -35.52 3.62 -6.72
CA LEU A 864 -35.02 2.25 -6.83
C LEU A 864 -33.58 2.16 -6.35
N TRP A 865 -32.74 3.07 -6.80
CA TRP A 865 -31.37 3.07 -6.32
C TRP A 865 -31.30 3.41 -4.84
N ALA A 866 -32.12 4.37 -4.39
CA ALA A 866 -32.09 4.75 -2.98
C ALA A 866 -32.54 3.62 -2.08
N THR A 867 -33.14 2.58 -2.64
CA THR A 867 -33.23 1.32 -1.91
C THR A 867 -31.91 0.59 -2.00
N LYS A 868 -31.51 0.22 -3.22
CA LYS A 868 -30.36 -0.67 -3.34
C LYS A 868 -29.18 -0.19 -2.48
N ALA A 869 -29.04 1.11 -2.28
CA ALA A 869 -27.96 1.60 -1.42
C ALA A 869 -28.16 1.11 0.00
N LEU A 870 -29.21 1.56 0.70
CA LEU A 870 -29.37 1.15 2.09
C LEU A 870 -29.38 -0.36 2.21
N GLU A 871 -29.71 -1.06 1.13
CA GLU A 871 -29.59 -2.51 1.17
C GLU A 871 -28.13 -2.93 1.16
N GLU A 872 -27.23 -2.10 0.62
CA GLU A 872 -25.81 -2.44 0.68
C GLU A 872 -25.11 -1.91 1.92
N LEU A 873 -25.53 -0.78 2.47
CA LEU A 873 -24.94 -0.34 3.74
C LEU A 873 -25.28 -1.30 4.87
N ALA A 874 -26.56 -1.61 5.06
CA ALA A 874 -26.90 -2.59 6.08
C ALA A 874 -26.35 -3.98 5.77
N CYS A 875 -25.59 -4.16 4.70
CA CYS A 875 -24.82 -5.38 4.49
C CYS A 875 -23.41 -5.27 5.05
N LYS A 876 -22.95 -4.06 5.35
CA LYS A 876 -21.64 -3.86 5.98
C LYS A 876 -21.84 -3.71 7.49
N LEU A 877 -22.46 -2.62 7.89
CA LEU A 877 -22.52 -2.28 9.30
C LEU A 877 -23.35 -3.30 10.09
N CYS A 878 -24.52 -3.67 9.60
CA CYS A 878 -25.48 -4.33 10.48
C CYS A 878 -25.34 -5.85 10.47
N PRO A 879 -25.71 -6.51 11.56
CA PRO A 879 -26.12 -5.93 12.85
C PRO A 879 -24.91 -5.63 13.74
N HIS A 880 -23.74 -6.08 13.31
CA HIS A 880 -22.62 -6.21 14.23
C HIS A 880 -22.13 -4.86 14.73
N VAL A 881 -21.76 -3.94 13.83
CA VAL A 881 -21.33 -2.64 14.33
C VAL A 881 -22.52 -1.82 14.80
N LEU A 882 -23.72 -2.16 14.35
CA LEU A 882 -24.92 -1.41 14.68
C LEU A 882 -26.11 -2.23 14.23
N ARG A 883 -27.17 -2.26 15.04
CA ARG A 883 -28.33 -3.09 14.71
C ARG A 883 -29.34 -2.35 13.84
N HIS A 884 -30.10 -3.11 13.06
CA HIS A 884 -31.05 -2.49 12.14
C HIS A 884 -31.88 -1.43 12.84
N HIS A 885 -32.67 -1.84 13.83
CA HIS A 885 -33.60 -0.88 14.43
C HIS A 885 -32.91 0.28 15.11
N GLN A 886 -31.59 0.40 14.97
CA GLN A 886 -30.87 1.64 15.22
C GLN A 886 -30.46 2.32 13.94
N PHE A 887 -30.15 1.54 12.89
CA PHE A 887 -29.62 2.11 11.65
C PHE A 887 -30.73 2.64 10.76
N LEU A 888 -31.79 1.85 10.57
CA LEU A 888 -32.84 2.18 9.61
C LEU A 888 -34.00 2.94 10.23
N GLN A 889 -34.00 3.18 11.54
CA GLN A 889 -35.11 3.87 12.18
C GLN A 889 -35.41 5.17 11.44
N HIS A 890 -36.68 5.58 11.44
CA HIS A 890 -37.03 6.83 10.76
C HIS A 890 -36.38 8.00 11.47
N SER A 891 -35.61 8.78 10.71
CA SER A 891 -34.93 9.93 11.27
C SER A 891 -35.94 10.83 11.98
N SER A 892 -35.54 11.33 13.14
CA SER A 892 -36.38 12.22 13.94
C SER A 892 -35.53 13.35 14.50
N PRO A 893 -36.13 14.52 14.75
CA PRO A 893 -35.36 15.63 15.32
C PRO A 893 -34.54 15.19 16.52
N GLY A 894 -35.07 14.25 17.30
CA GLY A 894 -34.34 13.72 18.43
C GLY A 894 -33.09 12.96 18.05
N SER A 895 -32.95 12.59 16.78
CA SER A 895 -31.75 11.91 16.29
C SER A 895 -31.84 11.70 14.79
N PRO A 896 -30.78 11.99 14.03
CA PRO A 896 -30.81 11.69 12.60
C PRO A 896 -30.54 10.22 12.35
N SER A 897 -31.12 9.69 11.29
CA SER A 897 -30.90 8.29 10.95
C SER A 897 -29.65 8.14 10.12
N LEU A 898 -28.71 7.30 10.58
CA LEU A 898 -27.51 7.05 9.80
C LEU A 898 -27.88 6.56 8.41
N GLY A 899 -28.95 5.79 8.28
CA GLY A 899 -29.42 5.43 6.96
C GLY A 899 -29.90 6.59 6.12
N LEU A 900 -29.91 7.80 6.66
CA LEU A 900 -30.18 9.01 5.89
C LEU A 900 -28.93 9.86 5.72
N GLN A 901 -28.13 9.99 6.77
CA GLN A 901 -26.95 10.84 6.69
C GLN A 901 -25.98 10.36 5.63
N LEU A 902 -25.72 9.05 5.58
CA LEU A 902 -24.74 8.51 4.65
C LEU A 902 -25.09 8.82 3.19
N LEU A 903 -26.37 8.81 2.87
CA LEU A 903 -26.80 9.04 1.50
C LEU A 903 -26.86 10.54 1.17
N ALA A 904 -27.27 11.36 2.14
CA ALA A 904 -27.54 12.78 1.92
C ALA A 904 -26.60 13.46 0.93
N PRO A 905 -25.27 13.40 1.09
CA PRO A 905 -24.41 14.17 0.18
C PRO A 905 -24.55 13.75 -1.26
N THR A 906 -24.68 12.45 -1.54
CA THR A 906 -24.94 12.02 -2.91
C THR A 906 -26.34 12.45 -3.34
N LEU A 907 -27.31 12.21 -2.48
CA LEU A 907 -28.70 12.44 -2.83
C LEU A 907 -28.95 13.91 -3.11
N ASP A 908 -28.73 14.77 -2.11
CA ASP A 908 -29.06 16.19 -2.24
C ASP A 908 -28.29 16.88 -3.36
N LEU A 909 -27.30 16.22 -3.96
CA LEU A 909 -26.73 16.74 -5.20
C LEU A 909 -27.62 16.38 -6.38
N LEU A 910 -28.08 15.13 -6.44
CA LEU A 910 -28.85 14.66 -7.58
C LEU A 910 -30.32 15.06 -7.52
N ALA A 911 -30.80 15.55 -6.37
CA ALA A 911 -32.19 16.01 -6.23
C ALA A 911 -32.28 16.97 -5.06
N PRO A 912 -31.81 18.21 -5.23
CA PRO A 912 -31.68 19.15 -4.11
C PRO A 912 -33.03 19.62 -3.58
N PRO A 913 -33.06 20.20 -2.38
CA PRO A 913 -34.33 20.58 -1.75
C PRO A 913 -35.04 21.72 -2.46
N GLY A 914 -36.25 21.99 -2.00
CA GLY A 914 -37.06 23.12 -2.45
C GLY A 914 -38.15 22.81 -3.46
N SER A 915 -38.52 21.54 -3.61
CA SER A 915 -39.44 21.16 -4.68
C SER A 915 -40.87 21.62 -4.37
N PRO A 916 -41.71 21.76 -5.40
CA PRO A 916 -43.14 22.01 -5.16
C PRO A 916 -43.81 20.84 -4.46
N VAL A 917 -44.78 21.16 -3.59
CA VAL A 917 -45.45 20.12 -2.81
C VAL A 917 -46.21 19.17 -3.73
N ARG A 918 -46.34 17.91 -3.30
CA ARG A 918 -47.11 16.92 -4.04
C ARG A 918 -48.56 16.93 -3.55
N ASN A 919 -49.27 17.95 -4.02
CA ASN A 919 -50.68 18.13 -3.67
C ASN A 919 -51.51 16.96 -4.17
N ALA A 920 -52.23 16.32 -3.26
CA ALA A 920 -53.01 15.13 -3.63
C ALA A 920 -54.19 15.51 -4.53
N HIS A 921 -54.94 16.54 -4.15
CA HIS A 921 -56.14 16.90 -4.90
C HIS A 921 -55.81 17.10 -6.37
N ASN A 922 -54.70 17.78 -6.66
CA ASN A 922 -54.27 17.92 -8.05
C ASN A 922 -54.00 16.56 -8.65
N GLU A 923 -53.14 15.78 -7.99
CA GLU A 923 -52.68 14.53 -8.59
C GLU A 923 -53.85 13.67 -9.04
N ILE A 924 -54.92 13.65 -8.24
CA ILE A 924 -56.08 12.85 -8.60
C ILE A 924 -56.96 13.58 -9.59
N LEU A 925 -57.49 14.74 -9.20
CA LEU A 925 -58.59 15.38 -9.91
C LEU A 925 -58.21 15.83 -11.32
N GLU A 926 -56.92 15.92 -11.63
CA GLU A 926 -56.51 16.44 -12.92
C GLU A 926 -57.04 15.59 -14.06
N GLU A 927 -57.45 16.26 -15.13
CA GLU A 927 -57.62 15.62 -16.42
C GLU A 927 -56.29 15.68 -17.17
N PRO A 928 -55.53 16.79 -17.11
CA PRO A 928 -54.23 16.81 -17.79
C PRO A 928 -53.15 16.18 -16.93
N HIS A 929 -53.42 14.96 -16.48
CA HIS A 929 -52.67 14.30 -15.41
C HIS A 929 -51.16 14.49 -15.52
N HIS A 930 -50.60 15.19 -14.55
CA HIS A 930 -49.15 15.27 -14.36
C HIS A 930 -48.87 14.83 -12.93
N CYS A 931 -47.80 14.09 -12.72
CA CYS A 931 -47.55 13.57 -11.38
C CYS A 931 -46.18 12.92 -11.27
N PRO A 932 -45.76 12.55 -10.06
CA PRO A 932 -44.40 12.04 -9.86
C PRO A 932 -44.06 10.91 -10.81
N LEU A 933 -45.07 10.31 -11.38
CA LEU A 933 -44.89 9.26 -12.38
C LEU A 933 -45.64 9.57 -13.66
N GLN A 934 -45.62 10.83 -14.09
CA GLN A 934 -46.09 11.16 -15.43
C GLN A 934 -44.93 11.15 -16.42
N LYS A 935 -43.89 11.93 -16.15
CA LYS A 935 -42.68 11.96 -16.95
C LYS A 935 -41.47 11.89 -16.02
N TYR A 936 -40.41 11.22 -16.46
CA TYR A 936 -39.34 10.84 -15.56
C TYR A 936 -38.00 10.86 -16.29
N THR A 937 -36.93 10.91 -15.50
CA THR A 937 -35.57 10.96 -16.00
C THR A 937 -34.88 9.61 -15.80
N ARG A 938 -34.15 9.15 -16.82
CA ARG A 938 -33.39 7.93 -16.68
C ARG A 938 -32.12 8.19 -15.87
N LEU A 939 -31.45 7.11 -15.45
CA LEU A 939 -30.32 7.23 -14.53
C LEU A 939 -29.39 6.04 -14.64
N GLN A 940 -28.12 6.29 -15.01
CA GLN A 940 -27.07 5.29 -14.89
C GLN A 940 -26.45 5.36 -13.50
N THR A 941 -26.11 4.18 -12.95
CA THR A 941 -25.92 4.00 -11.51
C THR A 941 -24.92 4.98 -10.89
N PRO A 942 -25.38 5.88 -10.01
CA PRO A 942 -24.45 6.71 -9.25
C PRO A 942 -23.86 5.97 -8.06
N SER A 943 -22.59 6.28 -7.77
CA SER A 943 -21.93 5.95 -6.51
C SER A 943 -22.46 4.72 -5.78
N SER A 944 -22.10 3.52 -6.22
CA SER A 944 -22.36 2.34 -5.43
C SER A 944 -21.35 2.23 -4.29
N PHE A 945 -21.57 1.27 -3.39
CA PHE A 945 -20.69 1.06 -2.25
C PHE A 945 -20.05 -0.32 -2.32
N PRO A 946 -18.82 -0.49 -1.87
CA PRO A 946 -18.25 -1.83 -1.76
C PRO A 946 -18.05 -2.26 -0.32
N THR A 947 -18.01 -3.57 -0.09
CA THR A 947 -17.46 -4.08 1.15
C THR A 947 -15.95 -4.08 1.07
N LEU A 948 -15.28 -3.67 2.14
CA LEU A 948 -13.85 -3.46 2.04
C LEU A 948 -13.16 -4.66 1.41
N ALA A 949 -13.32 -5.80 1.99
CA ALA A 949 -12.63 -6.91 1.39
C ALA A 949 -13.15 -7.29 0.03
N THR A 950 -13.98 -6.54 -0.69
CA THR A 950 -14.08 -6.74 -2.14
C THR A 950 -13.32 -5.66 -2.88
N LEU A 951 -13.30 -4.46 -2.34
CA LEU A 951 -12.43 -3.43 -2.89
C LEU A 951 -11.00 -3.94 -2.94
N LYS A 952 -10.56 -4.54 -1.85
CA LYS A 952 -9.20 -5.05 -1.76
C LYS A 952 -8.88 -6.01 -2.88
N GLU A 953 -9.81 -6.92 -3.19
CA GLU A 953 -9.50 -7.92 -4.20
C GLU A 953 -9.73 -7.41 -5.60
N GLU A 954 -10.57 -6.38 -5.77
CA GLU A 954 -10.57 -5.67 -7.04
C GLU A 954 -9.17 -5.12 -7.32
N GLY A 955 -8.61 -4.40 -6.35
CA GLY A 955 -7.27 -3.88 -6.49
C GLY A 955 -6.31 -5.00 -6.84
N GLN A 956 -6.12 -5.89 -5.87
CA GLN A 956 -5.15 -6.95 -6.04
C GLN A 956 -5.40 -7.79 -7.28
N ARG A 957 -6.59 -7.71 -7.88
CA ARG A 957 -6.78 -8.37 -9.17
C ARG A 957 -6.14 -7.55 -10.27
N LYS A 958 -6.51 -6.27 -10.36
CA LYS A 958 -6.01 -5.47 -11.48
C LYS A 958 -4.49 -5.39 -11.46
N ALA A 959 -3.90 -5.36 -10.28
CA ALA A 959 -2.44 -5.37 -10.21
C ALA A 959 -1.92 -6.52 -11.06
N TRP A 960 -2.00 -7.75 -10.55
CA TRP A 960 -1.43 -8.88 -11.27
C TRP A 960 -1.90 -8.91 -12.72
N ALA A 961 -3.12 -8.46 -12.99
CA ALA A 961 -3.64 -8.61 -14.34
C ALA A 961 -2.95 -7.65 -15.31
N SER A 962 -2.46 -6.52 -14.82
CA SER A 962 -1.83 -5.55 -15.70
C SER A 962 -0.30 -5.66 -15.71
N PHE A 963 0.30 -6.29 -14.70
CA PHE A 963 1.75 -6.38 -14.60
C PHE A 963 2.33 -7.03 -15.85
N ASP A 964 3.37 -6.40 -16.40
CA ASP A 964 3.84 -6.70 -17.75
C ASP A 964 5.35 -6.48 -17.85
N PRO A 965 6.17 -7.53 -17.77
CA PRO A 965 7.62 -7.31 -17.66
C PRO A 965 8.22 -6.46 -18.75
N LYS A 966 7.99 -6.77 -20.02
CA LYS A 966 8.59 -6.00 -21.09
C LYS A 966 8.31 -4.51 -20.93
N ALA A 967 7.10 -4.17 -20.48
CA ALA A 967 6.68 -2.77 -20.47
C ALA A 967 7.34 -1.94 -19.39
N LEU A 968 8.17 -2.54 -18.53
CA LEU A 968 8.99 -1.77 -17.60
C LEU A 968 10.45 -1.72 -18.01
N LEU A 969 10.91 -2.66 -18.84
CA LEU A 969 12.28 -2.73 -19.31
C LEU A 969 12.36 -2.44 -20.81
N PRO A 970 12.12 -1.21 -21.24
CA PRO A 970 12.13 -0.95 -22.69
C PRO A 970 13.51 -1.11 -23.28
N LEU A 971 13.56 -1.63 -24.50
CA LEU A 971 14.80 -1.56 -25.26
C LEU A 971 14.96 -0.15 -25.82
N PRO A 972 16.18 0.26 -26.14
CA PRO A 972 17.44 -0.47 -26.00
C PRO A 972 18.07 -0.34 -24.63
N GLU A 973 17.45 0.28 -23.61
CA GLU A 973 18.04 0.23 -22.28
C GLU A 973 18.18 -1.21 -21.81
N ALA A 974 17.19 -2.04 -22.09
CA ALA A 974 17.34 -3.48 -21.91
C ALA A 974 18.40 -3.98 -22.86
N SER A 975 18.56 -5.30 -22.95
CA SER A 975 19.51 -5.93 -23.85
C SER A 975 20.95 -5.52 -23.56
N TYR A 976 21.20 -4.89 -22.43
CA TYR A 976 22.55 -4.59 -22.00
C TYR A 976 22.83 -4.98 -20.55
N LEU A 977 21.80 -5.28 -19.74
CA LEU A 977 21.98 -5.42 -18.32
C LEU A 977 22.53 -6.79 -17.93
N PRO A 978 23.26 -6.88 -16.82
CA PRO A 978 23.47 -8.17 -16.17
C PRO A 978 22.18 -8.69 -15.55
N SER A 979 22.11 -10.01 -15.38
CA SER A 979 20.87 -10.62 -14.90
C SER A 979 20.49 -10.05 -13.54
N CYS A 980 21.44 -9.91 -12.63
CA CYS A 980 21.12 -9.41 -11.29
C CYS A 980 20.56 -7.99 -11.36
N GLN A 981 21.25 -7.11 -12.08
CA GLN A 981 20.73 -5.76 -12.27
C GLN A 981 19.33 -5.80 -12.86
N LEU A 982 19.11 -6.67 -13.85
CA LEU A 982 17.81 -6.72 -14.50
C LEU A 982 16.73 -7.13 -13.51
N ASN A 983 17.01 -8.13 -12.69
CA ASN A 983 16.00 -8.58 -11.74
C ASN A 983 15.73 -7.51 -10.69
N ARG A 984 16.76 -6.85 -10.17
CA ARG A 984 16.53 -5.81 -9.18
C ARG A 984 15.90 -4.55 -9.78
N ARG A 985 16.01 -4.36 -11.09
CA ARG A 985 15.32 -3.26 -11.73
C ARG A 985 13.81 -3.47 -11.65
N LEU A 986 13.38 -4.72 -11.54
CA LEU A 986 12.00 -5.11 -11.70
C LEU A 986 11.34 -5.56 -10.41
N ALA A 987 12.09 -5.66 -9.32
CA ALA A 987 11.59 -6.20 -8.07
C ALA A 987 10.90 -5.17 -7.18
N TRP A 988 10.10 -4.29 -7.75
CA TRP A 988 9.25 -3.40 -6.98
C TRP A 988 8.53 -2.49 -7.96
N SER A 989 7.23 -2.28 -7.77
CA SER A 989 6.49 -1.52 -8.79
C SER A 989 5.09 -1.12 -8.28
N TRP A 990 4.89 0.15 -7.96
CA TRP A 990 3.61 0.59 -7.41
C TRP A 990 2.56 0.71 -8.52
N LEU A 991 1.44 1.38 -8.19
CA LEU A 991 0.29 1.55 -9.08
C LEU A 991 -0.79 2.30 -8.31
N CYS A 992 -1.50 3.19 -8.99
CA CYS A 992 -2.39 4.14 -8.29
C CYS A 992 -3.73 4.23 -9.01
N LEU A 993 -4.78 3.69 -8.38
CA LEU A 993 -6.03 3.34 -9.09
C LEU A 993 -7.12 4.42 -9.08
N LEU A 994 -7.20 5.28 -8.06
CA LEU A 994 -8.24 6.32 -8.03
C LEU A 994 -9.63 5.77 -8.33
N PRO A 995 -10.32 5.15 -7.38
CA PRO A 995 -11.63 4.55 -7.70
C PRO A 995 -12.63 5.53 -8.22
N SER A 996 -12.63 6.78 -7.73
CA SER A 996 -13.64 7.74 -8.16
C SER A 996 -13.74 7.85 -9.67
N ALA A 997 -12.90 7.16 -10.43
CA ALA A 997 -13.00 7.13 -11.87
C ALA A 997 -13.90 5.99 -12.37
N PHE A 998 -13.95 4.89 -11.64
CA PHE A 998 -14.70 3.73 -12.11
C PHE A 998 -16.14 4.10 -12.42
N CYS A 999 -16.83 3.21 -13.16
CA CYS A 999 -18.27 3.31 -13.37
C CYS A 999 -18.94 2.05 -12.84
N PRO A 1000 -19.68 2.11 -11.72
CA PRO A 1000 -20.02 3.28 -10.89
C PRO A 1000 -18.88 3.78 -10.03
N ALA A 1001 -18.96 5.03 -9.60
CA ALA A 1001 -17.90 5.69 -8.84
C ALA A 1001 -17.92 5.24 -7.38
N GLN A 1002 -17.27 4.11 -7.11
CA GLN A 1002 -17.28 3.49 -5.78
C GLN A 1002 -16.92 4.44 -4.64
N VAL A 1003 -17.91 4.86 -3.84
CA VAL A 1003 -17.63 5.57 -2.60
C VAL A 1003 -17.06 4.58 -1.59
N LEU A 1004 -16.36 5.10 -0.58
CA LEU A 1004 -15.67 4.24 0.38
C LEU A 1004 -16.02 4.63 1.80
N LEU A 1005 -16.54 3.68 2.57
CA LEU A 1005 -17.11 3.91 3.89
C LEU A 1005 -16.64 2.84 4.86
N GLY A 1006 -16.31 3.25 6.08
CA GLY A 1006 -15.97 2.29 7.11
C GLY A 1006 -15.78 2.95 8.46
N VAL A 1007 -15.29 2.14 9.42
CA VAL A 1007 -14.99 2.59 10.77
C VAL A 1007 -13.49 2.56 10.97
N LEU A 1008 -12.98 3.49 11.77
CA LEU A 1008 -11.55 3.76 11.86
C LEU A 1008 -11.04 3.49 13.27
N VAL A 1009 -10.13 2.54 13.41
CA VAL A 1009 -9.75 2.02 14.72
C VAL A 1009 -8.25 1.79 14.76
N ALA A 1010 -7.61 2.21 15.85
CA ALA A 1010 -6.17 2.05 16.01
C ALA A 1010 -5.86 0.64 16.50
N SER A 1011 -5.19 -0.16 15.67
CA SER A 1011 -5.04 -1.58 15.95
C SER A 1011 -3.90 -1.85 16.94
N SER A 1012 -4.08 -2.88 17.76
CA SER A 1012 -3.18 -3.13 18.89
C SER A 1012 -1.80 -3.62 18.45
N HIS A 1013 -1.72 -4.36 17.35
CA HIS A 1013 -0.47 -5.05 17.03
C HIS A 1013 0.57 -4.09 16.45
N LYS A 1014 0.17 -3.24 15.53
CA LYS A 1014 1.13 -2.45 14.78
C LYS A 1014 0.90 -0.95 14.87
N GLY A 1015 -0.10 -0.51 15.64
CA GLY A 1015 -0.42 0.90 15.71
C GLY A 1015 -1.14 1.44 14.49
N CYS A 1016 -0.77 0.95 13.31
CA CYS A 1016 -1.24 1.50 12.04
C CYS A 1016 -2.77 1.64 11.99
N LEU A 1017 -3.25 2.86 11.76
CA LEU A 1017 -4.69 3.09 11.68
C LEU A 1017 -5.29 2.20 10.60
N GLN A 1018 -6.14 1.25 10.99
CA GLN A 1018 -6.76 0.33 10.06
C GLN A 1018 -8.25 0.60 9.94
N LEU A 1019 -8.80 0.42 8.75
CA LEU A 1019 -10.24 0.43 8.54
C LEU A 1019 -10.73 -1.02 8.54
N ARG A 1020 -11.78 -1.27 9.30
CA ARG A 1020 -12.28 -2.62 9.49
C ARG A 1020 -13.78 -2.62 9.28
N ASP A 1021 -14.25 -3.56 8.47
CA ASP A 1021 -15.67 -3.77 8.22
C ASP A 1021 -15.85 -5.14 7.63
N GLN A 1022 -17.10 -5.57 7.54
CA GLN A 1022 -17.39 -6.97 7.26
C GLN A 1022 -16.49 -7.49 6.16
N SER A 1023 -16.10 -8.75 6.31
CA SER A 1023 -15.21 -9.45 5.40
C SER A 1023 -13.74 -9.13 5.65
N GLY A 1024 -13.42 -8.05 6.35
CA GLY A 1024 -12.03 -7.84 6.71
C GLY A 1024 -11.69 -6.37 6.94
N SER A 1025 -10.49 -5.99 6.47
CA SER A 1025 -9.84 -4.75 6.87
C SER A 1025 -9.01 -4.19 5.73
N LEU A 1026 -8.58 -2.93 5.88
CA LEU A 1026 -7.78 -2.22 4.88
C LEU A 1026 -6.94 -1.14 5.56
N PRO A 1027 -5.61 -1.12 5.42
CA PRO A 1027 -4.83 -0.10 6.11
C PRO A 1027 -5.08 1.26 5.52
N CYS A 1028 -4.84 2.32 6.28
CA CYS A 1028 -5.05 3.65 5.73
C CYS A 1028 -4.04 4.64 6.27
N LEU A 1029 -4.08 5.86 5.74
CA LEU A 1029 -3.02 6.87 5.92
C LEU A 1029 -3.62 8.27 5.87
N LEU A 1030 -4.14 8.73 6.99
CA LEU A 1030 -4.83 10.01 6.99
C LEU A 1030 -3.86 11.17 6.85
N LEU A 1031 -4.42 12.36 6.62
CA LEU A 1031 -3.72 13.62 6.80
C LEU A 1031 -4.74 14.70 7.08
N ALA A 1032 -4.59 15.37 8.22
CA ALA A 1032 -5.61 16.32 8.65
C ALA A 1032 -5.94 17.28 7.52
N LYS A 1033 -4.92 17.93 6.98
CA LYS A 1033 -5.04 18.86 5.87
C LYS A 1033 -3.69 18.89 5.20
N HIS A 1034 -3.62 19.47 4.01
CA HIS A 1034 -2.35 19.42 3.29
C HIS A 1034 -1.21 19.92 4.16
N SER A 1035 -0.15 19.10 4.25
CA SER A 1035 1.05 19.39 5.00
C SER A 1035 0.79 19.57 6.49
N GLN A 1036 -0.19 18.91 7.06
CA GLN A 1036 -0.36 18.92 8.51
C GLN A 1036 -0.93 17.59 8.99
N PRO A 1037 -0.41 17.03 10.09
CA PRO A 1037 -0.79 15.66 10.47
C PRO A 1037 -2.00 15.60 11.41
N LEU A 1038 -2.62 14.42 11.43
CA LEU A 1038 -3.77 14.18 12.28
C LEU A 1038 -3.34 14.11 13.74
N SER A 1039 -4.14 14.71 14.63
CA SER A 1039 -3.55 15.10 15.92
C SER A 1039 -4.38 14.91 17.19
N ASP A 1040 -5.64 14.47 17.15
CA ASP A 1040 -6.41 14.28 18.40
C ASP A 1040 -6.93 12.86 18.52
N PRO A 1041 -6.62 12.15 19.61
CA PRO A 1041 -7.15 10.79 19.77
C PRO A 1041 -8.67 10.71 19.76
N ARG A 1042 -9.36 11.80 20.07
CA ARG A 1042 -10.82 11.79 20.09
C ARG A 1042 -11.42 11.17 18.84
N LEU A 1043 -10.65 11.09 17.76
CA LEU A 1043 -11.18 10.64 16.48
C LEU A 1043 -11.12 9.12 16.27
N ILE A 1044 -10.63 8.34 17.23
CA ILE A 1044 -10.73 6.88 17.06
C ILE A 1044 -12.18 6.45 17.26
N GLY A 1045 -12.55 5.35 16.61
CA GLY A 1045 -13.85 4.74 16.79
C GLY A 1045 -14.88 5.08 15.72
N CYS A 1046 -14.78 6.25 15.09
CA CYS A 1046 -15.88 6.78 14.32
C CYS A 1046 -16.01 6.12 12.96
N LEU A 1047 -16.97 6.62 12.19
CA LEU A 1047 -17.19 6.28 10.79
C LEU A 1047 -16.68 7.42 9.92
N VAL A 1048 -15.92 7.09 8.89
CA VAL A 1048 -15.45 8.09 7.94
C VAL A 1048 -15.90 7.68 6.56
N ARG A 1049 -16.64 8.57 5.92
CA ARG A 1049 -17.13 8.41 4.56
C ARG A 1049 -16.18 9.18 3.65
N ALA A 1050 -15.50 8.48 2.75
CA ALA A 1050 -14.52 9.10 1.87
C ALA A 1050 -14.85 8.75 0.43
N GLU A 1051 -14.80 9.75 -0.45
CA GLU A 1051 -15.09 9.54 -1.86
C GLU A 1051 -14.08 10.16 -2.81
N ARG A 1052 -13.27 11.11 -2.35
CA ARG A 1052 -12.12 11.63 -3.10
C ARG A 1052 -10.88 11.06 -2.41
N PHE A 1053 -10.50 9.86 -2.79
CA PHE A 1053 -9.42 9.15 -2.15
C PHE A 1053 -8.61 8.45 -3.22
N GLN A 1054 -7.48 7.88 -2.84
CA GLN A 1054 -6.62 7.14 -3.74
C GLN A 1054 -6.43 5.74 -3.21
N LEU A 1055 -6.37 4.77 -4.10
CA LEU A 1055 -6.06 3.39 -3.73
C LEU A 1055 -4.71 3.04 -4.33
N ILE A 1056 -3.82 2.48 -3.51
CA ILE A 1056 -2.44 2.23 -3.90
C ILE A 1056 -2.26 0.71 -4.09
N VAL A 1057 -1.07 0.31 -4.52
CA VAL A 1057 -0.62 -1.07 -4.41
C VAL A 1057 0.91 -1.00 -4.31
N GLU A 1058 1.57 -2.12 -4.04
CA GLU A 1058 3.04 -2.19 -4.12
C GLU A 1058 3.52 -3.59 -4.48
N ARG A 1059 3.56 -3.91 -5.76
CA ARG A 1059 3.93 -5.25 -6.16
C ARG A 1059 5.35 -5.56 -5.74
N ASP A 1060 5.54 -6.62 -4.96
CA ASP A 1060 6.87 -6.99 -4.46
C ASP A 1060 7.44 -8.23 -5.16
N VAL A 1061 7.31 -8.29 -6.47
CA VAL A 1061 7.75 -9.47 -7.22
C VAL A 1061 9.19 -9.78 -6.91
N ARG A 1062 9.56 -11.06 -7.05
CA ARG A 1062 10.94 -11.52 -6.83
C ARG A 1062 11.32 -12.52 -7.90
N SER A 1063 11.12 -12.15 -9.16
CA SER A 1063 11.37 -13.07 -10.26
C SER A 1063 12.85 -13.45 -10.33
N SER A 1064 13.18 -14.23 -11.37
CA SER A 1064 14.54 -14.63 -11.66
C SER A 1064 14.71 -14.80 -13.17
N PHE A 1065 14.64 -13.70 -13.90
CA PHE A 1065 14.82 -13.77 -15.34
C PHE A 1065 16.31 -13.94 -15.66
N PRO A 1066 16.68 -14.86 -16.57
CA PRO A 1066 18.08 -14.91 -17.01
C PRO A 1066 18.47 -13.71 -17.86
N SER A 1067 17.80 -13.51 -19.00
CA SER A 1067 18.13 -12.44 -19.93
C SER A 1067 16.87 -11.63 -20.23
N TRP A 1068 17.06 -10.49 -20.89
CA TRP A 1068 15.93 -9.66 -21.27
C TRP A 1068 14.94 -10.42 -22.15
N LYS A 1069 15.44 -11.40 -22.91
CA LYS A 1069 14.58 -12.16 -23.80
C LYS A 1069 13.38 -12.72 -23.04
N GLU A 1070 13.65 -13.33 -21.88
CA GLU A 1070 12.61 -14.07 -21.17
C GLU A 1070 11.49 -13.16 -20.70
N LEU A 1071 11.76 -11.87 -20.56
CA LEU A 1071 10.73 -10.93 -20.12
C LEU A 1071 9.45 -11.07 -20.93
N SER A 1072 9.56 -11.63 -22.13
CA SER A 1072 8.40 -11.89 -22.96
C SER A 1072 7.56 -13.06 -22.44
N MET A 1073 8.04 -13.80 -21.45
CA MET A 1073 7.39 -15.03 -21.00
C MET A 1073 7.03 -14.95 -19.53
N PRO A 1074 6.18 -15.87 -19.04
CA PRO A 1074 5.84 -15.90 -17.61
C PRO A 1074 6.71 -16.86 -16.80
N GLY A 1075 7.29 -17.85 -17.47
CA GLY A 1075 7.88 -18.98 -16.77
C GLY A 1075 9.15 -18.70 -15.99
N PHE A 1076 9.22 -17.56 -15.31
CA PHE A 1076 10.41 -17.26 -14.51
C PHE A 1076 10.13 -16.49 -13.23
N ILE A 1077 8.89 -16.14 -12.94
CA ILE A 1077 8.55 -15.47 -11.69
C ILE A 1077 8.51 -16.50 -10.57
N GLN A 1078 9.02 -16.13 -9.40
CA GLN A 1078 9.22 -17.08 -8.30
C GLN A 1078 8.30 -16.86 -7.11
N LYS A 1079 7.61 -15.74 -7.04
CA LYS A 1079 6.90 -15.39 -5.82
C LYS A 1079 6.10 -14.14 -6.12
N GLN A 1080 5.15 -13.83 -5.25
CA GLN A 1080 4.37 -12.61 -5.42
C GLN A 1080 3.73 -12.23 -4.10
N GLN A 1081 3.56 -10.93 -3.89
CA GLN A 1081 2.81 -10.40 -2.77
C GLN A 1081 2.22 -9.10 -3.25
N ALA A 1082 1.48 -8.40 -2.38
CA ALA A 1082 0.87 -7.16 -2.83
C ALA A 1082 0.29 -6.40 -1.64
N ARG A 1083 1.06 -5.47 -1.10
CA ARG A 1083 0.51 -4.46 -0.22
C ARG A 1083 -0.67 -3.79 -0.90
N VAL A 1084 -1.61 -3.25 -0.13
CA VAL A 1084 -2.68 -2.45 -0.69
C VAL A 1084 -3.29 -1.61 0.42
N TYR A 1085 -3.58 -0.35 0.14
CA TYR A 1085 -4.10 0.55 1.17
C TYR A 1085 -4.58 1.82 0.50
N VAL A 1086 -5.01 2.79 1.31
CA VAL A 1086 -5.67 3.99 0.79
C VAL A 1086 -5.04 5.21 1.43
N GLN A 1087 -5.45 6.38 0.96
CA GLN A 1087 -4.97 7.60 1.59
C GLN A 1087 -5.85 8.76 1.16
N PHE A 1088 -6.13 9.68 2.09
CA PHE A 1088 -7.01 10.79 1.80
C PHE A 1088 -6.87 11.85 2.86
N PHE A 1089 -7.27 13.07 2.52
CA PHE A 1089 -7.28 14.13 3.51
C PHE A 1089 -8.55 14.01 4.36
N LEU A 1090 -8.61 14.78 5.44
CA LEU A 1090 -9.84 14.91 6.20
C LEU A 1090 -10.61 16.18 5.87
N ALA A 1091 -10.23 16.88 4.81
CA ALA A 1091 -11.11 17.90 4.27
C ALA A 1091 -12.11 17.31 3.28
N ASP A 1092 -11.83 16.11 2.78
CA ASP A 1092 -12.70 15.47 1.80
C ASP A 1092 -13.69 14.51 2.43
N ALA A 1093 -13.20 13.57 3.25
CA ALA A 1093 -14.11 12.60 3.84
C ALA A 1093 -14.94 13.27 4.93
N LEU A 1094 -16.01 12.59 5.32
CA LEU A 1094 -16.90 13.07 6.38
C LEU A 1094 -16.80 12.13 7.58
N ILE A 1095 -16.69 12.71 8.77
CA ILE A 1095 -16.64 11.92 10.00
C ILE A 1095 -18.05 11.84 10.59
N LEU A 1096 -18.43 10.65 11.02
CA LEU A 1096 -19.75 10.41 11.61
C LEU A 1096 -19.58 9.72 12.95
N PRO A 1097 -20.15 10.24 14.02
CA PRO A 1097 -19.93 9.62 15.33
C PRO A 1097 -21.01 8.62 15.67
N VAL A 1098 -20.70 7.34 15.59
CA VAL A 1098 -21.68 6.29 15.88
C VAL A 1098 -22.38 6.64 17.19
N PRO A 1099 -23.67 6.97 17.19
CA PRO A 1099 -24.33 7.38 18.44
C PRO A 1099 -24.30 6.23 19.44
N ARG A 1100 -23.75 6.50 20.63
CA ARG A 1100 -23.35 5.47 21.58
C ARG A 1100 -24.41 4.37 21.65
N PRO A 1101 -24.14 3.21 21.05
CA PRO A 1101 -25.20 2.21 20.89
C PRO A 1101 -25.90 1.89 22.20
N CYS A 1102 -27.23 1.91 22.14
CA CYS A 1102 -28.10 1.64 23.28
C CYS A 1102 -29.45 1.19 22.75
N LEU A 1103 -30.20 0.48 23.59
CA LEU A 1103 -31.48 -0.12 23.16
C LEU A 1103 -32.43 0.94 22.61
N LEU A 1123 -12.73 11.75 40.63
CA LEU A 1123 -12.57 10.45 40.01
C LEU A 1123 -11.53 10.49 38.88
N GLY A 1124 -10.52 11.35 39.02
CA GLY A 1124 -9.45 11.39 38.05
C GLY A 1124 -8.62 12.64 38.19
N GLN A 1125 -7.57 12.69 37.36
CA GLN A 1125 -6.66 13.84 37.31
C GLN A 1125 -6.05 13.91 35.92
N SER A 1126 -5.49 15.08 35.59
CA SER A 1126 -4.98 15.36 34.26
C SER A 1126 -3.92 16.45 34.33
N ARG A 1127 -3.08 16.51 33.30
CA ARG A 1127 -2.08 17.57 33.20
C ARG A 1127 -1.73 17.78 31.74
N LEU A 1128 -1.37 19.01 31.42
CA LEU A 1128 -0.99 19.41 30.07
C LEU A 1128 0.52 19.35 29.91
N PHE A 1129 0.99 19.04 28.70
CA PHE A 1129 2.41 19.18 28.41
C PHE A 1129 2.65 19.39 26.91
N LEU A 1130 3.66 20.19 26.63
CA LEU A 1130 4.24 20.27 25.29
C LEU A 1130 5.23 19.14 25.12
N LEU A 1131 5.29 18.58 23.91
CA LEU A 1131 6.16 17.44 23.63
C LEU A 1131 7.27 17.84 22.68
N CYS A 1132 8.48 17.35 22.97
CA CYS A 1132 9.67 17.76 22.23
C CYS A 1132 9.87 16.93 20.96
N HIS A 1133 9.88 15.61 21.09
CA HIS A 1133 10.15 14.76 19.94
C HIS A 1133 9.84 13.32 20.30
N LYS A 1134 9.91 12.45 19.30
CA LYS A 1134 9.46 11.07 19.36
C LYS A 1134 10.59 10.12 19.01
N GLU A 1135 10.82 9.12 19.85
CA GLU A 1135 11.64 7.99 19.44
C GLU A 1135 10.78 7.05 18.60
N ALA A 1136 11.40 6.34 17.67
CA ALA A 1136 10.63 5.51 16.76
C ALA A 1136 10.16 4.23 17.43
N LEU A 1137 9.07 3.68 16.91
CA LEU A 1137 8.48 2.46 17.44
C LEU A 1137 9.36 1.26 17.10
N MET A 1138 9.84 0.55 18.12
CA MET A 1138 10.71 -0.59 17.91
C MET A 1138 10.55 -1.59 19.05
N LYS A 1139 10.84 -2.86 18.75
CA LYS A 1139 10.81 -3.91 19.76
C LYS A 1139 12.08 -3.88 20.59
N ARG A 1140 12.21 -2.83 21.41
CA ARG A 1140 13.31 -2.71 22.34
C ARG A 1140 13.25 -3.83 23.39
N ASN A 1141 14.27 -3.85 24.25
CA ASN A 1141 14.22 -4.57 25.51
C ASN A 1141 14.56 -3.59 26.63
N PHE A 1142 14.39 -4.01 27.87
CA PHE A 1142 14.18 -3.07 28.96
C PHE A 1142 14.98 -3.43 30.21
N CYS A 1143 15.18 -2.41 31.05
CA CYS A 1143 15.92 -2.55 32.29
C CYS A 1143 15.09 -3.27 33.35
N VAL A 1144 15.77 -3.64 34.43
CA VAL A 1144 15.04 -3.92 35.67
C VAL A 1144 14.28 -2.67 36.07
N PRO A 1145 12.99 -2.74 36.35
CA PRO A 1145 12.26 -1.53 36.73
C PRO A 1145 12.91 -0.91 37.97
N PRO A 1146 13.14 0.39 37.96
CA PRO A 1146 14.08 0.97 38.93
C PRO A 1146 13.73 0.67 40.37
N GLY A 1147 14.56 -0.14 41.03
CA GLY A 1147 14.29 -0.54 42.40
C GLY A 1147 13.06 -1.38 42.58
N ALA A 1148 12.62 -2.08 41.55
CA ALA A 1148 11.38 -2.85 41.59
C ALA A 1148 11.60 -4.30 41.16
N SER A 1149 10.53 -5.00 40.83
CA SER A 1149 10.59 -6.42 40.50
C SER A 1149 11.70 -6.68 39.47
N PRO A 1150 12.72 -7.47 39.81
CA PRO A 1150 13.89 -7.59 38.93
C PRO A 1150 13.74 -8.63 37.82
N GLU A 1151 12.52 -9.02 37.48
CA GLU A 1151 12.35 -9.99 36.40
C GLU A 1151 12.95 -9.44 35.10
N VAL A 1152 13.62 -10.33 34.37
CA VAL A 1152 14.35 -9.93 33.15
C VAL A 1152 13.38 -9.74 32.00
N PRO A 1153 13.26 -8.54 31.43
CA PRO A 1153 12.32 -8.36 30.31
C PRO A 1153 12.78 -9.06 29.05
N LYS A 1154 11.82 -9.36 28.19
CA LYS A 1154 12.07 -9.80 26.83
C LYS A 1154 11.79 -8.66 25.84
N PRO A 1155 12.21 -8.80 24.59
CA PRO A 1155 11.90 -7.76 23.61
C PRO A 1155 10.40 -7.58 23.43
N ALA A 1156 9.99 -6.33 23.22
CA ALA A 1156 8.57 -6.01 23.04
C ALA A 1156 8.45 -4.66 22.37
N LEU A 1157 7.46 -4.53 21.48
CA LEU A 1157 7.24 -3.27 20.78
C LEU A 1157 7.04 -2.13 21.79
N SER A 1158 7.74 -1.03 21.57
CA SER A 1158 7.76 0.04 22.56
C SER A 1158 8.30 1.32 21.92
N PHE A 1159 8.02 2.44 22.60
CA PHE A 1159 8.57 3.73 22.22
C PHE A 1159 8.41 4.66 23.41
N TYR A 1160 9.05 5.82 23.34
CA TYR A 1160 8.87 6.84 24.38
C TYR A 1160 9.09 8.22 23.81
N VAL A 1161 8.59 9.22 24.52
CA VAL A 1161 8.52 10.60 24.06
C VAL A 1161 9.13 11.51 25.12
N LEU A 1162 9.60 12.68 24.68
CA LEU A 1162 10.14 13.70 25.58
C LEU A 1162 9.28 14.95 25.53
N GLY A 1163 9.01 15.53 26.69
CA GLY A 1163 8.17 16.70 26.76
C GLY A 1163 8.36 17.45 28.06
N SER A 1164 7.47 18.42 28.29
CA SER A 1164 7.56 19.30 29.45
C SER A 1164 6.17 19.77 29.82
N TRP A 1165 5.79 19.60 31.08
CA TRP A 1165 4.44 19.92 31.51
C TRP A 1165 4.19 21.42 31.50
N LEU A 1166 2.91 21.77 31.49
CA LEU A 1166 2.45 23.15 31.55
C LEU A 1166 1.36 23.23 32.60
N GLY A 1167 1.56 24.08 33.60
CA GLY A 1167 0.66 24.11 34.74
C GLY A 1167 0.75 22.84 35.56
N GLY A 1168 0.23 22.87 36.78
CA GLY A 1168 0.21 21.68 37.60
C GLY A 1168 -0.90 20.74 37.22
N THR A 1169 -0.87 19.57 37.85
CA THR A 1169 -1.92 18.58 37.64
C THR A 1169 -3.28 19.17 37.98
N GLN A 1170 -4.33 18.61 37.39
CA GLN A 1170 -5.67 19.15 37.53
C GLN A 1170 -6.66 18.01 37.81
N ARG A 1171 -7.66 18.31 38.64
CA ARG A 1171 -8.57 17.31 39.18
C ARG A 1171 -9.82 17.17 38.32
N LYS A 1172 -10.56 16.09 38.59
CA LYS A 1172 -11.86 15.87 37.96
C LYS A 1172 -12.78 17.05 38.23
N GLU A 1173 -13.46 17.53 37.19
CA GLU A 1173 -14.31 18.71 37.30
C GLU A 1173 -15.66 18.59 36.63
N GLY A 1174 -15.84 17.72 35.64
CA GLY A 1174 -17.08 17.66 34.89
C GLY A 1174 -17.12 18.67 33.77
N THR A 1175 -16.68 19.91 34.05
CA THR A 1175 -16.56 20.95 33.04
C THR A 1175 -15.19 20.87 32.36
N GLY A 1176 -14.61 19.68 32.34
CA GLY A 1176 -13.23 19.53 31.90
C GLY A 1176 -12.33 19.14 33.05
N TRP A 1177 -11.49 20.07 33.51
CA TRP A 1177 -10.53 19.78 34.56
C TRP A 1177 -10.32 21.00 35.44
N GLY A 1178 -10.24 20.77 36.74
CA GLY A 1178 -10.18 21.85 37.71
C GLY A 1178 -8.96 22.73 37.59
N LEU A 1179 -8.79 23.62 38.55
CA LEU A 1179 -7.67 24.55 38.51
C LEU A 1179 -6.36 23.83 38.73
N PRO A 1180 -5.27 24.24 38.06
CA PRO A 1180 -3.99 23.56 38.26
C PRO A 1180 -3.53 23.60 39.70
N GLU A 1181 -2.97 22.49 40.16
CA GLU A 1181 -2.24 22.49 41.40
C GLU A 1181 -1.04 23.43 41.27
N PRO A 1182 -0.55 23.99 42.38
CA PRO A 1182 0.58 24.93 42.30
C PRO A 1182 1.71 24.41 41.44
N GLN A 1183 1.89 25.03 40.28
CA GLN A 1183 2.90 24.59 39.32
C GLN A 1183 4.26 24.43 39.99
N GLY A 1184 4.97 23.39 39.59
CA GLY A 1184 6.25 23.10 40.20
C GLY A 1184 7.31 24.12 39.80
N ASN A 1185 8.17 24.46 40.75
CA ASN A 1185 9.16 25.50 40.52
C ASN A 1185 10.36 25.02 39.72
N ASP A 1186 10.67 23.74 39.79
CA ASP A 1186 11.86 23.21 39.14
C ASP A 1186 11.54 22.69 37.75
N ASP A 1187 12.57 22.59 36.92
CA ASP A 1187 12.40 22.03 35.58
C ASP A 1187 12.02 20.55 35.66
N ASN A 1188 12.58 19.82 36.61
CA ASN A 1188 12.20 18.42 36.80
C ASN A 1188 10.71 18.27 37.06
N ASP A 1189 10.09 19.30 37.63
CA ASP A 1189 8.65 19.29 37.85
C ASP A 1189 7.85 19.45 36.56
N GLN A 1190 8.51 19.80 35.46
CA GLN A 1190 7.83 19.93 34.17
C GLN A 1190 8.40 18.98 33.12
N LYS A 1191 9.70 19.03 32.85
CA LYS A 1191 10.29 18.13 31.86
C LYS A 1191 9.99 16.68 32.22
N VAL A 1192 9.68 15.87 31.21
CA VAL A 1192 9.14 14.55 31.45
C VAL A 1192 9.38 13.66 30.24
N HIS A 1193 9.82 12.43 30.49
CA HIS A 1193 9.85 11.38 29.48
C HIS A 1193 8.58 10.56 29.57
N LEU A 1194 8.01 10.22 28.43
CA LEU A 1194 6.74 9.50 28.35
C LEU A 1194 6.99 8.17 27.68
N ILE A 1195 6.76 7.09 28.42
CA ILE A 1195 7.11 5.74 28.00
C ILE A 1195 5.82 5.02 27.61
N PHE A 1196 5.91 4.12 26.63
CA PHE A 1196 4.75 3.41 26.13
C PHE A 1196 5.11 2.01 25.67
N PHE A 1197 4.35 1.02 26.16
CA PHE A 1197 4.41 -0.35 25.66
C PHE A 1197 3.15 -1.06 26.10
N GLY A 1198 2.91 -2.22 25.51
CA GLY A 1198 1.65 -2.91 25.73
C GLY A 1198 0.51 -2.28 24.94
N SER A 1199 -0.71 -2.44 25.45
CA SER A 1199 -1.87 -1.97 24.72
C SER A 1199 -1.77 -0.50 24.35
N SER A 1200 -1.18 0.33 25.21
CA SER A 1200 -1.15 1.77 24.98
C SER A 1200 -0.44 2.16 23.70
N VAL A 1201 0.30 1.24 23.06
CA VAL A 1201 0.86 1.51 21.74
C VAL A 1201 -0.23 1.97 20.79
N ARG A 1202 -1.47 1.57 21.05
CA ARG A 1202 -2.59 2.02 20.25
C ARG A 1202 -2.67 3.55 20.19
N TRP A 1203 -2.04 4.26 21.11
CA TRP A 1203 -2.06 5.72 21.05
C TRP A 1203 -0.88 6.31 20.28
N PHE A 1204 -0.16 5.53 19.49
CA PHE A 1204 1.05 6.04 18.81
C PHE A 1204 0.75 7.08 17.75
N GLU A 1205 0.23 6.68 16.59
CA GLU A 1205 0.28 7.53 15.39
C GLU A 1205 -0.37 8.89 15.54
N PHE A 1206 -1.10 9.17 16.62
CA PHE A 1206 -1.66 10.49 16.78
C PHE A 1206 -0.63 11.51 17.23
N LEU A 1207 0.49 11.05 17.77
CA LEU A 1207 1.43 11.92 18.46
C LEU A 1207 2.34 12.63 17.46
N HIS A 1208 2.42 13.97 17.56
CA HIS A 1208 3.28 14.75 16.69
C HIS A 1208 3.90 15.94 17.42
N PRO A 1209 5.14 16.30 17.07
CA PRO A 1209 5.95 17.11 17.98
C PRO A 1209 5.51 18.56 18.06
N GLY A 1210 5.90 19.20 19.15
CA GLY A 1210 5.69 20.61 19.37
C GLY A 1210 4.35 20.96 19.99
N GLN A 1211 3.30 20.22 19.68
CA GLN A 1211 1.98 20.54 20.17
C GLN A 1211 1.93 20.49 21.69
N VAL A 1212 0.81 20.94 22.23
CA VAL A 1212 0.46 20.71 23.63
C VAL A 1212 -0.63 19.64 23.64
N TYR A 1213 -0.33 18.51 24.26
CA TYR A 1213 -1.33 17.47 24.46
C TYR A 1213 -1.87 17.56 25.87
N ARG A 1214 -2.97 16.84 26.11
CA ARG A 1214 -3.53 16.71 27.45
C ARG A 1214 -3.74 15.22 27.74
N LEU A 1215 -3.08 14.73 28.79
CA LEU A 1215 -3.33 13.38 29.27
C LEU A 1215 -4.39 13.43 30.36
N ILE A 1216 -5.19 12.37 30.43
CA ILE A 1216 -6.24 12.23 31.41
C ILE A 1216 -6.06 10.90 32.12
N ALA A 1217 -6.38 10.87 33.41
CA ALA A 1217 -6.28 9.66 34.21
C ALA A 1217 -7.51 9.58 35.12
N PRO A 1218 -8.25 8.47 35.12
CA PRO A 1218 -9.37 8.34 36.07
C PRO A 1218 -8.90 7.95 37.44
N GLY A 1219 -9.82 7.59 38.33
CA GLY A 1219 -9.49 7.03 39.61
C GLY A 1219 -9.40 8.07 40.72
N PRO A 1220 -9.04 7.63 41.92
CA PRO A 1220 -9.00 8.55 43.06
C PRO A 1220 -7.94 9.64 42.90
N ALA A 1221 -8.39 10.88 42.73
CA ALA A 1221 -7.46 11.99 42.56
C ALA A 1221 -6.51 12.07 43.75
N THR A 1222 -5.21 12.04 43.48
CA THR A 1222 -4.19 11.97 44.52
C THR A 1222 -2.90 12.55 43.96
N PRO A 1223 -2.04 13.14 44.80
CA PRO A 1223 -0.73 13.59 44.32
C PRO A 1223 0.14 12.43 43.87
N MET A 1224 1.28 12.78 43.26
CA MET A 1224 2.28 11.81 42.84
C MET A 1224 1.82 11.03 41.62
N LEU A 1225 0.56 11.23 41.19
CA LEU A 1225 0.01 10.41 40.13
C LEU A 1225 0.87 10.46 38.88
N PHE A 1226 1.56 11.57 38.64
CA PHE A 1226 2.39 11.74 37.45
C PHE A 1226 3.80 12.25 37.73
N GLU A 1227 4.07 12.77 38.92
CA GLU A 1227 5.16 13.72 39.08
C GLU A 1227 6.55 13.08 39.13
N LYS A 1228 6.66 11.77 39.37
CA LYS A 1228 7.99 11.19 39.48
C LYS A 1228 7.98 9.72 39.06
N ASP A 1229 9.17 9.24 38.64
CA ASP A 1229 9.34 7.82 38.34
C ASP A 1229 10.81 7.41 38.33
N GLY A 1230 11.71 8.15 38.99
CA GLY A 1230 13.11 7.77 38.96
C GLY A 1230 13.38 6.45 39.63
N SER A 1231 12.77 6.23 40.79
CA SER A 1231 12.73 4.93 41.45
C SER A 1231 11.32 4.73 41.95
N SER A 1232 10.70 3.61 41.59
CA SER A 1232 9.24 3.52 41.68
C SER A 1232 8.82 2.08 41.97
N CYS A 1233 7.50 1.91 42.10
CA CYS A 1233 6.94 0.58 42.31
C CYS A 1233 7.19 -0.31 41.10
N ILE A 1234 7.05 0.24 39.89
CA ILE A 1234 7.39 -0.51 38.69
C ILE A 1234 7.44 0.46 37.51
N SER A 1235 8.42 0.25 36.63
CA SER A 1235 8.50 0.92 35.34
C SER A 1235 9.68 0.38 34.55
N ARG A 1236 9.42 -0.55 33.63
CA ARG A 1236 10.47 -1.20 32.85
C ARG A 1236 11.08 -0.25 31.83
N ARG A 1237 11.93 0.67 32.30
CA ARG A 1237 12.54 1.63 31.39
C ARG A 1237 13.38 0.88 30.35
N PRO A 1238 13.45 1.38 29.11
CA PRO A 1238 14.40 0.81 28.15
C PRO A 1238 15.82 1.22 28.51
N LEU A 1239 16.78 0.43 27.99
CA LEU A 1239 18.17 0.64 28.34
C LEU A 1239 18.59 2.09 28.09
N GLU A 1240 18.23 2.64 26.93
CA GLU A 1240 18.63 3.99 26.59
C GLU A 1240 18.05 5.03 27.54
N LEU A 1241 17.03 4.67 28.32
CA LEU A 1241 16.34 5.61 29.18
C LEU A 1241 16.62 5.36 30.65
N ALA A 1242 17.52 4.44 30.97
CA ALA A 1242 17.87 4.18 32.36
C ALA A 1242 18.39 5.45 33.02
N GLY A 1243 18.23 5.52 34.35
CA GLY A 1243 18.79 6.58 35.15
C GLY A 1243 18.08 7.92 35.06
N CYS A 1244 17.11 8.07 34.17
CA CYS A 1244 16.41 9.34 34.05
C CYS A 1244 15.35 9.44 35.14
N ALA A 1245 15.41 10.50 35.93
CA ALA A 1245 14.53 10.68 37.08
C ALA A 1245 13.19 11.30 36.72
N SER A 1246 12.96 11.65 35.45
CA SER A 1246 11.73 12.31 35.02
C SER A 1246 10.82 11.39 34.22
N CYS A 1247 11.10 10.09 34.18
CA CYS A 1247 10.33 9.14 33.39
C CYS A 1247 8.86 9.14 33.78
N LEU A 1248 8.03 8.46 32.99
CA LEU A 1248 6.64 8.24 33.33
C LEU A 1248 6.07 7.21 32.36
N THR A 1249 5.62 6.08 32.88
CA THR A 1249 4.99 5.04 32.08
C THR A 1249 3.49 5.08 32.34
N VAL A 1250 2.71 5.30 31.28
CA VAL A 1250 1.28 5.53 31.46
C VAL A 1250 0.56 4.24 31.81
N GLN A 1251 -0.57 4.38 32.48
CA GLN A 1251 -1.44 3.26 32.80
C GLN A 1251 -2.52 3.11 31.73
N ASP A 1252 -2.91 1.86 31.48
CA ASP A 1252 -3.82 1.58 30.36
C ASP A 1252 -5.06 2.43 30.42
N ASN A 1253 -5.53 2.77 31.62
CA ASN A 1253 -6.75 3.55 31.76
C ASN A 1253 -6.51 5.04 31.57
N TRP A 1254 -5.26 5.46 31.43
CA TRP A 1254 -5.00 6.83 31.01
C TRP A 1254 -5.13 6.94 29.49
N THR A 1255 -5.33 8.16 29.00
CA THR A 1255 -5.20 8.38 27.57
C THR A 1255 -5.05 9.87 27.30
N LEU A 1256 -4.66 10.18 26.06
CA LEU A 1256 -4.26 11.52 25.68
C LEU A 1256 -5.38 12.26 24.98
N GLU A 1257 -5.21 13.58 24.87
CA GLU A 1257 -6.15 14.47 24.22
C GLU A 1257 -5.39 15.68 23.69
N LEU A 1258 -5.87 16.22 22.57
CA LEU A 1258 -5.22 17.38 21.98
C LEU A 1258 -5.72 18.66 22.62
N GLU A 1259 -4.83 19.63 22.78
CA GLU A 1259 -5.18 20.95 23.31
C GLU A 1259 -5.25 21.95 22.17
N SER A 1260 -6.29 22.78 22.18
CA SER A 1260 -6.55 23.71 21.09
C SER A 1260 -7.22 25.01 21.51
N SER A 1261 -7.52 25.20 22.79
CA SER A 1261 -8.26 26.38 23.22
C SER A 1261 -7.46 27.65 22.93
N GLN A 1262 -8.17 28.69 22.49
CA GLN A 1262 -7.51 29.95 22.17
C GLN A 1262 -6.83 30.55 23.39
N ASP A 1263 -7.33 30.25 24.59
CA ASP A 1263 -6.67 30.68 25.81
C ASP A 1263 -5.30 30.05 25.98
N ILE A 1264 -4.95 29.08 25.13
CA ILE A 1264 -3.64 28.46 25.14
C ILE A 1264 -2.97 28.52 23.78
N GLN A 1265 -3.61 29.16 22.78
CA GLN A 1265 -3.01 29.30 21.46
C GLN A 1265 -1.62 29.93 21.54
N ASP A 1266 -1.45 30.91 22.44
CA ASP A 1266 -0.15 31.57 22.56
C ASP A 1266 0.97 30.59 22.92
N VAL A 1267 0.62 29.42 23.46
CA VAL A 1267 1.60 28.36 23.62
C VAL A 1267 1.74 27.55 22.35
N LEU A 1268 0.63 27.34 21.64
CA LEU A 1268 0.60 26.58 20.40
C LEU A 1268 1.22 27.34 19.23
N ASP A 1269 1.98 28.41 19.47
CA ASP A 1269 2.68 29.12 18.42
C ASP A 1269 3.78 28.28 17.78
N ALA A 1270 4.03 27.06 18.28
CA ALA A 1270 4.94 26.16 17.58
C ALA A 1270 4.51 25.97 16.13
N ASN A 1271 3.24 26.25 15.82
CA ASN A 1271 2.77 26.31 14.45
C ASN A 1271 3.74 27.12 13.60
N LYS A 1272 4.13 26.56 12.46
CA LYS A 1272 5.16 27.13 11.60
C LYS A 1272 6.55 26.94 12.21
N SER A 1273 6.80 25.75 12.74
CA SER A 1273 8.10 25.38 13.28
C SER A 1273 8.34 23.90 13.00
N LEU A 1274 9.54 23.56 12.53
CA LEU A 1274 9.85 22.18 12.21
C LEU A 1274 11.31 21.87 12.57
N PRO A 1275 11.63 20.59 12.82
CA PRO A 1275 13.04 20.21 12.96
C PRO A 1275 13.71 20.13 11.60
N GLU A 1276 14.50 21.16 11.27
CA GLU A 1276 15.14 21.28 9.98
C GLU A 1276 16.55 21.79 10.19
N SER A 1277 17.37 21.76 9.13
CA SER A 1277 18.80 21.96 9.25
C SER A 1277 19.29 22.98 8.24
N SER A 1278 20.58 23.34 8.36
CA SER A 1278 21.27 24.14 7.35
C SER A 1278 22.16 23.24 6.51
N LEU A 1279 22.10 23.42 5.19
CA LEU A 1279 22.76 22.46 4.31
C LEU A 1279 24.26 22.42 4.49
N THR A 1280 24.85 23.36 5.23
CA THR A 1280 26.26 23.24 5.58
C THR A 1280 26.45 22.37 6.80
N ASP A 1281 25.44 22.29 7.68
CA ASP A 1281 25.45 21.23 8.67
C ASP A 1281 25.54 19.88 7.98
N LEU A 1282 24.83 19.76 6.87
CA LEU A 1282 24.95 18.64 5.96
C LEU A 1282 26.19 18.84 5.10
N LEU A 1283 26.42 17.92 4.18
CA LEU A 1283 27.44 18.05 3.14
C LEU A 1283 28.83 18.37 3.71
N SER A 1284 29.09 18.01 4.96
CA SER A 1284 30.36 18.33 5.60
C SER A 1284 30.75 17.19 6.52
N ASP A 1285 32.06 17.05 6.76
CA ASP A 1285 32.60 15.85 7.40
C ASP A 1285 32.76 16.08 8.91
N ASN A 1286 31.69 15.82 9.65
CA ASN A 1286 31.77 15.78 11.11
C ASN A 1286 30.72 14.85 11.74
N PHE A 1287 29.63 15.40 12.27
CA PHE A 1287 28.70 14.63 13.10
C PHE A 1287 27.71 13.83 12.26
N THR A 1288 27.05 12.86 12.91
CA THR A 1288 26.31 11.80 12.22
C THR A 1288 24.79 11.96 12.34
N ASP A 1289 24.28 13.12 11.93
CA ASP A 1289 22.85 13.43 11.82
C ASP A 1289 21.99 13.17 13.06
N SER A 1290 22.58 12.78 14.19
CA SER A 1290 21.82 12.94 15.43
C SER A 1290 21.39 14.39 15.62
N LEU A 1291 22.01 15.32 14.88
CA LEU A 1291 21.72 16.73 15.02
C LEU A 1291 20.68 17.25 14.03
N VAL A 1292 20.44 16.60 12.90
CA VAL A 1292 19.83 17.31 11.77
C VAL A 1292 18.83 16.45 10.99
N SER A 1293 17.90 17.17 10.33
CA SER A 1293 16.75 16.64 9.62
C SER A 1293 16.42 17.56 8.45
N PHE A 1294 15.55 17.13 7.55
CA PHE A 1294 15.34 17.89 6.32
C PHE A 1294 14.13 17.44 5.53
N SER A 1295 13.30 18.39 5.11
CA SER A 1295 12.25 18.10 4.14
C SER A 1295 12.85 17.38 2.94
N ALA A 1296 12.01 16.74 2.13
CA ALA A 1296 12.54 15.98 1.01
C ALA A 1296 11.45 15.73 -0.02
N GLU A 1297 11.83 15.17 -1.16
CA GLU A 1297 10.87 14.91 -2.25
C GLU A 1297 11.34 13.72 -3.06
N ILE A 1298 10.93 12.53 -2.63
CA ILE A 1298 11.53 11.29 -3.10
C ILE A 1298 11.53 11.21 -4.62
N LEU A 1299 12.32 10.26 -5.14
CA LEU A 1299 12.40 10.03 -6.58
C LEU A 1299 12.48 8.57 -6.98
N SER A 1300 12.69 7.63 -6.07
CA SER A 1300 12.70 6.23 -6.50
C SER A 1300 12.82 5.29 -5.30
N ARG A 1301 12.80 3.99 -5.59
CA ARG A 1301 13.09 2.95 -4.63
C ARG A 1301 13.45 1.67 -5.38
N THR A 1302 14.48 0.97 -4.91
CA THR A 1302 14.82 -0.37 -5.39
C THR A 1302 15.59 -1.06 -4.29
N LEU A 1303 15.94 -2.33 -4.52
CA LEU A 1303 16.54 -3.11 -3.46
C LEU A 1303 18.06 -2.96 -3.41
N CYS A 1304 18.59 -3.08 -2.19
CA CYS A 1304 20.01 -2.91 -1.89
C CYS A 1304 20.76 -4.22 -2.14
N GLU A 1305 20.75 -4.64 -3.40
CA GLU A 1305 21.41 -5.89 -3.77
C GLU A 1305 22.84 -6.02 -3.25
N PRO A 1306 23.72 -5.02 -3.38
CA PRO A 1306 25.08 -5.20 -2.88
C PRO A 1306 25.17 -5.55 -1.40
N LEU A 1307 24.11 -5.37 -0.59
CA LEU A 1307 24.16 -5.87 0.78
C LEU A 1307 23.92 -7.37 0.81
N VAL A 1308 23.00 -7.87 -0.01
CA VAL A 1308 22.79 -9.31 -0.11
C VAL A 1308 23.99 -9.97 -0.80
N ALA A 1309 24.69 -9.23 -1.65
CA ALA A 1309 25.97 -9.70 -2.18
C ALA A 1309 27.09 -9.65 -1.14
N SER A 1310 26.79 -9.18 0.06
CA SER A 1310 27.74 -9.16 1.17
C SER A 1310 26.95 -9.41 2.46
N LEU A 1311 26.15 -10.47 2.45
CA LEU A 1311 25.17 -10.72 3.49
C LEU A 1311 25.82 -10.87 4.87
N TRP A 1312 25.42 -10.02 5.81
CA TRP A 1312 26.02 -10.00 7.13
C TRP A 1312 25.02 -9.63 8.23
N MET A 1313 23.80 -9.25 7.85
CA MET A 1313 22.65 -9.15 8.75
C MET A 1313 23.03 -8.56 10.11
N LYS A 1314 23.31 -7.25 10.11
CA LYS A 1314 23.72 -6.51 11.30
C LYS A 1314 24.72 -7.32 12.13
N LEU A 1315 25.83 -7.68 11.48
CA LEU A 1315 26.90 -8.43 12.13
C LEU A 1315 26.36 -9.72 12.74
N GLY A 1316 25.39 -10.33 12.07
CA GLY A 1316 24.84 -11.61 12.48
C GLY A 1316 23.80 -11.55 13.58
N ASN A 1317 23.31 -10.36 13.95
CA ASN A 1317 22.39 -10.25 15.07
C ASN A 1317 20.93 -10.28 14.63
N THR A 1318 20.63 -9.80 13.42
CA THR A 1318 19.24 -9.72 12.98
C THR A 1318 18.63 -11.09 12.73
N GLY A 1319 19.40 -12.01 12.14
CA GLY A 1319 18.89 -13.31 11.74
C GLY A 1319 18.73 -13.45 10.24
N ALA A 1320 17.50 -13.68 9.78
CA ALA A 1320 17.23 -13.87 8.36
C ALA A 1320 17.12 -12.53 7.64
N MET A 1321 17.51 -12.52 6.37
CA MET A 1321 17.68 -11.30 5.58
C MET A 1321 16.38 -10.74 5.03
N ARG A 1322 15.77 -9.78 5.72
CA ARG A 1322 14.69 -9.00 5.10
C ARG A 1322 15.36 -7.90 4.28
N ARG A 1323 15.55 -8.17 2.99
CA ARG A 1323 16.47 -7.43 2.13
C ARG A 1323 16.34 -5.92 2.35
N CYS A 1324 17.47 -5.22 2.22
CA CYS A 1324 17.56 -3.80 2.53
C CYS A 1324 17.25 -2.92 1.30
N VAL A 1325 16.79 -1.69 1.57
CA VAL A 1325 16.16 -0.84 0.57
C VAL A 1325 16.86 0.50 0.49
N LYS A 1326 16.79 1.16 -0.67
CA LYS A 1326 17.40 2.47 -0.86
C LYS A 1326 16.46 3.45 -1.54
N LEU A 1327 16.60 4.73 -1.19
CA LEU A 1327 15.82 5.81 -1.76
C LEU A 1327 16.76 6.88 -2.29
N THR A 1328 16.23 7.85 -3.05
CA THR A 1328 17.07 8.93 -3.60
C THR A 1328 16.40 10.29 -3.41
N VAL A 1329 16.25 10.72 -2.16
CA VAL A 1329 15.56 11.98 -1.88
C VAL A 1329 16.27 13.11 -2.58
N ALA A 1330 15.50 13.95 -3.26
CA ALA A 1330 16.01 15.21 -3.82
C ALA A 1330 15.87 16.28 -2.77
N LEU A 1331 16.83 16.32 -1.86
CA LEU A 1331 16.75 17.17 -0.69
C LEU A 1331 16.19 18.55 -1.04
N GLU A 1332 15.56 19.18 -0.07
CA GLU A 1332 14.98 20.50 -0.23
C GLU A 1332 15.55 21.45 0.81
N THR A 1333 15.78 22.69 0.41
CA THR A 1333 16.02 23.74 1.38
C THR A 1333 15.89 25.10 0.72
N ALA A 1334 15.37 26.05 1.50
CA ALA A 1334 15.27 27.43 1.05
C ALA A 1334 16.63 28.09 0.88
N GLU A 1335 17.68 27.48 1.42
CA GLU A 1335 18.99 28.10 1.41
C GLU A 1335 19.65 28.15 0.04
N CYS A 1336 19.25 27.28 -0.88
CA CYS A 1336 20.10 26.96 -2.02
C CYS A 1336 19.33 27.02 -3.33
N GLU A 1337 20.03 27.43 -4.39
CA GLU A 1337 19.41 27.50 -5.71
C GLU A 1337 19.14 26.12 -6.29
N PHE A 1338 19.82 25.08 -5.78
CA PHE A 1338 19.61 23.75 -6.34
C PHE A 1338 19.55 22.67 -5.25
N PRO A 1339 18.79 21.61 -5.50
CA PRO A 1339 18.70 20.54 -4.53
C PRO A 1339 19.78 19.49 -4.76
N PRO A 1340 20.70 19.32 -3.82
CA PRO A 1340 21.67 18.22 -3.96
C PRO A 1340 21.01 16.87 -3.72
N HIS A 1341 21.23 15.93 -4.64
CA HIS A 1341 20.74 14.57 -4.45
C HIS A 1341 21.53 13.86 -3.37
N LEU A 1342 20.86 12.98 -2.59
CA LEU A 1342 21.43 12.55 -1.31
C LEU A 1342 20.79 11.24 -0.83
N ASP A 1343 21.31 10.11 -1.30
CA ASP A 1343 20.64 8.83 -1.05
C ASP A 1343 20.34 8.61 0.42
N VAL A 1344 19.34 7.76 0.68
CA VAL A 1344 18.97 7.29 2.01
C VAL A 1344 18.77 5.78 1.94
N TYR A 1345 19.23 5.06 2.96
CA TYR A 1345 19.14 3.60 3.00
C TYR A 1345 18.23 3.18 4.14
N ILE A 1346 17.59 2.03 3.99
CA ILE A 1346 16.74 1.44 5.03
C ILE A 1346 17.21 0.01 5.23
N GLU A 1347 17.63 -0.32 6.45
CA GLU A 1347 18.16 -1.65 6.73
C GLU A 1347 17.15 -2.50 7.49
N ASP A 1348 17.38 -3.81 7.40
CA ASP A 1348 16.49 -4.89 7.83
C ASP A 1348 15.61 -4.57 9.04
N PRO A 1349 16.16 -4.20 10.20
CA PRO A 1349 15.30 -4.02 11.38
C PRO A 1349 14.18 -3.01 11.19
N HIS A 1350 14.28 -2.10 10.22
CA HIS A 1350 13.21 -1.15 10.00
C HIS A 1350 12.35 -1.48 8.80
N LEU A 1351 12.43 -2.69 8.27
CA LEU A 1351 11.52 -3.14 7.24
C LEU A 1351 10.25 -3.70 7.87
N PRO A 1352 9.11 -3.63 7.17
CA PRO A 1352 8.87 -2.96 5.88
C PRO A 1352 8.75 -1.46 6.09
N PRO A 1353 9.01 -0.65 5.07
CA PRO A 1353 9.01 0.80 5.26
C PRO A 1353 7.69 1.28 5.82
N SER A 1354 7.68 2.50 6.32
CA SER A 1354 6.42 3.10 6.70
C SER A 1354 5.49 3.18 5.48
N LEU A 1355 4.28 3.64 5.70
CA LEU A 1355 3.34 3.82 4.61
C LEU A 1355 3.54 5.17 3.96
N GLY A 1356 3.37 5.23 2.65
CA GLY A 1356 3.35 6.50 1.94
C GLY A 1356 4.69 7.00 1.45
N LEU A 1357 5.69 6.11 1.32
CA LEU A 1357 6.99 6.46 0.73
C LEU A 1357 6.99 6.04 -0.74
N LEU A 1358 6.71 6.99 -1.63
CA LEU A 1358 6.48 6.68 -3.04
C LEU A 1358 7.05 7.78 -3.93
N PRO A 1359 7.51 7.43 -5.12
CA PRO A 1359 7.91 8.44 -6.10
C PRO A 1359 7.00 9.64 -6.16
N GLY A 1360 7.57 10.83 -5.98
CA GLY A 1360 6.83 12.07 -5.99
C GLY A 1360 6.44 12.55 -4.62
N ALA A 1361 6.33 11.66 -3.65
CA ALA A 1361 5.85 12.04 -2.34
C ALA A 1361 6.71 13.15 -1.76
N ARG A 1362 6.13 13.96 -0.89
CA ARG A 1362 6.87 14.97 -0.15
C ARG A 1362 6.94 14.56 1.31
N VAL A 1363 8.15 14.28 1.79
CA VAL A 1363 8.38 13.57 3.03
C VAL A 1363 9.28 14.41 3.92
N HIS A 1364 9.10 14.33 5.24
CA HIS A 1364 9.87 15.15 6.17
C HIS A 1364 10.55 14.28 7.22
N PHE A 1365 11.73 13.76 6.88
CA PHE A 1365 12.43 12.87 7.79
C PHE A 1365 12.80 13.60 9.07
N SER A 1366 13.37 12.83 10.00
CA SER A 1366 13.77 13.35 11.30
C SER A 1366 14.88 12.49 11.88
N GLN A 1367 15.98 13.12 12.30
CA GLN A 1367 17.05 12.44 13.03
C GLN A 1367 17.43 11.11 12.39
N LEU A 1368 18.01 11.19 11.19
CA LEU A 1368 18.68 10.07 10.57
C LEU A 1368 20.07 9.90 11.16
N GLU A 1369 20.78 8.85 10.74
CA GLU A 1369 22.20 8.72 11.01
C GLU A 1369 22.95 8.90 9.70
N LYS A 1370 23.99 9.73 9.74
CA LYS A 1370 24.73 10.12 8.54
C LYS A 1370 26.11 9.49 8.56
N ARG A 1371 26.47 8.81 7.49
CA ARG A 1371 27.78 8.19 7.37
C ARG A 1371 28.38 8.52 6.03
N VAL A 1372 29.65 8.93 6.04
CA VAL A 1372 30.40 9.23 4.83
C VAL A 1372 31.35 8.08 4.58
N SER A 1373 31.28 7.51 3.38
CA SER A 1373 32.05 6.32 3.08
C SER A 1373 33.51 6.67 2.84
N ARG A 1374 34.37 5.68 3.09
CA ARG A 1374 35.78 5.78 2.72
C ARG A 1374 35.93 6.14 1.25
N SER A 1375 35.14 5.50 0.39
CA SER A 1375 35.08 5.89 -1.02
C SER A 1375 34.48 7.28 -1.21
N HIS A 1376 34.11 7.95 -0.12
CA HIS A 1376 33.74 9.35 -0.15
C HIS A 1376 32.46 9.59 -0.92
N ASN A 1377 31.34 9.20 -0.32
CA ASN A 1377 30.01 9.58 -0.77
C ASN A 1377 29.14 9.77 0.46
N VAL A 1378 28.51 10.93 0.61
CA VAL A 1378 27.64 11.12 1.75
C VAL A 1378 26.42 10.22 1.57
N TYR A 1379 26.02 9.54 2.64
CA TYR A 1379 24.85 8.70 2.58
C TYR A 1379 24.26 8.61 3.97
N CYS A 1380 22.93 8.51 4.05
CA CYS A 1380 22.23 8.51 5.31
C CYS A 1380 21.47 7.21 5.50
N CYS A 1381 21.25 6.85 6.76
CA CYS A 1381 20.84 5.49 7.11
C CYS A 1381 19.79 5.54 8.20
N PHE A 1382 18.98 4.49 8.29
CA PHE A 1382 17.94 4.44 9.31
C PHE A 1382 18.46 3.86 10.62
N ARG A 1383 17.88 4.34 11.71
CA ARG A 1383 18.16 3.90 13.08
C ARG A 1383 16.92 4.18 13.91
N SER A 1384 16.85 3.59 15.10
CA SER A 1384 15.71 3.84 15.97
C SER A 1384 15.47 5.32 16.22
N SER A 1385 16.47 6.17 15.97
CA SER A 1385 16.29 7.59 16.22
C SER A 1385 15.42 8.26 15.17
N THR A 1386 15.19 7.63 14.03
CA THR A 1386 14.61 8.31 12.87
C THR A 1386 13.18 7.85 12.60
N TYR A 1387 12.29 8.81 12.33
CA TYR A 1387 10.89 8.48 12.04
C TYR A 1387 10.36 9.31 10.88
N VAL A 1388 9.68 8.62 9.96
CA VAL A 1388 9.14 9.24 8.76
C VAL A 1388 7.96 10.15 9.12
N GLN A 1389 7.48 10.88 8.13
CA GLN A 1389 6.17 11.50 8.13
C GLN A 1389 5.90 11.96 6.72
N VAL A 1390 4.65 11.95 6.29
CA VAL A 1390 4.34 12.34 4.92
C VAL A 1390 3.68 13.70 4.93
N LEU A 1391 4.01 14.52 3.93
CA LEU A 1391 3.45 15.85 3.79
C LEU A 1391 2.55 16.00 2.58
N SER A 1392 2.66 15.12 1.59
CA SER A 1392 1.74 15.14 0.47
C SER A 1392 1.91 13.89 -0.38
N PHE A 1393 0.82 13.45 -0.97
CA PHE A 1393 0.80 12.28 -1.81
C PHE A 1393 1.23 12.68 -3.21
N PRO A 1394 1.49 11.72 -4.10
CA PRO A 1394 1.94 12.04 -5.45
C PRO A 1394 0.96 12.94 -6.16
N PRO A 1395 1.37 13.57 -7.26
CA PRO A 1395 0.41 14.24 -8.13
C PRO A 1395 -0.30 13.25 -9.04
N GLU A 1396 -1.47 13.64 -9.52
CA GLU A 1396 -2.29 12.73 -10.31
C GLU A 1396 -1.49 12.19 -11.50
N THR A 1397 -0.97 13.09 -12.32
CA THR A 1397 -0.19 12.73 -13.50
C THR A 1397 1.20 13.36 -13.40
N THR A 1398 2.23 12.57 -13.72
CA THR A 1398 3.59 13.05 -13.55
C THR A 1398 3.87 14.24 -14.45
N ILE A 1399 4.31 15.33 -13.83
CA ILE A 1399 4.70 16.56 -14.52
C ILE A 1399 5.99 16.32 -15.30
N SER A 1400 6.39 17.31 -16.11
CA SER A 1400 7.61 17.22 -16.90
C SER A 1400 8.25 18.61 -16.94
N ILE A 1401 9.23 18.83 -16.09
CA ILE A 1401 10.01 20.07 -16.08
C ILE A 1401 11.27 19.83 -16.91
N PRO A 1402 11.52 20.59 -17.98
CA PRO A 1402 12.70 20.33 -18.81
C PRO A 1402 13.96 20.89 -18.17
N LEU A 1403 15.02 20.09 -18.19
CA LEU A 1403 16.27 20.50 -17.57
C LEU A 1403 16.76 21.80 -18.19
N PRO A 1404 17.33 22.70 -17.40
CA PRO A 1404 17.71 24.01 -17.95
C PRO A 1404 18.75 23.87 -19.05
N HIS A 1405 18.77 24.87 -19.93
CA HIS A 1405 19.70 24.95 -21.04
C HIS A 1405 20.71 26.05 -20.72
N ILE A 1406 22.00 25.69 -20.63
CA ILE A 1406 23.03 26.60 -20.11
C ILE A 1406 24.30 26.46 -20.93
N TYR A 1407 25.29 27.28 -20.56
CA TYR A 1407 26.61 27.29 -21.17
C TYR A 1407 27.64 26.66 -20.23
N LEU A 1408 28.53 25.84 -20.78
CA LEU A 1408 29.44 25.08 -19.94
C LEU A 1408 30.24 25.99 -19.01
N ALA A 1409 30.53 27.22 -19.42
CA ALA A 1409 31.32 28.09 -18.58
C ALA A 1409 30.65 28.40 -17.25
N GLU A 1410 29.32 28.31 -17.18
CA GLU A 1410 28.65 28.58 -15.92
C GLU A 1410 29.09 27.61 -14.84
N LEU A 1411 29.47 26.39 -15.22
CA LEU A 1411 30.00 25.42 -14.27
C LEU A 1411 31.41 25.77 -13.82
N LEU A 1412 32.04 26.78 -14.42
CA LEU A 1412 33.32 27.30 -13.95
C LEU A 1412 33.18 28.71 -13.39
N GLN A 1413 31.96 29.13 -13.07
CA GLN A 1413 31.71 30.49 -12.59
C GLN A 1413 32.34 30.75 -11.23
N GLY A 1414 32.59 29.71 -10.43
CA GLY A 1414 33.16 29.85 -9.11
C GLY A 1414 32.15 29.83 -7.98
N GLY A 1415 30.97 30.42 -8.19
CA GLY A 1415 29.89 30.33 -7.22
C GLY A 1415 29.17 29.00 -7.33
N GLN A 1416 27.98 28.95 -6.71
CA GLN A 1416 27.10 27.81 -6.93
C GLN A 1416 26.57 27.83 -8.35
N SER A 1417 26.38 26.65 -8.92
CA SER A 1417 25.92 26.56 -10.29
C SER A 1417 25.02 25.35 -10.45
N PRO A 1418 24.11 25.38 -11.42
CA PRO A 1418 23.14 24.29 -11.56
C PRO A 1418 23.76 22.91 -11.50
N PHE A 1419 22.89 21.94 -11.27
CA PHE A 1419 23.29 20.58 -10.95
C PHE A 1419 23.38 19.70 -12.19
N GLN A 1420 22.47 19.92 -13.13
CA GLN A 1420 22.29 19.05 -14.27
C GLN A 1420 21.58 19.86 -15.34
N ALA A 1421 21.92 19.64 -16.60
CA ALA A 1421 21.52 20.59 -17.62
C ALA A 1421 21.74 20.02 -19.02
N THR A 1422 21.41 20.83 -20.02
CA THR A 1422 21.69 20.57 -21.42
C THR A 1422 22.45 21.75 -22.01
N ALA A 1423 23.28 21.47 -23.01
CA ALA A 1423 24.11 22.50 -23.61
C ALA A 1423 24.31 22.19 -25.08
N SER A 1424 24.30 23.24 -25.90
CA SER A 1424 24.32 23.10 -27.36
C SER A 1424 25.74 23.01 -27.90
N CYS A 1425 26.47 21.98 -27.49
CA CYS A 1425 27.90 21.92 -27.76
C CYS A 1425 28.20 21.13 -29.04
N HIS A 1426 29.46 20.78 -29.25
CA HIS A 1426 29.97 20.31 -30.53
C HIS A 1426 31.10 19.32 -30.31
N ILE A 1427 30.95 18.10 -30.82
CA ILE A 1427 32.02 17.13 -30.69
C ILE A 1427 33.26 17.68 -31.38
N VAL A 1428 34.41 17.51 -30.76
CA VAL A 1428 35.68 17.94 -31.33
C VAL A 1428 36.59 16.77 -31.62
N SER A 1429 36.56 15.72 -30.79
CA SER A 1429 37.40 14.57 -31.05
C SER A 1429 37.03 13.44 -30.10
N VAL A 1430 37.39 12.22 -30.49
CA VAL A 1430 37.13 11.01 -29.73
C VAL A 1430 38.42 10.56 -29.05
N PHE A 1431 38.38 10.39 -27.74
CA PHE A 1431 39.53 9.89 -27.01
C PHE A 1431 39.58 8.38 -27.02
N SER A 1432 38.72 7.76 -26.23
CA SER A 1432 38.78 6.32 -26.01
C SER A 1432 37.46 5.68 -26.37
N LEU A 1433 37.52 4.37 -26.65
CA LEU A 1433 36.35 3.64 -27.13
C LEU A 1433 36.61 2.16 -26.92
N GLN A 1434 35.75 1.48 -26.18
CA GLN A 1434 35.88 0.06 -25.95
C GLN A 1434 34.53 -0.63 -26.09
N LEU A 1435 34.54 -1.83 -26.64
CA LEU A 1435 33.36 -2.67 -26.73
C LEU A 1435 33.62 -3.99 -26.03
N PHE A 1436 32.59 -4.56 -25.40
CA PHE A 1436 32.72 -5.82 -24.71
C PHE A 1436 31.45 -6.65 -24.85
N TRP A 1437 31.64 -7.96 -25.01
CA TRP A 1437 30.57 -8.93 -24.80
C TRP A 1437 30.83 -9.59 -23.45
N VAL A 1438 29.88 -9.45 -22.53
CA VAL A 1438 30.08 -9.87 -21.15
C VAL A 1438 29.00 -10.86 -20.76
N CYS A 1439 29.34 -11.73 -19.82
CA CYS A 1439 28.39 -12.71 -19.31
C CYS A 1439 27.42 -12.05 -18.34
N ALA A 1440 26.12 -12.30 -18.52
CA ALA A 1440 25.13 -11.68 -17.67
C ALA A 1440 25.13 -12.25 -16.26
N TYR A 1441 25.83 -13.36 -16.02
CA TYR A 1441 25.84 -13.99 -14.70
C TYR A 1441 26.95 -13.43 -13.83
N CYS A 1442 28.09 -13.12 -14.42
CA CYS A 1442 29.27 -12.71 -13.68
C CYS A 1442 29.87 -11.48 -14.33
N THR A 1443 30.56 -10.69 -13.52
CA THR A 1443 31.08 -9.39 -13.92
C THR A 1443 32.44 -9.53 -14.63
N SER A 1444 32.41 -10.21 -15.77
CA SER A 1444 33.62 -10.44 -16.55
C SER A 1444 33.29 -10.38 -18.03
N ILE A 1445 34.35 -10.29 -18.84
CA ILE A 1445 34.20 -10.35 -20.29
C ILE A 1445 33.84 -11.78 -20.70
N CYS A 1446 33.09 -11.91 -21.78
CA CYS A 1446 32.59 -13.21 -22.20
C CYS A 1446 32.37 -13.20 -23.71
N ARG A 1447 33.07 -14.08 -24.42
CA ARG A 1447 32.94 -14.22 -25.87
C ARG A 1447 31.77 -15.13 -26.17
N GLN A 1448 30.60 -14.53 -26.34
CA GLN A 1448 29.42 -15.22 -26.86
C GLN A 1448 28.91 -16.31 -25.93
N GLY A 1449 29.23 -16.22 -24.64
CA GLY A 1449 28.78 -17.17 -23.63
C GLY A 1449 29.87 -18.09 -23.11
N LYS A 1450 30.92 -18.31 -23.90
CA LYS A 1450 32.02 -19.17 -23.49
C LYS A 1450 32.79 -18.50 -22.36
N CYS A 1451 32.10 -18.29 -21.24
CA CYS A 1451 32.59 -17.39 -20.22
C CYS A 1451 33.88 -17.91 -19.59
N THR A 1452 34.79 -16.97 -19.28
CA THR A 1452 35.98 -17.34 -18.53
C THR A 1452 35.61 -18.00 -17.21
N ARG A 1453 34.53 -17.55 -16.58
CA ARG A 1453 34.02 -18.16 -15.35
C ARG A 1453 33.09 -19.32 -15.65
N LEU A 1454 32.97 -19.74 -16.92
CA LEU A 1454 32.02 -20.78 -17.27
C LEU A 1454 32.36 -22.08 -16.54
N GLY A 1455 31.36 -22.62 -15.84
CA GLY A 1455 31.54 -23.81 -15.04
C GLY A 1455 32.00 -23.56 -13.62
N SER A 1456 32.69 -22.45 -13.38
CA SER A 1456 33.14 -22.11 -12.03
C SER A 1456 32.13 -21.17 -11.37
N THR A 1457 32.43 -19.87 -11.35
CA THR A 1457 31.47 -18.92 -10.79
C THR A 1457 30.29 -18.72 -11.71
N CYS A 1458 30.47 -18.94 -13.01
CA CYS A 1458 29.43 -18.72 -14.00
C CYS A 1458 28.87 -20.05 -14.48
N PRO A 1459 27.62 -20.40 -14.15
CA PRO A 1459 27.07 -21.66 -14.68
C PRO A 1459 26.71 -21.58 -16.16
N THR A 1460 26.00 -20.52 -16.56
CA THR A 1460 25.37 -20.46 -17.86
C THR A 1460 26.26 -19.74 -18.87
N GLN A 1461 26.33 -20.30 -20.07
CA GLN A 1461 27.07 -19.69 -21.17
C GLN A 1461 26.10 -18.76 -21.91
N THR A 1462 26.19 -17.47 -21.60
CA THR A 1462 25.39 -16.44 -22.26
C THR A 1462 26.13 -15.13 -22.13
N ALA A 1463 25.96 -14.25 -23.12
CA ALA A 1463 26.69 -13.00 -23.15
C ALA A 1463 25.82 -11.88 -23.69
N ILE A 1464 26.20 -10.64 -23.38
CA ILE A 1464 25.49 -9.46 -23.83
C ILE A 1464 26.50 -8.40 -24.22
N SER A 1465 26.08 -7.48 -25.07
CA SER A 1465 26.94 -6.41 -25.55
C SER A 1465 27.02 -5.28 -24.53
N GLN A 1466 28.18 -4.64 -24.46
CA GLN A 1466 28.42 -3.54 -23.54
C GLN A 1466 29.50 -2.66 -24.14
N ALA A 1467 29.35 -1.36 -24.06
CA ALA A 1467 30.27 -0.46 -24.75
C ALA A 1467 30.43 0.84 -23.98
N ILE A 1468 31.58 1.48 -24.20
CA ILE A 1468 32.00 2.64 -23.44
C ILE A 1468 32.75 3.59 -24.37
N ILE A 1469 32.59 4.89 -24.14
CA ILE A 1469 33.12 5.90 -25.05
C ILE A 1469 33.34 7.20 -24.30
N ARG A 1470 34.38 7.95 -24.70
CA ARG A 1470 34.70 9.23 -24.11
C ARG A 1470 34.87 10.26 -25.22
N LEU A 1471 34.15 11.38 -25.12
CA LEU A 1471 34.20 12.44 -26.11
C LEU A 1471 34.91 13.65 -25.54
N LEU A 1472 35.26 14.58 -26.43
CA LEU A 1472 35.68 15.92 -26.05
C LEU A 1472 34.73 16.93 -26.68
N VAL A 1473 34.12 17.80 -25.88
CA VAL A 1473 33.12 18.71 -26.40
C VAL A 1473 33.46 20.15 -26.07
N GLU A 1474 32.94 21.07 -26.88
CA GLU A 1474 33.06 22.50 -26.65
C GLU A 1474 31.81 23.18 -27.15
N ASP A 1475 31.58 24.39 -26.67
CA ASP A 1475 30.28 25.02 -26.87
C ASP A 1475 30.39 26.50 -27.16
N GLY A 1476 31.57 26.98 -27.52
CA GLY A 1476 31.75 28.40 -27.62
C GLY A 1476 32.18 29.08 -26.34
N THR A 1477 32.38 28.34 -25.26
CA THR A 1477 32.97 29.01 -24.11
C THR A 1477 33.67 28.13 -23.09
N ALA A 1478 33.69 26.80 -23.23
CA ALA A 1478 34.47 26.00 -22.30
C ALA A 1478 34.79 24.63 -22.86
N GLU A 1479 35.83 24.03 -22.30
CA GLU A 1479 36.19 22.66 -22.60
C GLU A 1479 35.47 21.72 -21.63
N ALA A 1480 35.16 20.51 -22.09
CA ALA A 1480 34.65 19.50 -21.16
C ALA A 1480 34.77 18.12 -21.80
N VAL A 1481 35.08 17.13 -20.96
CA VAL A 1481 35.17 15.75 -21.41
C VAL A 1481 33.94 15.01 -20.91
N VAL A 1482 33.26 14.32 -21.81
CA VAL A 1482 32.01 13.63 -21.53
C VAL A 1482 32.26 12.14 -21.67
N THR A 1483 31.96 11.39 -20.62
CA THR A 1483 32.00 9.94 -20.69
C THR A 1483 30.59 9.44 -20.92
N CYS A 1484 30.44 8.45 -21.81
CA CYS A 1484 29.12 8.04 -22.24
C CYS A 1484 29.05 6.51 -22.27
N ARG A 1485 27.96 5.96 -21.74
CA ARG A 1485 27.89 4.55 -21.39
C ARG A 1485 26.75 3.84 -22.10
N ASN A 1486 26.89 2.52 -22.26
CA ASN A 1486 25.81 1.69 -22.75
C ASN A 1486 25.32 2.16 -24.11
N HIS A 1487 24.14 1.70 -24.52
CA HIS A 1487 23.61 1.96 -25.85
C HIS A 1487 23.86 3.38 -26.34
N HIS A 1488 23.86 4.36 -25.45
CA HIS A 1488 24.06 5.75 -25.88
C HIS A 1488 25.13 5.84 -26.95
N VAL A 1489 26.19 5.05 -26.81
CA VAL A 1489 27.29 5.18 -27.77
C VAL A 1489 26.73 5.20 -29.18
N ALA A 1490 25.71 4.40 -29.44
CA ALA A 1490 25.14 4.35 -30.79
C ALA A 1490 24.66 5.73 -31.22
N ALA A 1491 24.28 6.58 -30.27
CA ALA A 1491 23.92 7.95 -30.60
C ALA A 1491 25.13 8.86 -30.62
N ALA A 1492 26.17 8.54 -29.86
CA ALA A 1492 27.39 9.33 -29.93
C ALA A 1492 28.04 9.18 -31.30
N LEU A 1493 28.18 7.95 -31.78
CA LEU A 1493 28.63 7.77 -33.15
C LEU A 1493 27.56 8.14 -34.16
N GLY A 1494 26.37 8.55 -33.72
CA GLY A 1494 25.33 8.94 -34.64
C GLY A 1494 24.81 7.84 -35.53
N LEU A 1495 25.17 6.59 -35.25
CA LEU A 1495 24.69 5.47 -36.06
C LEU A 1495 23.22 5.21 -35.81
N CYS A 1496 22.48 4.93 -36.87
CA CYS A 1496 21.12 4.45 -36.71
C CYS A 1496 21.15 3.11 -35.97
N PRO A 1497 20.23 2.87 -35.05
CA PRO A 1497 20.32 1.65 -34.24
C PRO A 1497 20.50 0.38 -35.06
N ARG A 1498 19.85 0.26 -36.21
CA ARG A 1498 19.91 -0.97 -36.99
C ARG A 1498 21.33 -1.26 -37.44
N GLU A 1499 21.96 -0.27 -38.09
CA GLU A 1499 23.32 -0.44 -38.57
C GLU A 1499 24.29 -0.65 -37.40
N TRP A 1500 24.05 0.04 -36.29
CA TRP A 1500 24.90 -0.16 -35.12
C TRP A 1500 24.81 -1.60 -34.62
N ALA A 1501 23.61 -2.15 -34.62
CA ALA A 1501 23.43 -3.55 -34.23
C ALA A 1501 24.16 -4.46 -35.20
N SER A 1502 24.09 -4.16 -36.49
CA SER A 1502 24.85 -4.93 -37.47
C SER A 1502 26.34 -4.92 -37.11
N LEU A 1503 26.87 -3.73 -36.86
CA LEU A 1503 28.28 -3.62 -36.51
C LEU A 1503 28.59 -4.46 -35.28
N LEU A 1504 27.78 -4.32 -34.24
CA LEU A 1504 27.99 -5.09 -33.03
C LEU A 1504 27.95 -6.59 -33.34
N ASP A 1505 27.09 -7.00 -34.26
CA ASP A 1505 27.13 -8.38 -34.72
C ASP A 1505 28.53 -8.73 -35.17
N PHE A 1506 29.17 -7.82 -35.91
CA PHE A 1506 30.53 -8.08 -36.33
C PHE A 1506 31.46 -8.19 -35.12
N VAL A 1507 31.50 -7.14 -34.28
CA VAL A 1507 32.48 -7.09 -33.20
C VAL A 1507 32.31 -8.28 -32.27
N GLN A 1508 31.14 -8.92 -32.31
CA GLN A 1508 30.90 -10.11 -31.51
C GLN A 1508 31.93 -11.20 -31.78
N VAL A 1509 32.55 -11.20 -32.95
CA VAL A 1509 33.50 -12.25 -33.33
C VAL A 1509 34.73 -12.14 -32.45
N PRO A 1510 35.40 -10.98 -32.38
CA PRO A 1510 36.49 -10.83 -31.41
C PRO A 1510 36.01 -10.69 -29.98
N GLY A 1511 34.77 -10.25 -29.76
CA GLY A 1511 34.23 -10.18 -28.42
C GLY A 1511 34.66 -8.96 -27.63
N ARG A 1512 35.92 -8.55 -27.80
CA ARG A 1512 36.45 -7.36 -27.15
C ARG A 1512 37.17 -6.52 -28.20
N VAL A 1513 36.89 -5.21 -28.20
CA VAL A 1513 37.50 -4.28 -29.15
C VAL A 1513 37.82 -3.00 -28.40
N VAL A 1514 39.09 -2.60 -28.44
CA VAL A 1514 39.57 -1.43 -27.72
C VAL A 1514 40.36 -0.57 -28.69
N LEU A 1515 40.13 0.73 -28.63
CA LEU A 1515 40.88 1.70 -29.42
C LEU A 1515 41.29 2.83 -28.51
N GLN A 1516 42.50 3.34 -28.72
CA GLN A 1516 42.92 4.58 -28.08
C GLN A 1516 43.60 5.45 -29.13
N PHE A 1517 43.17 6.70 -29.23
CA PHE A 1517 43.63 7.60 -30.26
C PHE A 1517 44.54 8.65 -29.64
N ALA A 1518 45.76 8.77 -30.19
CA ALA A 1518 46.75 9.68 -29.63
C ALA A 1518 46.19 11.08 -29.44
N GLY A 1519 45.15 11.43 -30.19
CA GLY A 1519 44.53 12.73 -30.06
C GLY A 1519 43.73 13.14 -31.28
N PRO A 1520 43.33 14.41 -31.31
CA PRO A 1520 42.54 14.93 -32.45
C PRO A 1520 43.31 14.82 -33.76
N GLY A 1521 42.67 14.21 -34.76
CA GLY A 1521 43.25 14.03 -36.08
C GLY A 1521 44.40 13.06 -36.16
N ALA A 1522 44.77 12.41 -35.05
CA ALA A 1522 45.94 11.56 -35.00
C ALA A 1522 45.57 10.09 -35.14
N GLN A 1523 46.59 9.26 -35.37
CA GLN A 1523 46.38 7.84 -35.52
C GLN A 1523 46.13 7.19 -34.17
N LEU A 1524 45.54 5.99 -34.22
CA LEU A 1524 45.39 5.16 -33.04
C LEU A 1524 46.69 5.10 -32.26
N GLU A 1525 46.61 5.33 -30.94
CA GLU A 1525 47.81 5.40 -30.12
C GLU A 1525 48.35 4.00 -29.82
N SER A 1526 49.43 3.96 -29.04
CA SER A 1526 50.13 2.70 -28.78
C SER A 1526 49.22 1.67 -28.12
N SER A 1527 48.22 2.09 -27.36
CA SER A 1527 47.40 1.16 -26.60
C SER A 1527 46.46 0.33 -27.47
N ALA A 1528 46.51 0.45 -28.80
CA ALA A 1528 45.65 -0.35 -29.66
C ALA A 1528 46.36 -0.58 -30.99
N ARG A 1529 45.89 -1.57 -31.73
CA ARG A 1529 46.54 -2.03 -32.95
C ARG A 1529 45.64 -1.77 -34.16
N VAL A 1530 46.26 -1.57 -35.32
CA VAL A 1530 45.60 -0.97 -36.47
C VAL A 1530 45.35 -1.96 -37.60
N ASP A 1531 45.81 -3.21 -37.50
CA ASP A 1531 45.88 -4.07 -38.66
C ASP A 1531 44.49 -4.38 -39.22
N GLU A 1532 43.51 -4.60 -38.35
CA GLU A 1532 42.22 -5.10 -38.82
C GLU A 1532 41.58 -4.09 -39.76
N PRO A 1533 41.11 -4.51 -40.94
CA PRO A 1533 40.34 -3.59 -41.77
C PRO A 1533 39.21 -2.94 -40.99
N MET A 1534 38.52 -3.71 -40.16
CA MET A 1534 37.50 -3.14 -39.30
C MET A 1534 38.09 -2.03 -38.42
N THR A 1535 39.33 -2.22 -37.96
CA THR A 1535 39.95 -1.20 -37.14
C THR A 1535 40.12 0.09 -37.92
N MET A 1536 40.63 -0.01 -39.15
CA MET A 1536 40.76 1.18 -39.98
C MET A 1536 39.40 1.84 -40.19
N PHE A 1537 38.38 1.02 -40.45
CA PHE A 1537 37.03 1.54 -40.62
C PHE A 1537 36.63 2.38 -39.42
N LEU A 1538 36.68 1.78 -38.24
CA LEU A 1538 36.36 2.50 -37.01
C LEU A 1538 37.17 3.78 -36.92
N TRP A 1539 38.48 3.68 -37.10
CA TRP A 1539 39.36 4.82 -36.91
C TRP A 1539 38.93 5.98 -37.81
N THR A 1540 38.83 5.72 -39.11
CA THR A 1540 38.29 6.71 -40.03
C THR A 1540 36.99 7.29 -39.49
N LEU A 1541 36.07 6.40 -39.15
CA LEU A 1541 34.75 6.84 -38.67
C LEU A 1541 34.90 7.77 -37.47
N CYS A 1542 35.82 7.45 -36.56
CA CYS A 1542 36.08 8.35 -35.44
C CYS A 1542 36.81 9.61 -35.85
N THR A 1543 37.21 9.74 -37.11
CA THR A 1543 37.90 10.94 -37.58
C THR A 1543 37.14 11.65 -38.68
N SER A 1544 35.96 11.21 -39.03
CA SER A 1544 35.17 11.87 -40.07
C SER A 1544 34.41 13.05 -39.52
N PRO A 1545 34.32 14.15 -40.26
CA PRO A 1545 33.41 15.23 -39.85
C PRO A 1545 32.01 14.72 -39.58
N SER A 1546 31.56 13.70 -40.32
CA SER A 1546 30.22 13.17 -40.08
C SER A 1546 30.04 12.73 -38.64
N VAL A 1547 31.12 12.38 -37.94
CA VAL A 1547 31.03 12.20 -36.50
C VAL A 1547 31.22 13.55 -35.82
N LEU A 1548 32.29 14.25 -36.15
CA LEU A 1548 32.64 15.49 -35.46
C LEU A 1548 31.65 16.60 -35.75
N ARG A 1549 30.38 16.40 -35.41
CA ARG A 1549 29.31 17.31 -35.75
C ARG A 1549 28.91 18.18 -34.56
N PRO A 1550 27.83 18.96 -34.65
CA PRO A 1550 27.24 19.54 -33.44
C PRO A 1550 26.16 18.62 -32.89
N ILE A 1551 25.97 18.70 -31.57
CA ILE A 1551 24.94 17.88 -30.92
C ILE A 1551 24.48 18.60 -29.66
N VAL A 1552 23.23 18.36 -29.30
CA VAL A 1552 22.65 18.89 -28.08
C VAL A 1552 22.82 17.83 -27.00
N LEU A 1553 23.65 18.12 -26.01
CA LEU A 1553 23.96 17.18 -24.94
C LEU A 1553 23.22 17.60 -23.68
N SER A 1554 22.72 16.63 -22.92
CA SER A 1554 22.26 16.89 -21.56
C SER A 1554 22.86 15.84 -20.63
N PHE A 1555 23.25 16.30 -19.45
CA PHE A 1555 24.31 15.62 -18.69
C PHE A 1555 24.11 15.89 -17.20
N GLU A 1556 24.87 15.17 -16.39
CA GLU A 1556 24.92 15.39 -14.94
C GLU A 1556 26.35 15.63 -14.50
N LEU A 1557 26.57 16.70 -13.76
CA LEU A 1557 27.92 16.98 -13.28
C LEU A 1557 28.45 15.75 -12.57
N GLU A 1558 29.65 15.31 -12.94
CA GLU A 1558 30.09 13.98 -12.51
C GLU A 1558 30.44 13.94 -11.03
N ARG A 1559 30.80 15.07 -10.42
CA ARG A 1559 31.10 15.12 -8.99
C ARG A 1559 30.15 16.12 -8.32
N LYS A 1560 29.25 15.61 -7.50
CA LYS A 1560 28.19 16.43 -6.94
C LYS A 1560 28.77 17.56 -6.12
N PRO A 1561 28.06 18.69 -6.00
CA PRO A 1561 28.49 19.78 -5.11
C PRO A 1561 28.46 19.39 -3.63
N SER A 1562 29.63 19.43 -2.99
CA SER A 1562 29.77 19.13 -1.57
C SER A 1562 31.21 19.44 -1.20
N LYS A 1563 31.51 19.39 0.11
CA LYS A 1563 32.88 19.53 0.58
C LYS A 1563 33.71 18.28 0.34
N ILE A 1564 33.07 17.16 -0.02
CA ILE A 1564 33.71 15.84 0.12
C ILE A 1564 34.95 15.72 -0.75
N VAL A 1565 34.95 16.37 -1.91
CA VAL A 1565 36.11 16.40 -2.80
C VAL A 1565 36.88 17.69 -2.50
N PRO A 1566 38.10 17.61 -1.97
CA PRO A 1566 38.85 18.84 -1.67
C PRO A 1566 39.20 19.61 -2.93
N LEU A 1567 39.40 20.92 -2.76
CA LEU A 1567 39.88 21.74 -3.87
C LEU A 1567 41.38 21.59 -4.03
N GLU A 1568 41.89 22.04 -5.18
CA GLU A 1568 43.31 21.97 -5.48
C GLU A 1568 43.73 23.23 -6.22
N PRO A 1569 45.01 23.60 -6.14
CA PRO A 1569 45.50 24.75 -6.90
C PRO A 1569 45.66 24.38 -8.37
N PRO A 1570 45.98 25.35 -9.22
CA PRO A 1570 46.04 25.08 -10.66
C PRO A 1570 47.32 24.37 -11.07
N ARG A 1571 47.18 23.48 -12.04
CA ARG A 1571 48.32 22.83 -12.65
C ARG A 1571 48.99 23.78 -13.64
N LEU A 1572 50.14 23.37 -14.16
CA LEU A 1572 50.90 24.17 -15.11
C LEU A 1572 51.02 23.39 -16.41
N GLN A 1573 50.58 23.99 -17.51
CA GLN A 1573 50.59 23.35 -18.81
C GLN A 1573 51.44 24.14 -19.78
N ARG A 1574 52.17 23.42 -20.63
CA ARG A 1574 53.12 24.01 -21.58
C ARG A 1574 52.77 23.51 -22.97
N PHE A 1575 51.97 24.29 -23.69
CA PHE A 1575 51.56 23.89 -25.03
C PHE A 1575 52.77 23.80 -25.96
N GLN A 1576 52.52 23.33 -27.18
CA GLN A 1576 53.57 23.25 -28.18
C GLN A 1576 52.88 23.14 -29.55
N CYS A 1577 52.67 24.29 -30.19
CA CYS A 1577 52.01 24.34 -31.48
C CYS A 1577 52.08 25.78 -31.98
N GLY A 1578 51.44 26.02 -33.12
CA GLY A 1578 51.35 27.36 -33.67
C GLY A 1578 52.72 27.97 -33.91
N GLU A 1579 53.09 28.94 -33.08
CA GLU A 1579 54.36 29.63 -33.23
C GLU A 1579 55.36 29.22 -32.16
N LEU A 1580 55.02 29.37 -30.89
CA LEU A 1580 55.91 29.09 -29.78
C LEU A 1580 55.17 28.35 -28.68
N PRO A 1581 55.90 27.72 -27.76
CA PRO A 1581 55.25 26.98 -26.68
C PRO A 1581 54.66 27.94 -25.64
N PHE A 1582 53.41 27.69 -25.26
CA PHE A 1582 52.72 28.47 -24.26
C PHE A 1582 52.76 27.72 -22.93
N LEU A 1583 53.24 28.38 -21.88
CA LEU A 1583 53.23 27.86 -20.52
C LEU A 1583 52.16 28.62 -19.73
N THR A 1584 51.34 27.89 -18.97
CA THR A 1584 50.17 28.53 -18.39
C THR A 1584 49.68 27.79 -17.15
N HIS A 1585 48.87 28.50 -16.36
CA HIS A 1585 48.07 27.88 -15.30
C HIS A 1585 46.74 27.42 -15.89
N VAL A 1586 46.32 26.22 -15.53
CA VAL A 1586 45.05 25.65 -16.00
C VAL A 1586 44.39 24.89 -14.88
N ASN A 1587 43.08 25.00 -14.78
CA ASN A 1587 42.33 24.15 -13.88
C ASN A 1587 42.22 22.75 -14.48
N PRO A 1588 41.79 21.77 -13.69
CA PRO A 1588 41.60 20.43 -14.24
C PRO A 1588 40.31 20.38 -15.06
N ARG A 1589 40.38 19.74 -16.22
CA ARG A 1589 39.25 19.75 -17.13
C ARG A 1589 38.03 19.08 -16.50
N LEU A 1590 36.85 19.63 -16.80
CA LEU A 1590 35.61 19.03 -16.34
C LEU A 1590 35.58 17.55 -16.71
N ARG A 1591 34.78 16.79 -15.98
CA ARG A 1591 34.36 15.48 -16.41
C ARG A 1591 32.85 15.42 -16.23
N LEU A 1592 32.14 15.00 -17.28
CA LEU A 1592 30.69 15.00 -17.28
C LEU A 1592 30.16 13.66 -17.75
N SER A 1593 29.02 13.24 -17.20
CA SER A 1593 28.41 11.97 -17.52
C SER A 1593 27.22 12.16 -18.44
N CYS A 1594 27.09 11.28 -19.42
CA CYS A 1594 26.12 11.47 -20.48
C CYS A 1594 24.72 11.15 -20.00
N LEU A 1595 23.75 11.80 -20.58
CA LEU A 1595 22.38 11.39 -20.38
C LEU A 1595 21.58 11.42 -21.67
N SER A 1596 21.75 12.45 -22.52
CA SER A 1596 21.03 12.53 -23.78
C SER A 1596 21.91 13.07 -24.89
N ILE A 1597 21.89 12.39 -26.02
CA ILE A 1597 22.50 12.84 -27.26
C ILE A 1597 21.37 13.06 -28.24
N ARG A 1598 21.25 14.27 -28.78
CA ARG A 1598 20.29 14.54 -29.84
C ARG A 1598 20.83 15.57 -30.81
N GLU A 1599 20.73 15.26 -32.11
CA GLU A 1599 21.10 16.22 -33.14
C GLU A 1599 20.19 17.44 -33.08
N SER A 1600 20.63 18.52 -33.70
CA SER A 1600 19.82 19.73 -33.83
C SER A 1600 19.67 20.04 -35.32
N GLU A 1601 18.41 20.02 -35.79
CA GLU A 1601 18.03 20.50 -37.11
C GLU A 1601 18.88 19.91 -38.24
N TYR A 1602 19.48 18.75 -38.01
CA TYR A 1602 20.40 18.14 -38.97
C TYR A 1602 21.39 19.18 -39.48
N SER A 1603 22.34 19.51 -38.62
CA SER A 1603 23.40 20.46 -38.95
C SER A 1603 24.61 19.70 -39.53
N SER A 1604 24.48 19.33 -40.81
CA SER A 1604 25.46 18.49 -41.52
C SER A 1604 25.93 17.31 -40.68
N ARG B 7 45.90 50.35 -20.75
CA ARG B 7 44.72 49.69 -20.11
C ARG B 7 45.16 48.49 -19.28
N CYS B 8 45.24 48.71 -17.97
CA CYS B 8 45.67 47.64 -17.06
C CYS B 8 44.72 46.45 -17.14
N GLU B 9 43.43 46.69 -16.91
CA GLU B 9 42.46 45.59 -16.93
C GLU B 9 42.56 44.81 -18.23
N GLU B 10 42.72 45.51 -19.35
CA GLU B 10 42.91 44.82 -20.62
C GLU B 10 44.23 44.07 -20.64
N GLU B 11 45.26 44.63 -20.01
CA GLU B 11 46.59 43.99 -19.97
C GLU B 11 46.58 42.91 -18.90
N THR B 12 45.95 41.79 -19.25
CA THR B 12 45.76 40.68 -18.33
C THR B 12 47.09 40.00 -18.03
N PRO B 13 47.15 39.17 -16.97
CA PRO B 13 48.42 38.57 -16.56
C PRO B 13 49.22 38.03 -17.73
N SER B 14 50.54 38.06 -17.56
CA SER B 14 51.43 37.72 -18.65
C SER B 14 51.18 36.29 -19.11
N LEU B 15 51.37 36.06 -20.41
CA LEU B 15 51.16 34.79 -21.08
C LEU B 15 49.68 34.42 -21.17
N LEU B 16 48.79 35.18 -20.53
CA LEU B 16 47.35 35.07 -20.77
C LEU B 16 46.83 33.69 -20.40
N TRP B 17 46.95 33.36 -19.11
CA TRP B 17 46.78 31.99 -18.67
C TRP B 17 45.35 31.53 -18.86
N GLY B 18 45.19 30.21 -18.98
CA GLY B 18 43.91 29.61 -19.25
C GLY B 18 43.02 29.50 -18.03
N LEU B 19 43.22 30.36 -17.04
CA LEU B 19 42.23 30.47 -15.99
C LEU B 19 40.88 30.85 -16.59
N ASP B 20 40.89 31.75 -17.56
CA ASP B 20 39.68 32.04 -18.31
C ASP B 20 39.45 30.93 -19.31
N PRO B 21 38.34 30.19 -19.24
CA PRO B 21 38.25 28.93 -20.00
C PRO B 21 38.36 29.11 -21.51
N VAL B 22 37.90 30.23 -22.07
CA VAL B 22 37.74 30.32 -23.51
C VAL B 22 39.01 29.99 -24.26
N PHE B 23 40.16 30.12 -23.61
CA PHE B 23 41.41 29.93 -24.35
C PHE B 23 41.56 28.52 -24.89
N LEU B 24 40.74 27.58 -24.44
CA LEU B 24 40.89 26.20 -24.89
C LEU B 24 39.80 25.76 -25.86
N ALA B 25 38.84 26.62 -26.17
CA ALA B 25 37.65 26.20 -26.93
C ALA B 25 37.28 27.19 -28.01
N PHE B 26 36.85 26.67 -29.15
CA PHE B 26 36.57 27.48 -30.33
C PHE B 26 35.57 28.59 -30.01
N ALA B 27 35.96 29.84 -30.18
CA ALA B 27 35.10 30.97 -29.84
C ALA B 27 34.19 31.36 -31.01
N LYS B 28 33.15 32.14 -30.69
CA LYS B 28 32.11 32.48 -31.66
C LYS B 28 31.86 33.99 -31.76
N LEU B 29 32.76 34.72 -32.41
CA LEU B 29 32.65 36.16 -32.57
C LEU B 29 32.14 36.55 -33.96
N TYR B 30 31.61 37.77 -34.08
CA TYR B 30 31.28 38.30 -35.39
C TYR B 30 32.51 38.29 -36.27
N ILE B 31 32.35 37.93 -37.54
CA ILE B 31 33.51 37.95 -38.42
C ILE B 31 34.14 39.33 -38.43
N ARG B 32 33.33 40.38 -38.47
CA ARG B 32 33.87 41.74 -38.54
C ARG B 32 34.77 42.03 -37.35
N ASP B 33 34.44 41.49 -36.17
CA ASP B 33 35.27 41.73 -35.00
C ASP B 33 36.59 40.98 -35.05
N ILE B 34 36.68 39.93 -35.86
CA ILE B 34 37.89 39.12 -35.84
C ILE B 34 39.10 39.93 -36.21
N LEU B 35 38.93 40.98 -37.01
CA LEU B 35 40.06 41.81 -37.39
C LEU B 35 40.36 42.88 -36.36
N ASP B 36 39.33 43.39 -35.67
CA ASP B 36 39.53 44.48 -34.73
C ASP B 36 40.36 44.08 -33.51
N MET B 37 40.44 42.78 -33.22
CA MET B 37 41.23 42.32 -32.09
C MET B 37 42.72 42.54 -32.33
N LYS B 38 43.46 42.65 -31.23
CA LYS B 38 44.91 42.75 -31.30
C LYS B 38 45.53 41.37 -31.36
N GLU B 39 46.74 41.31 -31.93
CA GLU B 39 47.61 40.17 -31.66
C GLU B 39 48.44 40.49 -30.43
N SER B 40 48.70 39.48 -29.62
CA SER B 40 49.41 39.69 -28.36
C SER B 40 50.86 40.09 -28.64
N ARG B 41 51.29 41.19 -28.04
CA ARG B 41 52.68 41.60 -28.18
C ARG B 41 53.61 40.69 -27.40
N GLN B 42 53.08 39.93 -26.43
CA GLN B 42 53.94 39.04 -25.66
C GLN B 42 54.37 37.84 -26.48
N VAL B 43 53.42 37.20 -27.16
CA VAL B 43 53.77 36.07 -28.01
C VAL B 43 52.97 36.11 -29.30
N PRO B 44 53.52 35.71 -30.43
CA PRO B 44 52.73 35.60 -31.66
C PRO B 44 51.85 34.36 -31.63
N GLY B 45 50.86 34.35 -32.52
CA GLY B 45 49.96 33.23 -32.62
C GLY B 45 48.83 33.22 -31.62
N VAL B 46 48.57 34.35 -30.95
CA VAL B 46 47.47 34.47 -30.00
C VAL B 46 46.96 35.90 -30.04
N PHE B 47 45.67 36.07 -29.81
CA PHE B 47 45.01 37.34 -30.01
C PHE B 47 44.12 37.64 -28.81
N LEU B 48 43.65 38.88 -28.74
CA LEU B 48 42.98 39.37 -27.53
C LEU B 48 41.68 40.07 -27.87
N TYR B 49 40.69 39.88 -27.00
CA TYR B 49 39.41 40.59 -27.09
C TYR B 49 38.89 40.80 -25.68
N ASN B 50 38.73 42.05 -25.29
CA ASN B 50 38.17 42.38 -23.98
C ASN B 50 38.91 41.64 -22.88
N GLY B 51 40.21 41.46 -23.04
CA GLY B 51 41.02 40.73 -22.09
C GLY B 51 41.08 39.24 -22.36
N HIS B 52 39.93 38.60 -22.52
CA HIS B 52 39.91 37.17 -22.75
C HIS B 52 40.83 36.82 -23.90
N PRO B 53 41.75 35.88 -23.72
CA PRO B 53 42.64 35.50 -24.83
C PRO B 53 41.99 34.44 -25.71
N ILE B 54 42.23 34.57 -27.01
CA ILE B 54 41.63 33.70 -28.01
C ILE B 54 42.71 33.07 -28.85
N LYS B 55 42.50 31.83 -29.26
CA LYS B 55 43.38 31.19 -30.22
C LYS B 55 42.54 30.43 -31.23
N GLN B 56 41.54 29.70 -30.75
CA GLN B 56 40.71 28.88 -31.60
C GLN B 56 39.40 29.59 -31.85
N VAL B 57 39.04 29.74 -33.13
CA VAL B 57 37.90 30.56 -33.53
C VAL B 57 36.95 29.74 -34.39
N ASP B 58 35.67 30.08 -34.30
CA ASP B 58 34.60 29.41 -35.03
C ASP B 58 33.82 30.46 -35.78
N VAL B 59 33.65 30.27 -37.08
CA VAL B 59 32.93 31.23 -37.91
C VAL B 59 32.25 30.51 -39.07
N LEU B 60 31.06 30.98 -39.42
CA LEU B 60 30.21 30.36 -40.43
C LEU B 60 29.61 31.46 -41.28
N GLY B 61 29.65 31.28 -42.60
CA GLY B 61 29.17 32.29 -43.51
C GLY B 61 29.02 31.73 -44.92
N THR B 62 29.28 32.53 -45.95
CA THR B 62 29.28 32.02 -47.32
C THR B 62 30.58 32.35 -48.03
N VAL B 63 31.01 31.45 -48.89
CA VAL B 63 32.25 31.61 -49.63
C VAL B 63 31.98 32.48 -50.86
N ILE B 64 32.94 33.32 -51.21
CA ILE B 64 32.73 34.29 -52.28
C ILE B 64 33.89 34.33 -53.27
N GLY B 65 34.99 33.66 -52.97
CA GLY B 65 36.13 33.66 -53.86
C GLY B 65 37.07 32.51 -53.54
N VAL B 66 37.84 32.08 -54.55
CA VAL B 66 38.70 30.92 -54.43
C VAL B 66 40.06 31.20 -55.02
N ARG B 67 41.10 30.70 -54.36
CA ARG B 67 42.43 30.53 -54.94
C ARG B 67 42.88 29.13 -54.58
N GLU B 68 43.09 28.29 -55.58
CA GLU B 68 43.37 26.87 -55.38
C GLU B 68 44.86 26.62 -55.53
N ARG B 69 45.44 25.92 -54.57
CA ARG B 69 46.87 25.63 -54.56
C ARG B 69 47.10 24.13 -54.41
N ASP B 70 48.37 23.75 -54.48
CA ASP B 70 48.74 22.34 -54.45
C ASP B 70 48.54 21.72 -53.08
N ALA B 71 48.81 22.49 -52.03
CA ALA B 71 48.71 21.99 -50.65
C ALA B 71 47.46 22.46 -49.93
N PHE B 72 46.93 23.61 -50.32
CA PHE B 72 45.79 24.19 -49.64
C PHE B 72 44.91 24.89 -50.65
N TYR B 73 43.66 25.10 -50.25
CA TYR B 73 42.82 26.09 -50.90
C TYR B 73 42.82 27.36 -50.06
N SER B 74 42.36 28.45 -50.67
CA SER B 74 42.21 29.72 -49.99
C SER B 74 40.83 30.25 -50.35
N TYR B 75 39.91 30.20 -49.40
CA TYR B 75 38.52 30.55 -49.63
C TYR B 75 38.22 31.87 -48.97
N GLY B 76 37.80 32.85 -49.76
CA GLY B 76 37.25 34.07 -49.20
C GLY B 76 35.88 33.80 -48.64
N VAL B 77 35.60 34.35 -47.46
CA VAL B 77 34.36 34.05 -46.76
C VAL B 77 33.78 35.33 -46.20
N ASP B 78 32.46 35.45 -46.31
CA ASP B 78 31.70 36.58 -45.83
C ASP B 78 30.71 36.12 -44.79
N ASP B 79 30.43 36.99 -43.82
CA ASP B 79 29.22 36.87 -43.00
C ASP B 79 28.78 38.28 -42.64
N SER B 80 28.04 38.89 -43.55
CA SER B 80 27.24 40.07 -43.24
C SER B 80 28.10 41.19 -42.72
N THR B 81 28.56 41.07 -41.47
CA THR B 81 29.29 42.16 -40.85
C THR B 81 30.62 42.41 -41.54
N GLY B 82 31.21 41.39 -42.14
CA GLY B 82 32.55 41.55 -42.68
C GLY B 82 32.96 40.35 -43.51
N VAL B 83 34.25 40.31 -43.85
CA VAL B 83 34.82 39.33 -44.76
C VAL B 83 36.24 39.01 -44.33
N ILE B 84 36.70 37.81 -44.70
CA ILE B 84 38.09 37.42 -44.48
C ILE B 84 38.42 36.34 -45.50
N ASN B 85 39.66 35.86 -45.50
CA ASN B 85 40.07 34.72 -46.31
C ASN B 85 40.59 33.62 -45.39
N CYS B 86 40.44 32.36 -45.82
CA CYS B 86 40.68 31.22 -44.95
C CYS B 86 41.56 30.20 -45.64
N ILE B 87 42.65 29.81 -44.96
CA ILE B 87 43.62 28.84 -45.47
C ILE B 87 43.12 27.45 -45.11
N CYS B 88 42.62 26.71 -46.11
CA CYS B 88 42.01 25.41 -45.87
C CYS B 88 42.96 24.34 -46.38
N TRP B 89 43.84 23.87 -45.51
CA TRP B 89 44.79 22.84 -45.88
C TRP B 89 44.05 21.63 -46.44
N LYS B 90 44.59 21.08 -47.51
CA LYS B 90 43.97 19.92 -48.13
C LYS B 90 44.46 18.64 -47.47
N LYS B 91 43.93 17.52 -47.95
CA LYS B 91 44.40 16.21 -47.53
C LYS B 91 44.21 15.23 -48.68
N LEU B 92 45.22 14.40 -48.91
CA LEU B 92 45.14 13.39 -49.95
C LEU B 92 44.64 12.07 -49.38
N ASN B 93 44.34 11.14 -50.28
CA ASN B 93 43.81 9.83 -49.91
C ASN B 93 44.89 8.75 -49.95
N THR B 94 46.11 9.08 -49.50
CA THR B 94 47.17 8.09 -49.51
C THR B 94 46.70 6.81 -48.85
N GLU B 95 47.30 5.68 -49.25
CA GLU B 95 46.82 4.35 -48.89
C GLU B 95 45.37 4.17 -49.34
N SER B 96 45.23 4.02 -50.66
CA SER B 96 43.91 3.98 -51.28
C SER B 96 43.18 2.69 -50.94
N VAL B 97 41.91 2.83 -50.58
CA VAL B 97 41.05 1.69 -50.29
C VAL B 97 40.42 1.23 -51.60
N SER B 98 40.66 -0.02 -51.95
CA SER B 98 40.15 -0.55 -53.21
C SER B 98 38.68 -0.95 -53.06
N ALA B 99 38.04 -1.16 -54.21
CA ALA B 99 36.65 -1.61 -54.28
C ALA B 99 36.64 -3.01 -54.89
N ALA B 100 36.35 -4.02 -54.07
CA ALA B 100 36.43 -5.41 -54.48
C ALA B 100 35.19 -6.15 -54.00
N PRO B 101 34.86 -7.27 -54.64
CA PRO B 101 33.76 -8.12 -54.13
C PRO B 101 34.22 -8.97 -52.95
N SER B 102 34.40 -8.31 -51.81
CA SER B 102 34.81 -8.98 -50.61
C SER B 102 33.65 -9.78 -50.02
N ALA B 103 33.95 -10.57 -48.98
CA ALA B 103 32.92 -11.36 -48.33
C ALA B 103 31.89 -10.45 -47.67
N ALA B 104 30.88 -11.05 -47.02
CA ALA B 104 29.81 -10.27 -46.44
C ALA B 104 30.34 -9.19 -45.48
N ARG B 105 31.09 -9.61 -44.46
CA ARG B 105 31.58 -8.65 -43.48
C ARG B 105 32.54 -7.66 -44.12
N GLU B 106 33.54 -8.17 -44.85
CA GLU B 106 34.51 -7.27 -45.48
C GLU B 106 33.84 -6.37 -46.50
N LEU B 107 32.96 -6.93 -47.32
CA LEU B 107 32.23 -6.10 -48.27
C LEU B 107 31.47 -5.00 -47.55
N SER B 108 30.81 -5.34 -46.45
CA SER B 108 30.03 -4.34 -45.72
C SER B 108 30.93 -3.26 -45.14
N LEU B 109 32.06 -3.67 -44.57
CA LEU B 109 33.01 -2.71 -44.02
C LEU B 109 33.49 -1.76 -45.10
N THR B 110 33.98 -2.32 -46.20
CA THR B 110 34.48 -1.50 -47.30
C THR B 110 33.38 -0.57 -47.83
N SER B 111 32.17 -1.09 -47.96
CA SER B 111 31.07 -0.30 -48.51
C SER B 111 30.75 0.86 -47.59
N GLN B 112 30.57 0.60 -46.30
CA GLN B 112 30.28 1.67 -45.36
C GLN B 112 31.41 2.68 -45.33
N LEU B 113 32.65 2.21 -45.38
CA LEU B 113 33.80 3.11 -45.45
C LEU B 113 33.68 3.99 -46.69
N LYS B 114 33.27 3.41 -47.81
CA LYS B 114 33.14 4.18 -49.04
C LYS B 114 32.02 5.19 -48.93
N LYS B 115 30.90 4.79 -48.34
CA LYS B 115 29.81 5.73 -48.11
C LYS B 115 30.34 6.94 -47.33
N LEU B 116 30.98 6.65 -46.20
CA LEU B 116 31.53 7.71 -45.37
C LEU B 116 32.51 8.58 -46.16
N GLN B 117 33.37 7.95 -46.96
CA GLN B 117 34.39 8.70 -47.68
C GLN B 117 33.76 9.62 -48.72
N GLU B 118 32.86 9.08 -49.53
CA GLU B 118 32.24 9.88 -50.59
C GLU B 118 31.42 11.01 -49.99
N THR B 119 30.68 10.74 -48.91
CA THR B 119 29.90 11.81 -48.32
C THR B 119 30.82 12.85 -47.69
N ILE B 120 31.94 12.42 -47.11
CA ILE B 120 32.93 13.38 -46.63
C ILE B 120 33.39 14.27 -47.77
N GLU B 121 33.66 13.68 -48.94
CA GLU B 121 34.06 14.48 -50.09
C GLU B 121 32.99 15.51 -50.40
N GLN B 122 31.73 15.07 -50.46
CA GLN B 122 30.65 15.98 -50.77
C GLN B 122 30.57 17.11 -49.75
N LYS B 123 30.87 16.82 -48.48
CA LYS B 123 30.91 17.88 -47.48
C LYS B 123 32.13 18.77 -47.66
N THR B 124 33.21 18.24 -48.21
CA THR B 124 34.46 18.97 -48.33
C THR B 124 34.46 19.86 -49.58
N LYS B 125 34.04 19.32 -50.71
CA LYS B 125 34.01 20.09 -51.94
C LYS B 125 33.00 21.22 -51.81
N ILE B 126 33.22 22.28 -52.59
CA ILE B 126 32.61 23.57 -52.29
C ILE B 126 32.60 24.40 -53.56
N GLU B 127 31.63 25.30 -53.64
CA GLU B 127 31.54 26.25 -54.74
C GLU B 127 31.05 27.58 -54.20
N ILE B 128 31.39 28.66 -54.90
CA ILE B 128 31.08 30.01 -54.44
C ILE B 128 29.60 30.11 -54.08
N GLY B 129 29.28 31.05 -53.19
CA GLY B 129 27.92 31.26 -52.75
C GLY B 129 27.42 30.26 -51.75
N ASP B 130 28.15 29.18 -51.50
CA ASP B 130 27.67 28.17 -50.56
C ASP B 130 27.97 28.59 -49.13
N THR B 131 27.26 27.96 -48.21
CA THR B 131 27.49 28.17 -46.79
C THR B 131 28.58 27.24 -46.31
N ILE B 132 29.49 27.77 -45.51
CA ILE B 132 30.70 27.04 -45.12
C ILE B 132 30.98 27.27 -43.64
N ARG B 133 31.39 26.20 -42.95
CA ARG B 133 31.81 26.28 -41.56
C ARG B 133 33.27 25.87 -41.46
N VAL B 134 34.00 26.54 -40.57
CA VAL B 134 35.43 26.36 -40.41
C VAL B 134 35.76 26.42 -38.92
N ARG B 135 36.51 25.43 -38.46
CA ARG B 135 37.08 25.44 -37.12
C ARG B 135 38.59 25.58 -37.25
N GLY B 136 39.15 26.57 -36.58
CA GLY B 136 40.58 26.82 -36.71
C GLY B 136 41.03 27.99 -35.87
N SER B 137 42.19 28.54 -36.24
CA SER B 137 42.89 29.54 -35.43
C SER B 137 43.27 30.74 -36.28
N ILE B 138 43.65 31.83 -35.60
CA ILE B 138 43.99 33.07 -36.29
C ILE B 138 45.47 33.05 -36.66
N ARG B 139 45.76 33.36 -37.92
CA ARG B 139 47.12 33.57 -38.41
C ARG B 139 47.15 34.84 -39.23
N THR B 140 48.36 35.37 -39.43
CA THR B 140 48.56 36.58 -40.23
C THR B 140 49.73 36.38 -41.16
N TYR B 141 49.63 36.95 -42.37
CA TYR B 141 50.66 36.77 -43.37
C TYR B 141 50.55 37.91 -44.37
N ARG B 142 51.71 38.37 -44.86
CA ARG B 142 51.78 39.52 -45.76
C ARG B 142 51.11 40.74 -45.14
N GLU B 143 51.11 40.81 -43.82
CA GLU B 143 50.44 41.81 -43.00
C GLU B 143 48.93 41.54 -42.92
N GLU B 144 48.40 40.58 -43.67
CA GLU B 144 46.96 40.31 -43.69
C GLU B 144 46.60 39.22 -42.69
N ARG B 145 45.47 39.40 -42.01
CA ARG B 145 44.97 38.43 -41.05
C ARG B 145 44.04 37.42 -41.73
N GLU B 146 44.12 36.15 -41.30
CA GLU B 146 43.38 35.07 -41.93
C GLU B 146 43.10 33.98 -40.91
N ILE B 147 42.37 32.95 -41.32
CA ILE B 147 42.09 31.79 -40.50
C ILE B 147 42.68 30.55 -41.17
N HIS B 148 43.45 29.78 -40.41
CA HIS B 148 43.89 28.45 -40.82
C HIS B 148 42.98 27.45 -40.13
N ALA B 149 42.19 26.74 -40.93
CA ALA B 149 41.13 25.93 -40.39
C ALA B 149 41.67 24.58 -39.93
N THR B 150 41.24 24.15 -38.75
CA THR B 150 41.48 22.77 -38.35
C THR B 150 40.52 21.84 -39.08
N THR B 151 39.25 22.21 -39.13
CA THR B 151 38.25 21.44 -39.84
C THR B 151 37.29 22.38 -40.55
N TYR B 152 36.79 21.94 -41.71
CA TYR B 152 35.82 22.73 -42.46
C TYR B 152 34.86 21.78 -43.16
N TYR B 153 33.58 22.13 -43.19
CA TYR B 153 32.61 21.31 -43.90
C TYR B 153 31.45 22.16 -44.39
N LYS B 154 30.87 21.71 -45.50
CA LYS B 154 29.72 22.36 -46.12
C LYS B 154 28.52 22.28 -45.18
N VAL B 155 27.86 23.40 -44.97
CA VAL B 155 26.66 23.45 -44.16
C VAL B 155 25.49 23.02 -45.03
N ASP B 156 24.90 21.87 -44.74
CA ASP B 156 23.92 21.26 -45.63
C ASP B 156 22.51 21.82 -45.44
N ASP B 157 22.35 23.06 -44.97
CA ASP B 157 21.01 23.55 -44.70
C ASP B 157 20.31 23.93 -46.01
N PRO B 158 19.06 23.53 -46.20
CA PRO B 158 18.32 24.03 -47.38
C PRO B 158 17.73 25.41 -47.20
N VAL B 159 17.71 25.96 -45.99
CA VAL B 159 17.05 27.23 -45.73
C VAL B 159 17.82 27.94 -44.63
N TRP B 160 17.64 29.27 -44.58
CA TRP B 160 18.42 30.15 -43.72
C TRP B 160 18.13 29.99 -42.24
N ASN B 161 17.36 28.98 -41.82
CA ASN B 161 16.95 28.90 -40.43
C ASN B 161 18.14 28.84 -39.49
N ILE B 162 19.13 28.00 -39.78
CA ILE B 162 20.27 27.89 -38.88
C ILE B 162 21.11 29.15 -38.92
N GLN B 163 21.28 29.73 -40.10
CA GLN B 163 21.93 31.03 -40.18
C GLN B 163 21.19 32.03 -39.31
N ILE B 164 19.85 31.98 -39.36
CA ILE B 164 19.04 32.88 -38.57
C ILE B 164 19.33 32.66 -37.09
N ALA B 165 19.40 31.40 -36.68
CA ALA B 165 19.67 31.08 -35.30
C ALA B 165 21.00 31.69 -34.87
N ARG B 166 22.03 31.47 -35.65
CA ARG B 166 23.34 32.01 -35.29
C ARG B 166 23.30 33.52 -35.22
N MET B 167 22.66 34.15 -36.20
CA MET B 167 22.58 35.61 -36.22
C MET B 167 21.90 36.13 -34.96
N LEU B 168 20.82 35.48 -34.55
CA LEU B 168 20.14 35.91 -33.33
C LEU B 168 20.99 35.62 -32.11
N GLU B 169 21.79 34.55 -32.16
CA GLU B 169 22.51 34.11 -30.98
C GLU B 169 23.66 35.03 -30.65
N LEU B 170 24.55 35.23 -31.62
CA LEU B 170 25.85 35.83 -31.36
C LEU B 170 25.77 37.00 -30.38
N PRO B 171 24.80 37.92 -30.51
CA PRO B 171 24.72 38.99 -29.49
C PRO B 171 24.52 38.43 -28.11
N THR B 172 23.73 37.37 -28.00
CA THR B 172 23.46 36.77 -26.70
C THR B 172 24.76 36.28 -26.05
N ILE B 173 25.51 35.45 -26.76
CA ILE B 173 26.75 34.93 -26.19
C ILE B 173 27.72 36.06 -25.92
N TYR B 174 27.77 37.05 -26.81
CA TYR B 174 28.58 38.23 -26.53
C TYR B 174 28.27 38.78 -25.16
N ARG B 175 27.01 39.20 -24.97
CA ARG B 175 26.62 39.86 -23.73
C ARG B 175 26.83 38.96 -22.52
N LYS B 176 26.58 37.66 -22.68
CA LYS B 176 26.68 36.75 -21.56
C LYS B 176 28.12 36.53 -21.14
N VAL B 177 28.96 36.11 -22.09
CA VAL B 177 30.31 35.66 -21.82
C VAL B 177 31.33 36.72 -22.25
N TYR B 178 31.40 37.02 -23.54
CA TYR B 178 32.57 37.70 -24.05
C TYR B 178 32.66 39.13 -23.55
N ASP B 179 31.54 39.79 -23.35
CA ASP B 179 31.60 41.18 -22.87
C ASP B 179 32.15 41.27 -21.46
N GLN B 180 32.20 40.16 -20.72
CA GLN B 180 32.65 40.17 -19.34
C GLN B 180 34.16 40.32 -19.26
N PRO B 181 34.69 41.47 -18.83
CA PRO B 181 36.14 41.67 -18.86
C PRO B 181 36.81 41.18 -17.59
N PHE B 182 36.08 41.18 -16.48
CA PHE B 182 36.69 41.12 -15.16
C PHE B 182 37.60 39.91 -15.02
N HIS B 183 38.58 40.04 -14.13
CA HIS B 183 39.50 38.96 -13.77
C HIS B 183 39.32 38.68 -12.28
N SER B 184 38.86 37.48 -11.96
CA SER B 184 38.53 37.11 -10.59
C SER B 184 39.66 36.38 -9.88
N SER B 185 40.83 36.27 -10.50
CA SER B 185 41.95 35.60 -9.86
C SER B 185 42.42 36.37 -8.64
N ALA B 186 42.85 35.63 -7.62
CA ALA B 186 43.31 36.26 -6.39
C ALA B 186 44.62 37.01 -6.57
N LEU B 187 45.42 36.64 -7.57
CA LEU B 187 46.71 37.28 -7.83
C LEU B 187 47.66 37.06 -6.64
N GLU B 188 48.06 35.79 -6.49
CA GLU B 188 48.94 35.37 -5.39
C GLU B 188 50.39 35.35 -5.88
N LYS B 189 50.93 36.55 -6.07
CA LYS B 189 52.26 36.74 -6.63
C LYS B 189 53.30 36.80 -5.53
N GLU B 190 54.45 36.15 -5.77
CA GLU B 190 55.55 36.22 -4.83
C GLU B 190 56.10 37.65 -4.75
N GLU B 191 56.23 38.31 -5.89
CA GLU B 191 56.63 39.72 -5.96
C GLU B 191 58.09 39.90 -5.54
N ALA B 192 58.97 39.03 -6.02
CA ALA B 192 60.42 39.22 -5.97
C ALA B 192 60.92 39.46 -4.55
N LEU B 193 60.48 38.63 -3.62
CA LEU B 193 61.03 38.63 -2.27
C LEU B 193 62.28 37.77 -2.25
N SER B 194 63.43 38.39 -1.99
CA SER B 194 64.72 37.71 -2.03
C SER B 194 65.01 37.18 -3.43
N ASN B 195 64.55 37.89 -4.46
CA ASN B 195 64.82 37.46 -5.83
C ASN B 195 66.30 37.52 -6.17
N PRO B 196 67.01 38.63 -5.95
CA PRO B 196 68.43 38.67 -6.33
C PRO B 196 69.34 37.85 -5.43
N GLY B 197 68.82 37.35 -4.30
CA GLY B 197 69.62 36.53 -3.40
C GLY B 197 68.75 35.80 -2.40
N ALA B 198 68.86 34.47 -2.38
CA ALA B 198 68.03 33.66 -1.48
C ALA B 198 68.55 33.64 -0.06
N LEU B 199 69.81 33.99 0.16
CA LEU B 199 70.43 34.00 1.49
C LEU B 199 70.41 32.62 2.14
N ASP B 200 70.19 31.57 1.35
CA ASP B 200 70.03 30.22 1.90
C ASP B 200 70.23 29.22 0.78
N LEU B 201 71.32 28.46 0.83
CA LEU B 201 71.59 27.51 -0.24
C LEU B 201 70.44 26.54 -0.47
N PRO B 202 69.73 26.05 0.55
CA PRO B 202 68.53 25.26 0.27
C PRO B 202 67.45 26.04 -0.47
N SER B 203 67.23 27.30 -0.09
CA SER B 203 66.24 28.11 -0.80
C SER B 203 66.69 28.37 -2.22
N LEU B 204 67.98 28.70 -2.41
CA LEU B 204 68.50 28.86 -3.75
C LEU B 204 68.32 27.59 -4.56
N THR B 205 68.53 26.43 -3.92
CA THR B 205 68.36 25.16 -4.62
C THR B 205 66.91 24.93 -5.01
N SER B 206 65.97 25.30 -4.14
CA SER B 206 64.56 25.15 -4.45
C SER B 206 64.18 26.00 -5.66
N LEU B 207 64.55 27.29 -5.63
CA LEU B 207 64.26 28.15 -6.77
C LEU B 207 64.96 27.66 -8.02
N LEU B 208 66.18 27.14 -7.87
CA LEU B 208 66.92 26.61 -9.00
C LEU B 208 66.20 25.42 -9.60
N SER B 209 65.73 24.50 -8.77
CA SER B 209 64.97 23.36 -9.27
C SER B 209 63.70 23.82 -9.97
N GLU B 210 63.02 24.81 -9.40
CA GLU B 210 61.84 25.37 -10.05
C GLU B 210 62.17 25.83 -11.47
N LYS B 211 63.13 26.75 -11.58
CA LYS B 211 63.45 27.27 -12.90
C LYS B 211 63.97 26.18 -13.82
N ALA B 212 64.70 25.20 -13.29
CA ALA B 212 65.31 24.19 -14.14
C ALA B 212 64.28 23.22 -14.67
N LYS B 213 63.36 22.75 -13.83
CA LYS B 213 62.28 21.91 -14.31
C LYS B 213 61.41 22.69 -15.29
N GLU B 214 61.15 23.96 -15.00
CA GLU B 214 60.43 24.79 -15.95
C GLU B 214 61.13 24.75 -17.32
N PHE B 215 62.44 24.99 -17.31
CA PHE B 215 63.19 25.11 -18.56
C PHE B 215 63.27 23.76 -19.27
N LEU B 216 63.36 22.67 -18.52
CA LEU B 216 63.45 21.35 -19.12
C LEU B 216 62.13 20.97 -19.76
N MET B 217 61.03 21.19 -19.04
CA MET B 217 59.71 20.96 -19.63
C MET B 217 59.49 21.85 -20.83
N GLU B 218 60.06 23.06 -20.82
CA GLU B 218 59.97 23.92 -21.98
C GLU B 218 60.70 23.32 -23.17
N ASN B 219 61.96 22.94 -22.97
CA ASN B 219 62.76 22.37 -24.04
C ASN B 219 62.38 20.93 -24.36
N ARG B 220 61.57 20.30 -23.53
CA ARG B 220 61.10 18.93 -23.77
C ARG B 220 62.23 17.92 -23.74
N VAL B 221 63.35 18.26 -23.09
CA VAL B 221 64.48 17.34 -23.06
C VAL B 221 64.13 16.16 -22.17
N GLN B 222 64.31 14.94 -22.71
CA GLN B 222 63.91 13.73 -21.99
C GLN B 222 65.01 13.25 -21.05
N SER B 223 66.27 13.37 -21.48
CA SER B 223 67.40 12.97 -20.65
C SER B 223 68.49 14.02 -20.77
N PHE B 224 69.44 13.98 -19.85
CA PHE B 224 70.44 15.04 -19.79
C PHE B 224 71.51 14.68 -18.78
N TYR B 225 72.76 14.91 -19.15
CA TYR B 225 73.85 14.89 -18.18
C TYR B 225 73.82 16.18 -17.37
N GLN B 226 74.07 16.05 -16.06
CA GLN B 226 73.92 17.19 -15.17
C GLN B 226 74.79 18.36 -15.61
N GLN B 227 75.97 18.10 -16.18
CA GLN B 227 76.80 19.19 -16.67
C GLN B 227 76.11 19.93 -17.81
N GLU B 228 75.35 19.21 -18.64
CA GLU B 228 74.60 19.88 -19.70
C GLU B 228 73.69 20.95 -19.13
N LEU B 229 73.03 20.65 -18.00
CA LEU B 229 72.18 21.64 -17.36
C LEU B 229 73.00 22.72 -16.67
N GLU B 230 74.11 22.34 -16.04
CA GLU B 230 74.94 23.28 -15.31
C GLU B 230 75.53 24.36 -16.20
N MET B 231 75.40 24.24 -17.52
CA MET B 231 75.94 25.22 -18.44
C MET B 231 74.88 26.16 -18.99
N VAL B 232 73.62 26.00 -18.59
CA VAL B 232 72.56 26.86 -19.08
C VAL B 232 72.78 28.28 -18.58
N GLU B 233 72.54 29.26 -19.46
CA GLU B 233 72.80 30.65 -19.10
C GLU B 233 71.87 31.12 -18.00
N SER B 234 70.56 30.96 -18.19
CA SER B 234 69.61 31.46 -17.20
C SER B 234 69.76 30.72 -15.87
N LEU B 235 69.91 29.39 -15.93
CA LEU B 235 70.07 28.62 -14.70
C LEU B 235 71.35 29.00 -13.97
N LEU B 236 72.46 29.14 -14.71
CA LEU B 236 73.69 29.62 -14.11
C LEU B 236 73.46 30.98 -13.44
N SER B 237 72.95 31.95 -14.20
CA SER B 237 72.69 33.28 -13.64
C SER B 237 71.90 33.19 -12.34
N LEU B 238 70.86 32.36 -12.32
CA LEU B 238 70.10 32.18 -11.10
C LEU B 238 70.96 31.60 -9.98
N ALA B 239 71.82 30.65 -10.31
CA ALA B 239 72.57 29.93 -9.29
C ALA B 239 73.71 30.78 -8.73
N ASN B 240 74.38 31.55 -9.58
CA ASN B 240 75.58 32.28 -9.21
C ASN B 240 75.30 33.63 -8.55
N GLN B 241 74.11 33.80 -7.97
CA GLN B 241 73.82 35.03 -7.26
C GLN B 241 74.76 35.18 -6.07
N PRO B 242 74.91 36.40 -5.54
CA PRO B 242 75.92 36.65 -4.51
C PRO B 242 75.84 35.73 -3.30
N VAL B 243 74.69 35.07 -3.11
CA VAL B 243 74.53 34.21 -1.94
C VAL B 243 75.53 33.07 -1.97
N ILE B 244 75.65 32.40 -3.11
CA ILE B 244 76.56 31.26 -3.19
C ILE B 244 78.01 31.74 -3.15
N HIS B 245 78.30 32.90 -3.72
CA HIS B 245 79.64 33.44 -3.65
C HIS B 245 80.04 33.76 -2.21
N SER B 246 79.09 34.26 -1.42
CA SER B 246 79.38 34.58 -0.02
C SER B 246 79.50 33.32 0.82
N ALA B 247 78.67 32.31 0.54
CA ALA B 247 78.73 31.07 1.29
C ALA B 247 80.05 30.34 1.05
N SER B 248 80.49 30.26 -0.20
CA SER B 248 81.73 29.59 -0.57
C SER B 248 82.95 30.48 -0.40
N SER B 249 82.79 31.67 0.18
CA SER B 249 83.90 32.62 0.28
C SER B 249 84.94 32.22 1.32
N ASP B 250 84.66 31.22 2.16
CA ASP B 250 85.63 30.82 3.17
C ASP B 250 86.98 30.48 2.53
N GLN B 251 86.97 29.92 1.32
CA GLN B 251 88.20 29.71 0.56
C GLN B 251 88.50 30.98 -0.24
N VAL B 252 88.92 32.01 0.49
CA VAL B 252 89.16 33.31 -0.11
C VAL B 252 90.16 33.20 -1.25
N ASN B 253 91.22 32.40 -1.05
CA ASN B 253 92.26 32.27 -2.06
C ASN B 253 91.78 31.57 -3.33
N PHE B 254 90.58 30.99 -3.32
CA PHE B 254 90.06 30.26 -4.47
C PHE B 254 88.59 30.59 -4.70
N LYS B 255 88.22 31.86 -4.53
CA LYS B 255 86.83 32.27 -4.71
C LYS B 255 86.22 31.69 -5.97
N LYS B 256 86.91 31.82 -7.10
CA LYS B 256 86.40 31.29 -8.36
C LYS B 256 86.19 29.79 -8.28
N ASP B 257 87.24 29.06 -7.88
CA ASP B 257 87.17 27.60 -7.89
C ASP B 257 86.15 27.09 -6.88
N THR B 258 86.21 27.59 -5.65
CA THR B 258 85.27 27.14 -4.63
C THR B 258 83.84 27.47 -5.02
N THR B 259 83.62 28.65 -5.62
CA THR B 259 82.26 29.04 -5.97
C THR B 259 81.74 28.21 -7.14
N SER B 260 82.61 27.90 -8.12
CA SER B 260 82.19 27.05 -9.22
C SER B 260 81.88 25.64 -8.73
N LYS B 261 82.69 25.13 -7.80
CA LYS B 261 82.40 23.82 -7.23
C LYS B 261 81.11 23.83 -6.44
N ALA B 262 80.86 24.92 -5.70
CA ALA B 262 79.60 25.04 -4.97
C ALA B 262 78.42 25.14 -5.92
N ILE B 263 78.62 25.78 -7.09
CA ILE B 263 77.56 25.86 -8.08
C ILE B 263 77.25 24.48 -8.65
N HIS B 264 78.29 23.71 -8.96
CA HIS B 264 78.07 22.33 -9.41
C HIS B 264 77.37 21.52 -8.34
N SER B 265 77.77 21.70 -7.08
CA SER B 265 77.16 20.95 -5.99
C SER B 265 75.70 21.34 -5.80
N ILE B 266 75.37 22.62 -5.92
CA ILE B 266 73.98 23.03 -5.75
C ILE B 266 73.15 22.64 -6.95
N PHE B 267 73.75 22.55 -8.14
CA PHE B 267 73.06 21.92 -9.26
C PHE B 267 72.74 20.47 -8.97
N LYS B 268 73.74 19.72 -8.49
CA LYS B 268 73.50 18.37 -8.04
C LYS B 268 72.37 18.31 -7.03
N ASN B 269 72.36 19.26 -6.10
CA ASN B 269 71.32 19.31 -5.07
C ASN B 269 69.96 19.56 -5.68
N ALA B 270 69.88 20.42 -6.69
CA ALA B 270 68.61 20.70 -7.34
C ALA B 270 68.07 19.45 -8.05
N ILE B 271 68.94 18.79 -8.82
CA ILE B 271 68.49 17.58 -9.52
C ILE B 271 68.13 16.50 -8.52
N GLN B 272 68.83 16.46 -7.38
CA GLN B 272 68.47 15.50 -6.35
C GLN B 272 67.11 15.83 -5.73
N LEU B 273 66.82 17.11 -5.55
CA LEU B 273 65.49 17.51 -5.10
C LEU B 273 64.44 17.07 -6.11
N LEU B 274 64.77 17.15 -7.40
CA LEU B 274 63.83 16.67 -8.42
C LEU B 274 63.61 15.17 -8.29
N GLN B 275 64.69 14.42 -8.09
CA GLN B 275 64.53 12.98 -7.84
C GLN B 275 63.64 12.74 -6.63
N GLU B 276 63.88 13.48 -5.55
CA GLU B 276 63.07 13.35 -4.35
C GLU B 276 61.60 13.63 -4.66
N LYS B 277 61.34 14.62 -5.49
CA LYS B 277 59.99 14.95 -5.91
C LYS B 277 59.58 14.19 -7.17
N GLY B 278 60.41 13.27 -7.65
CA GLY B 278 60.00 12.35 -8.69
C GLY B 278 59.97 12.90 -10.09
N LEU B 279 60.46 14.12 -10.32
CA LEU B 279 60.45 14.65 -11.68
C LEU B 279 61.48 13.94 -12.55
N VAL B 280 62.70 13.77 -12.05
CA VAL B 280 63.79 13.17 -12.81
C VAL B 280 64.32 11.98 -12.03
N PHE B 281 65.06 11.13 -12.73
CA PHE B 281 65.64 9.95 -12.10
C PHE B 281 66.81 9.46 -12.94
N GLN B 282 67.77 8.83 -12.26
CA GLN B 282 68.94 8.25 -12.92
C GLN B 282 68.64 6.81 -13.29
N LYS B 283 68.43 6.56 -14.58
CA LYS B 283 68.26 5.19 -15.04
C LYS B 283 69.47 4.36 -14.62
N ASP B 284 69.33 3.04 -14.77
CA ASP B 284 70.44 2.12 -14.52
C ASP B 284 71.41 2.17 -15.71
N ASP B 285 71.89 3.39 -15.98
CA ASP B 285 72.79 3.63 -17.11
C ASP B 285 74.25 3.48 -16.75
N GLY B 286 74.58 3.25 -15.48
CA GLY B 286 75.95 3.15 -15.06
C GLY B 286 76.69 4.47 -14.95
N PHE B 287 76.03 5.59 -15.24
CA PHE B 287 76.65 6.90 -15.14
C PHE B 287 76.33 7.54 -13.79
N ASP B 288 77.12 8.57 -13.46
CA ASP B 288 77.04 9.22 -12.16
C ASP B 288 76.21 10.48 -12.14
N ASN B 289 76.04 11.15 -13.29
CA ASN B 289 75.28 12.39 -13.33
C ASN B 289 74.34 12.44 -14.53
N LEU B 290 73.91 11.29 -15.02
CA LEU B 290 72.92 11.22 -16.09
C LEU B 290 71.54 11.00 -15.50
N TYR B 291 70.56 11.76 -15.99
CA TYR B 291 69.21 11.75 -15.45
C TYR B 291 68.20 11.69 -16.59
N TYR B 292 67.09 11.00 -16.32
CA TYR B 292 65.97 10.92 -17.24
C TYR B 292 64.75 11.55 -16.58
N VAL B 293 64.10 12.46 -17.30
CA VAL B 293 62.97 13.19 -16.74
C VAL B 293 61.72 12.34 -16.88
N THR B 294 60.99 12.18 -15.78
CA THR B 294 59.79 11.36 -15.78
C THR B 294 58.75 11.90 -16.75
N ARG B 295 58.51 13.21 -16.70
CA ARG B 295 57.47 13.81 -17.53
C ARG B 295 57.58 13.36 -18.97
N GLU B 296 58.80 13.36 -19.52
CA GLU B 296 59.03 12.92 -20.87
C GLU B 296 59.14 11.41 -20.99
N ASP B 297 59.05 10.68 -19.88
CA ASP B 297 59.26 9.24 -19.87
C ASP B 297 58.04 8.51 -20.42
N LYS B 298 57.70 8.83 -21.67
CA LYS B 298 56.59 8.15 -22.33
C LYS B 298 56.76 6.64 -22.27
N ASP B 299 58.00 6.16 -22.18
CA ASP B 299 58.23 4.71 -22.13
C ASP B 299 57.63 4.11 -20.88
N LEU B 300 57.97 4.64 -19.72
CA LEU B 300 57.42 4.13 -18.48
C LEU B 300 55.92 4.36 -18.42
N HIS B 301 55.45 5.49 -18.96
CA HIS B 301 54.01 5.72 -19.06
C HIS B 301 53.36 4.56 -19.79
N ARG B 302 53.89 4.22 -20.96
CA ARG B 302 53.33 3.11 -21.73
C ARG B 302 53.35 1.82 -20.95
N LYS B 303 54.48 1.51 -20.30
CA LYS B 303 54.59 0.23 -19.60
C LYS B 303 53.57 0.13 -18.47
N ILE B 304 53.56 1.12 -17.59
CA ILE B 304 52.65 1.10 -16.46
C ILE B 304 51.21 1.19 -16.94
N HIS B 305 50.99 1.74 -18.14
CA HIS B 305 49.65 1.70 -18.72
C HIS B 305 49.33 0.31 -19.24
N ARG B 306 50.33 -0.41 -19.75
CA ARG B 306 50.09 -1.77 -20.20
C ARG B 306 49.62 -2.63 -19.03
N ILE B 307 50.28 -2.49 -17.89
CA ILE B 307 50.11 -3.45 -16.80
C ILE B 307 48.74 -3.34 -16.13
N ILE B 308 47.90 -2.39 -16.56
CA ILE B 308 46.53 -2.37 -16.04
C ILE B 308 45.52 -2.14 -17.16
N GLN B 309 45.86 -1.26 -18.11
CA GLN B 309 45.02 -1.09 -19.29
C GLN B 309 44.59 -2.44 -19.82
N GLN B 310 45.55 -3.32 -20.08
CA GLN B 310 45.25 -4.74 -20.10
C GLN B 310 45.09 -5.19 -18.66
N ASP B 311 43.91 -5.73 -18.32
CA ASP B 311 43.59 -6.01 -16.93
C ASP B 311 44.74 -6.73 -16.25
N CYS B 312 44.91 -6.45 -14.95
CA CYS B 312 46.04 -6.97 -14.20
C CYS B 312 46.25 -8.43 -14.51
N GLN B 313 47.46 -8.76 -14.96
CA GLN B 313 47.72 -10.06 -15.58
C GLN B 313 47.92 -11.16 -14.54
N LYS B 314 48.41 -10.82 -13.34
CA LYS B 314 48.73 -11.87 -12.37
C LYS B 314 47.48 -12.50 -11.81
N PRO B 315 46.45 -11.78 -11.39
CA PRO B 315 45.28 -12.43 -10.79
C PRO B 315 44.37 -13.07 -11.81
N ASN B 316 43.84 -14.24 -11.46
CA ASN B 316 42.80 -14.87 -12.25
C ASN B 316 41.47 -14.14 -12.06
N HIS B 317 41.19 -13.72 -10.84
CA HIS B 317 39.90 -13.10 -10.53
C HIS B 317 39.72 -11.83 -11.35
N MET B 318 38.45 -11.47 -11.57
CA MET B 318 38.07 -10.38 -12.47
C MET B 318 38.31 -9.03 -11.78
N GLU B 319 39.59 -8.69 -11.64
CA GLU B 319 39.96 -7.46 -10.95
C GLU B 319 39.64 -6.24 -11.83
N LYS B 320 39.16 -5.17 -11.20
CA LYS B 320 38.78 -3.93 -11.93
C LYS B 320 40.03 -3.11 -12.29
N GLY B 321 41.16 -3.34 -11.61
CA GLY B 321 42.39 -2.61 -11.84
C GLY B 321 43.53 -3.18 -11.04
N CYS B 322 44.14 -2.37 -10.18
CA CYS B 322 45.20 -2.87 -9.33
C CYS B 322 45.47 -1.89 -8.21
N HIS B 323 46.12 -2.38 -7.17
CA HIS B 323 46.38 -1.60 -5.96
C HIS B 323 47.75 -0.94 -6.05
N PHE B 324 47.84 0.25 -5.46
CA PHE B 324 49.09 1.01 -5.48
C PHE B 324 50.30 0.14 -5.21
N LEU B 325 50.26 -0.61 -4.11
CA LEU B 325 51.41 -1.45 -3.75
C LEU B 325 51.64 -2.53 -4.79
N HIS B 326 50.59 -3.22 -5.25
CA HIS B 326 50.82 -4.26 -6.25
C HIS B 326 51.20 -3.65 -7.59
N ILE B 327 50.66 -2.48 -7.92
CA ILE B 327 51.14 -1.77 -9.09
C ILE B 327 52.66 -1.57 -8.99
N LEU B 328 53.10 -0.96 -7.90
CA LEU B 328 54.52 -0.69 -7.70
C LEU B 328 55.33 -1.98 -7.73
N ALA B 329 54.82 -3.04 -7.11
CA ALA B 329 55.56 -4.29 -7.01
C ALA B 329 55.68 -4.97 -8.35
N CYS B 330 54.58 -5.03 -9.11
CA CYS B 330 54.63 -5.64 -10.43
C CYS B 330 55.50 -4.83 -11.37
N ALA B 331 55.52 -3.50 -11.22
CA ALA B 331 56.43 -2.69 -12.03
C ALA B 331 57.88 -3.02 -11.69
N ARG B 332 58.21 -3.01 -10.40
CA ARG B 332 59.57 -3.33 -9.98
C ARG B 332 59.96 -4.75 -10.39
N LEU B 333 58.99 -5.66 -10.39
CA LEU B 333 59.24 -7.03 -10.80
C LEU B 333 59.54 -7.11 -12.30
N SER B 334 58.70 -6.48 -13.11
CA SER B 334 58.84 -6.60 -14.55
C SER B 334 59.94 -5.71 -15.11
N ILE B 335 60.25 -4.60 -14.46
CA ILE B 335 61.25 -3.67 -14.96
C ILE B 335 62.45 -3.62 -14.02
N ARG B 336 62.33 -2.91 -12.90
CA ARG B 336 63.48 -2.73 -12.04
C ARG B 336 63.06 -2.44 -10.60
N PRO B 337 63.63 -3.13 -9.62
CA PRO B 337 63.32 -2.79 -8.22
C PRO B 337 63.66 -1.35 -7.87
N GLY B 338 64.65 -0.75 -8.52
CA GLY B 338 65.08 0.59 -8.17
C GLY B 338 64.11 1.69 -8.52
N LEU B 339 62.94 1.36 -9.08
CA LEU B 339 61.97 2.38 -9.45
C LEU B 339 61.42 3.05 -8.19
N SER B 340 61.81 4.30 -7.98
CA SER B 340 61.42 5.02 -6.78
C SER B 340 59.91 5.25 -6.74
N GLU B 341 59.37 5.36 -5.53
CA GLU B 341 57.95 5.64 -5.40
C GLU B 341 57.62 7.05 -5.87
N ALA B 342 58.57 7.98 -5.79
CA ALA B 342 58.31 9.35 -6.21
C ALA B 342 57.96 9.40 -7.69
N VAL B 343 58.75 8.74 -8.53
CA VAL B 343 58.46 8.74 -9.95
C VAL B 343 57.15 8.01 -10.22
N LEU B 344 56.88 6.95 -9.46
CA LEU B 344 55.63 6.22 -9.64
C LEU B 344 54.44 7.12 -9.36
N GLN B 345 54.51 7.89 -8.27
CA GLN B 345 53.45 8.83 -7.95
C GLN B 345 53.31 9.88 -9.04
N GLN B 346 54.42 10.42 -9.52
CA GLN B 346 54.37 11.43 -10.57
C GLN B 346 53.68 10.90 -11.81
N VAL B 347 54.05 9.69 -12.24
CA VAL B 347 53.46 9.13 -13.44
C VAL B 347 51.99 8.82 -13.22
N LEU B 348 51.63 8.34 -12.02
CA LEU B 348 50.24 8.06 -11.76
C LEU B 348 49.40 9.33 -11.81
N GLU B 349 49.98 10.46 -11.37
CA GLU B 349 49.29 11.72 -11.51
C GLU B 349 49.13 12.09 -12.98
N LEU B 350 50.23 12.09 -13.72
CA LEU B 350 50.19 12.52 -15.11
C LEU B 350 49.21 11.67 -15.91
N LEU B 351 49.14 10.38 -15.62
CA LEU B 351 48.28 9.50 -16.41
C LEU B 351 46.83 9.93 -16.32
N GLU B 352 46.32 10.12 -15.10
CA GLU B 352 44.94 10.54 -14.95
C GLU B 352 44.76 11.96 -15.47
N ASP B 353 45.80 12.78 -15.47
CA ASP B 353 45.71 14.05 -16.18
C ASP B 353 45.44 13.80 -17.65
N GLN B 354 46.08 12.79 -18.23
CA GLN B 354 45.95 12.47 -19.64
C GLN B 354 44.73 11.61 -19.94
N SER B 355 44.00 11.17 -18.92
CA SER B 355 42.89 10.23 -19.06
C SER B 355 43.36 8.83 -19.40
N ASP B 356 44.60 8.49 -19.06
CA ASP B 356 45.13 7.15 -19.23
C ASP B 356 44.98 6.29 -17.98
N ILE B 357 44.58 6.88 -16.86
CA ILE B 357 44.26 6.14 -15.65
C ILE B 357 43.23 6.93 -14.87
N VAL B 358 42.48 6.25 -14.02
CA VAL B 358 41.44 6.88 -13.22
C VAL B 358 41.53 6.38 -11.79
N SER B 359 41.35 7.29 -10.83
CA SER B 359 41.39 6.96 -9.41
C SER B 359 39.97 6.67 -8.94
N THR B 360 39.58 5.41 -9.05
CA THR B 360 38.31 4.98 -8.46
C THR B 360 38.31 5.23 -6.96
N MET B 361 39.47 5.14 -6.34
CA MET B 361 39.68 5.47 -4.93
C MET B 361 41.13 5.89 -4.79
N GLU B 362 41.55 6.12 -3.56
CA GLU B 362 42.98 6.25 -3.31
C GLU B 362 43.58 4.87 -3.11
N HIS B 363 44.77 4.67 -3.64
CA HIS B 363 45.59 3.46 -3.52
C HIS B 363 45.14 2.33 -4.45
N TYR B 364 44.03 2.48 -5.17
CA TYR B 364 43.63 1.50 -6.17
C TYR B 364 43.17 2.26 -7.40
N TYR B 365 43.58 1.80 -8.58
CA TYR B 365 43.38 2.54 -9.80
C TYR B 365 43.07 1.57 -10.94
N THR B 366 42.48 2.11 -12.00
CA THR B 366 42.10 1.32 -13.16
C THR B 366 42.42 2.13 -14.41
N ALA B 367 42.36 1.46 -15.56
CA ALA B 367 42.63 2.12 -16.84
C ALA B 367 41.91 1.42 -17.99
N MET C 2 40.66 41.24 -55.38
CA MET C 2 40.75 41.61 -53.93
C MET C 2 39.46 41.22 -53.21
N LEU C 3 39.50 41.27 -51.88
CA LEU C 3 38.37 40.83 -51.08
C LEU C 3 37.22 41.83 -51.13
N PRO C 4 36.06 41.48 -51.68
CA PRO C 4 34.99 42.47 -51.84
C PRO C 4 34.43 42.97 -50.51
N LYS C 5 33.73 44.11 -50.60
CA LYS C 5 32.99 44.61 -49.46
C LYS C 5 31.86 43.63 -49.12
N PRO C 6 31.38 43.63 -47.87
CA PRO C 6 30.47 42.57 -47.44
C PRO C 6 29.07 42.68 -48.04
N GLY C 7 28.33 41.58 -47.93
CA GLY C 7 26.92 41.57 -48.23
C GLY C 7 26.09 42.03 -47.04
N THR C 8 26.25 43.29 -46.68
CA THR C 8 25.52 43.83 -45.54
C THR C 8 24.02 43.75 -45.78
N TYR C 9 23.27 43.47 -44.73
CA TYR C 9 21.85 43.17 -44.87
C TYR C 9 21.01 44.42 -45.06
N TYR C 10 20.10 44.36 -46.03
CA TYR C 10 19.13 45.42 -46.27
C TYR C 10 17.85 44.80 -46.78
N LEU C 11 16.78 45.59 -46.73
CA LEU C 11 15.45 45.16 -47.13
C LEU C 11 14.86 46.16 -48.11
N PRO C 12 13.79 45.79 -48.79
CA PRO C 12 13.27 46.66 -49.86
C PRO C 12 12.90 48.05 -49.38
N TRP C 13 12.60 48.22 -48.10
CA TRP C 13 12.17 49.54 -47.63
C TRP C 13 13.25 50.57 -47.85
N GLU C 14 14.51 50.16 -47.76
CA GLU C 14 15.61 51.11 -47.83
C GLU C 14 15.84 51.59 -49.26
N VAL C 15 15.62 50.70 -50.22
CA VAL C 15 15.71 51.11 -51.61
C VAL C 15 14.46 51.90 -52.01
N SER C 16 13.29 51.46 -51.53
CA SER C 16 12.07 52.21 -51.79
C SER C 16 12.14 53.59 -51.16
N ALA C 17 12.60 53.66 -49.92
CA ALA C 17 12.84 54.94 -49.29
C ALA C 17 14.07 55.65 -49.85
N GLY C 18 14.73 55.07 -50.85
CA GLY C 18 15.96 55.64 -51.36
C GLY C 18 17.00 55.87 -50.30
N GLN C 19 16.84 55.24 -49.13
CA GLN C 19 17.79 55.45 -48.04
C GLN C 19 19.15 54.88 -48.39
N VAL C 20 19.21 53.57 -48.66
CA VAL C 20 20.47 52.92 -48.95
C VAL C 20 21.06 53.56 -50.18
N PRO C 21 22.28 54.12 -50.12
CA PRO C 21 22.77 54.94 -51.22
C PRO C 21 23.05 54.12 -52.48
N ASP C 22 22.71 54.71 -53.62
CA ASP C 22 23.00 54.07 -54.90
C ASP C 22 24.51 53.96 -55.10
N GLY C 23 24.94 52.84 -55.67
CA GLY C 23 26.35 52.60 -55.84
C GLY C 23 26.98 52.05 -54.57
N SER C 24 26.38 51.02 -54.00
CA SER C 24 26.85 50.46 -52.74
C SER C 24 26.44 49.00 -52.65
N THR C 25 27.24 48.22 -51.93
CA THR C 25 26.98 46.80 -51.78
C THR C 25 25.93 46.55 -50.71
N LEU C 26 25.24 45.42 -50.82
CA LEU C 26 24.18 45.08 -49.88
C LEU C 26 23.63 43.71 -50.21
N ARG C 27 22.79 43.19 -49.30
CA ARG C 27 22.19 41.88 -49.42
C ARG C 27 20.73 41.93 -48.98
N THR C 28 19.85 41.24 -49.71
CA THR C 28 18.44 41.18 -49.34
C THR C 28 17.78 39.92 -49.87
N PHE C 29 16.70 39.54 -49.22
CA PHE C 29 15.75 38.55 -49.70
C PHE C 29 14.60 39.27 -50.40
N GLY C 30 13.68 38.50 -50.98
CA GLY C 30 12.49 39.09 -51.57
C GLY C 30 11.65 38.06 -52.30
N ARG C 31 10.49 38.53 -52.79
CA ARG C 31 9.49 37.68 -53.45
C ARG C 31 9.56 37.92 -54.96
N LEU C 32 9.76 36.83 -55.72
CA LEU C 32 9.91 36.96 -57.16
C LEU C 32 8.62 37.42 -57.80
N CYS C 33 8.72 38.44 -58.66
CA CYS C 33 7.57 38.97 -59.39
C CYS C 33 7.68 38.72 -60.89
N LEU C 34 8.74 39.21 -61.54
CA LEU C 34 8.89 39.08 -62.98
C LEU C 34 10.32 38.72 -63.34
N TYR C 35 10.47 38.01 -64.47
CA TYR C 35 11.77 37.66 -65.03
C TYR C 35 11.75 37.87 -66.54
N ASP C 36 12.82 38.46 -67.07
CA ASP C 36 12.98 38.72 -68.50
C ASP C 36 14.11 37.85 -69.03
N MET C 37 13.75 36.75 -69.68
CA MET C 37 14.75 35.90 -70.30
C MET C 37 15.51 36.63 -71.39
N ILE C 38 14.86 37.58 -72.06
CA ILE C 38 15.48 38.28 -73.18
C ILE C 38 16.64 39.14 -72.69
N GLN C 39 16.36 40.06 -71.77
CA GLN C 39 17.35 41.02 -71.31
C GLN C 39 17.98 40.64 -69.98
N SER C 40 17.64 39.49 -69.42
CA SER C 40 18.25 39.02 -68.17
C SER C 40 18.01 40.01 -67.04
N ARG C 41 16.74 40.39 -66.86
CA ARG C 41 16.37 41.33 -65.81
C ARG C 41 15.21 40.76 -65.01
N VAL C 42 15.18 41.09 -63.71
CA VAL C 42 14.28 40.47 -62.76
C VAL C 42 13.70 41.54 -61.83
N THR C 43 12.43 41.36 -61.46
CA THR C 43 11.77 42.21 -60.49
C THR C 43 11.31 41.36 -59.33
N LEU C 44 11.71 41.74 -58.12
CA LEU C 44 11.15 41.19 -56.90
C LEU C 44 10.31 42.26 -56.21
N MET C 45 9.32 41.82 -55.45
CA MET C 45 8.33 42.73 -54.90
C MET C 45 8.18 42.51 -53.41
N ALA C 46 7.85 43.60 -52.72
CA ALA C 46 7.53 43.56 -51.31
C ALA C 46 6.81 44.87 -50.98
N GLN C 47 5.83 44.80 -50.09
CA GLN C 47 4.96 45.92 -49.79
C GLN C 47 5.10 46.33 -48.33
N HIS C 48 5.18 47.64 -48.09
CA HIS C 48 5.19 48.21 -46.76
C HIS C 48 3.76 48.27 -46.22
N GLY C 49 3.07 47.14 -46.24
CA GLY C 49 1.64 47.13 -45.96
C GLY C 49 0.91 48.07 -46.88
N SER C 50 1.42 48.21 -48.10
CA SER C 50 0.90 49.18 -49.06
C SER C 50 1.04 48.58 -50.44
N ASP C 51 1.18 49.44 -51.45
CA ASP C 51 1.46 48.96 -52.80
C ASP C 51 2.83 48.30 -52.83
N GLN C 52 2.95 47.23 -53.61
CA GLN C 52 4.19 46.48 -53.67
C GLN C 52 5.31 47.34 -54.24
N HIS C 53 6.47 47.28 -53.60
CA HIS C 53 7.63 48.07 -53.99
C HIS C 53 8.61 47.18 -54.72
N GLN C 54 9.20 47.71 -55.79
CA GLN C 54 10.04 46.92 -56.67
C GLN C 54 11.44 46.76 -56.12
N VAL C 55 12.19 45.85 -56.73
CA VAL C 55 13.63 45.77 -56.59
C VAL C 55 14.18 45.28 -57.93
N LEU C 56 14.86 46.17 -58.65
CA LEU C 56 15.36 45.84 -59.97
C LEU C 56 16.69 45.09 -59.87
N VAL C 57 16.80 44.00 -60.61
CA VAL C 57 17.95 43.10 -60.51
C VAL C 57 18.38 42.66 -61.90
N CYS C 58 19.67 42.35 -62.03
CA CYS C 58 20.26 41.88 -63.28
C CYS C 58 20.84 40.48 -63.06
N THR C 59 20.48 39.55 -63.95
CA THR C 59 20.89 38.15 -63.83
C THR C 59 22.31 38.00 -64.37
N LYS C 60 23.28 38.21 -63.49
CA LYS C 60 24.69 38.11 -63.84
C LYS C 60 25.33 36.98 -63.04
N LEU C 61 25.94 36.04 -63.76
CA LEU C 61 26.68 34.92 -63.18
C LEU C 61 25.81 34.00 -62.33
N VAL C 62 24.48 34.00 -62.51
CA VAL C 62 23.58 33.22 -61.66
C VAL C 62 22.40 32.67 -62.46
N GLU C 63 21.73 31.67 -61.88
CA GLU C 63 20.61 30.97 -62.50
C GLU C 63 19.34 31.12 -61.67
N PRO C 64 18.25 31.68 -62.21
CA PRO C 64 17.05 31.98 -61.41
C PRO C 64 16.03 30.85 -61.41
N PHE C 65 16.35 29.74 -60.73
CA PHE C 65 15.57 28.52 -60.86
C PHE C 65 15.16 27.95 -59.51
N HIS C 66 14.27 26.94 -59.58
CA HIS C 66 13.83 26.10 -58.47
C HIS C 66 12.83 26.76 -57.52
N ALA C 67 12.61 28.07 -57.62
CA ALA C 67 11.50 28.72 -56.94
C ALA C 67 10.73 29.61 -57.90
N GLN C 68 9.43 29.78 -57.64
CA GLN C 68 8.49 30.38 -58.58
C GLN C 68 8.20 31.84 -58.23
N VAL C 69 7.33 32.45 -59.05
CA VAL C 69 6.82 33.79 -58.73
C VAL C 69 6.07 33.73 -57.41
N GLY C 70 6.18 34.78 -56.62
CA GLY C 70 5.70 34.77 -55.25
C GLY C 70 6.56 33.98 -54.29
N SER C 71 7.27 32.96 -54.77
CA SER C 71 8.23 32.26 -53.96
C SER C 71 9.45 33.16 -53.71
N LEU C 72 10.40 32.63 -52.95
CA LEU C 72 11.37 33.46 -52.24
C LEU C 72 12.78 33.23 -52.75
N TYR C 73 13.57 34.31 -52.78
CA TYR C 73 14.94 34.31 -53.27
C TYR C 73 15.80 35.21 -52.39
N ILE C 74 17.12 34.99 -52.45
CA ILE C 74 18.10 35.72 -51.67
C ILE C 74 19.20 36.21 -52.59
N VAL C 75 19.57 37.49 -52.47
CA VAL C 75 20.51 38.12 -53.39
C VAL C 75 21.47 39.03 -52.64
N LEU C 76 22.65 39.22 -53.23
CA LEU C 76 23.63 40.17 -52.74
C LEU C 76 24.44 40.72 -53.92
N GLY C 77 24.72 42.01 -53.88
CA GLY C 77 25.44 42.67 -54.96
C GLY C 77 25.51 44.16 -54.73
N GLU C 78 25.24 44.95 -55.76
CA GLU C 78 25.26 46.40 -55.64
C GLU C 78 24.22 46.99 -56.57
N LEU C 79 23.77 48.20 -56.25
CA LEU C 79 22.77 48.91 -57.02
C LEU C 79 23.39 50.13 -57.69
N GLN C 80 22.90 50.45 -58.88
CA GLN C 80 23.34 51.62 -59.62
C GLN C 80 22.14 52.23 -60.33
N HIS C 81 22.23 53.53 -60.62
CA HIS C 81 21.08 54.34 -60.97
C HIS C 81 20.87 54.43 -62.47
N GLN C 82 19.60 54.57 -62.86
CA GLN C 82 19.19 54.87 -64.22
C GLN C 82 18.11 55.93 -64.17
N GLN C 83 18.14 56.85 -65.14
CA GLN C 83 17.14 57.92 -65.17
C GLN C 83 15.74 57.33 -65.38
N ASP C 84 15.59 56.43 -66.35
CA ASP C 84 14.28 55.88 -66.66
C ASP C 84 13.93 54.73 -65.73
N ARG C 85 14.87 53.79 -65.52
CA ARG C 85 14.59 52.64 -64.68
C ARG C 85 14.83 52.92 -63.20
N GLY C 86 15.45 54.05 -62.86
CA GLY C 86 15.71 54.38 -61.47
C GLY C 86 17.02 53.83 -60.98
N SER C 87 17.05 52.53 -60.68
CA SER C 87 18.28 51.88 -60.25
C SER C 87 18.07 50.38 -60.28
N VAL C 88 19.15 49.64 -60.48
CA VAL C 88 19.11 48.19 -60.62
C VAL C 88 20.25 47.57 -59.81
N VAL C 89 19.98 46.44 -59.19
CA VAL C 89 21.01 45.68 -58.51
C VAL C 89 21.77 44.86 -59.53
N LYS C 90 23.08 45.04 -59.58
CA LYS C 90 23.95 44.10 -60.28
C LYS C 90 24.29 42.97 -59.31
N ALA C 91 23.80 41.78 -59.60
CA ALA C 91 23.95 40.66 -58.68
C ALA C 91 25.40 40.24 -58.57
N ARG C 92 25.75 39.67 -57.42
CA ARG C 92 27.02 39.00 -57.21
C ARG C 92 26.83 37.58 -56.71
N VAL C 93 25.82 37.33 -55.90
CA VAL C 93 25.39 35.97 -55.55
C VAL C 93 23.89 35.99 -55.32
N LEU C 94 23.25 34.87 -55.64
CA LEU C 94 21.80 34.76 -55.55
C LEU C 94 21.44 33.29 -55.57
N THR C 95 20.37 32.94 -54.87
CA THR C 95 19.83 31.59 -54.97
C THR C 95 18.39 31.60 -54.50
N CYS C 96 17.66 30.56 -54.90
CA CYS C 96 16.30 30.37 -54.42
C CYS C 96 16.32 29.81 -53.01
N VAL C 97 15.28 30.10 -52.25
CA VAL C 97 15.11 29.55 -50.91
C VAL C 97 13.63 29.31 -50.68
N GLU C 98 13.34 28.23 -49.97
CA GLU C 98 11.97 27.81 -49.72
C GLU C 98 11.78 27.56 -48.23
N GLY C 99 10.54 27.66 -47.78
CA GLY C 99 10.23 27.42 -46.38
C GLY C 99 10.87 28.40 -45.44
N MET C 100 10.75 29.69 -45.73
CA MET C 100 11.40 30.71 -44.92
C MET C 100 10.40 31.32 -43.93
N ASN C 101 10.93 32.17 -43.06
CA ASN C 101 10.16 32.82 -42.00
C ASN C 101 10.47 34.32 -42.05
N LEU C 102 9.91 34.99 -43.05
CA LEU C 102 10.30 36.37 -43.33
C LEU C 102 10.16 37.28 -42.12
N PRO C 103 9.07 37.26 -41.36
CA PRO C 103 9.02 38.09 -40.16
C PRO C 103 10.17 37.80 -39.22
N LEU C 104 10.58 36.55 -39.12
CA LEU C 104 11.68 36.21 -38.24
C LEU C 104 12.98 36.85 -38.72
N LEU C 105 13.24 36.75 -40.03
CA LEU C 105 14.41 37.41 -40.58
C LEU C 105 14.39 38.90 -40.31
N GLU C 106 13.21 39.50 -40.47
CA GLU C 106 13.07 40.93 -40.24
C GLU C 106 13.39 41.26 -38.79
N GLN C 107 12.84 40.48 -37.86
CA GLN C 107 13.17 40.65 -36.45
C GLN C 107 14.68 40.54 -36.26
N ALA C 108 15.29 39.56 -36.92
CA ALA C 108 16.71 39.34 -36.76
C ALA C 108 17.49 40.59 -37.16
N ILE C 109 17.20 41.12 -38.34
CA ILE C 109 17.95 42.27 -38.82
C ILE C 109 17.66 43.50 -37.97
N ARG C 110 16.40 43.66 -37.54
CA ARG C 110 16.07 44.79 -36.69
C ARG C 110 16.86 44.73 -35.39
N GLU C 111 16.88 43.55 -34.76
CA GLU C 111 17.68 43.37 -33.55
C GLU C 111 19.15 43.64 -33.83
N GLN C 112 19.65 43.11 -34.94
CA GLN C 112 21.05 43.29 -35.29
C GLN C 112 21.39 44.77 -35.36
N ARG C 113 20.53 45.56 -36.02
CA ARG C 113 20.79 46.98 -36.16
C ARG C 113 20.68 47.69 -34.82
N LEU C 114 19.71 47.29 -34.00
CA LEU C 114 19.62 47.87 -32.67
C LEU C 114 20.90 47.62 -31.89
N TYR C 115 21.40 46.39 -31.94
CA TYR C 115 22.65 46.06 -31.27
C TYR C 115 23.79 46.89 -31.81
N LYS C 116 23.80 47.14 -33.13
CA LYS C 116 24.76 48.07 -33.69
C LYS C 116 24.62 49.44 -33.01
N GLN C 117 23.39 49.93 -32.87
CA GLN C 117 23.17 51.18 -32.16
C GLN C 117 23.72 51.10 -30.75
N GLU C 118 23.69 49.90 -30.15
CA GLU C 118 24.14 49.73 -28.77
C GLU C 118 25.65 49.83 -28.65
N ARG C 119 26.38 49.79 -29.76
CA ARG C 119 27.84 49.84 -29.68
C ARG C 119 28.30 51.26 -29.40
N GLY C 120 29.19 51.39 -28.42
CA GLY C 120 29.75 52.69 -28.08
C GLY C 120 30.99 52.99 -28.89
N ALA D 14 35.88 6.09 56.92
CA ALA D 14 35.48 6.57 55.58
C ALA D 14 36.56 6.26 54.54
N THR D 15 36.14 6.12 53.29
CA THR D 15 37.09 5.86 52.21
C THR D 15 38.08 7.01 52.09
N ASN D 16 39.35 6.66 51.90
CA ASN D 16 40.41 7.67 51.84
C ASN D 16 41.53 7.17 50.94
N TYR D 17 42.24 8.11 50.31
CA TYR D 17 43.39 7.79 49.48
C TYR D 17 44.24 9.04 49.32
N ILE D 18 45.52 8.95 49.70
CA ILE D 18 46.48 10.03 49.51
C ILE D 18 47.36 9.70 48.32
N TYR D 19 46.91 10.02 47.12
CA TYR D 19 47.69 9.76 45.92
C TYR D 19 49.03 10.49 46.00
N THR D 20 50.11 9.75 45.80
CA THR D 20 51.46 10.23 45.97
C THR D 20 52.33 9.70 44.83
N PRO D 21 53.32 10.48 44.35
CA PRO D 21 54.20 9.97 43.29
C PRO D 21 54.62 8.53 43.52
N LEU D 22 54.57 7.72 42.46
CA LEU D 22 54.73 6.28 42.60
C LEU D 22 56.06 5.90 43.24
N ASN D 23 57.09 6.74 43.09
CA ASN D 23 58.40 6.38 43.63
C ASN D 23 58.36 6.22 45.14
N GLN D 24 57.41 6.86 45.81
CA GLN D 24 57.30 6.76 47.26
C GLN D 24 56.77 5.40 47.69
N LEU D 25 56.25 4.59 46.76
CA LEU D 25 55.63 3.31 47.09
C LEU D 25 56.74 2.28 47.28
N LYS D 26 57.21 2.15 48.51
CA LYS D 26 58.30 1.26 48.82
C LYS D 26 57.79 -0.15 49.09
N GLY D 27 58.73 -1.08 49.17
CA GLY D 27 58.36 -2.47 49.38
C GLY D 27 57.59 -2.65 50.67
N GLY D 28 56.69 -3.64 50.67
CA GLY D 28 55.90 -3.96 51.84
C GLY D 28 54.74 -3.02 52.11
N THR D 29 54.66 -1.89 51.41
CA THR D 29 53.60 -0.93 51.66
C THR D 29 52.35 -1.29 50.84
N ILE D 30 51.19 -1.17 51.47
CA ILE D 30 49.90 -1.40 50.83
C ILE D 30 49.30 -0.04 50.52
N VAL D 31 48.98 0.22 49.25
CA VAL D 31 48.83 1.58 48.76
C VAL D 31 47.60 1.72 47.87
N ASN D 32 47.14 2.96 47.75
CA ASN D 32 46.09 3.38 46.82
C ASN D 32 46.70 4.35 45.83
N VAL D 33 46.57 4.05 44.53
CA VAL D 33 47.37 4.73 43.51
C VAL D 33 46.54 5.04 42.26
N TYR D 34 47.18 5.75 41.33
CA TYR D 34 46.59 6.21 40.07
C TYR D 34 47.67 6.26 39.00
N GLY D 35 47.30 6.00 37.75
CA GLY D 35 48.25 6.15 36.67
C GLY D 35 47.69 5.67 35.35
N VAL D 36 48.35 6.13 34.27
CA VAL D 36 48.11 5.63 32.93
C VAL D 36 48.93 4.36 32.73
N VAL D 37 48.39 3.42 31.95
CA VAL D 37 49.14 2.20 31.64
C VAL D 37 50.05 2.52 30.45
N LYS D 38 51.36 2.54 30.70
CA LYS D 38 52.32 2.83 29.64
C LYS D 38 52.60 1.58 28.81
N PHE D 39 52.52 0.41 29.42
CA PHE D 39 52.61 -0.85 28.70
C PHE D 39 52.04 -1.95 29.59
N PHE D 40 51.46 -2.97 28.96
CA PHE D 40 50.92 -4.09 29.72
C PHE D 40 50.86 -5.32 28.82
N LYS D 41 50.94 -6.48 29.47
CA LYS D 41 50.75 -7.77 28.81
C LYS D 41 49.39 -8.32 29.21
N PRO D 42 48.62 -8.92 28.30
CA PRO D 42 47.37 -9.56 28.70
C PRO D 42 47.64 -10.77 29.57
N PRO D 43 46.64 -11.22 30.34
CA PRO D 43 46.89 -12.34 31.27
C PRO D 43 47.41 -13.58 30.59
N TYR D 44 48.55 -14.09 31.04
CA TYR D 44 49.14 -15.30 30.50
C TYR D 44 49.59 -16.19 31.65
N LEU D 45 49.53 -17.51 31.43
CA LEU D 45 49.81 -18.48 32.49
C LEU D 45 51.31 -18.52 32.75
N SER D 46 51.70 -18.21 33.99
CA SER D 46 53.09 -18.31 34.39
C SER D 46 53.42 -19.75 34.81
N LYS D 47 54.69 -19.97 35.16
CA LYS D 47 55.09 -21.28 35.65
C LYS D 47 54.23 -21.69 36.84
N GLY D 48 53.88 -20.74 37.69
CA GLY D 48 52.97 -21.01 38.79
C GLY D 48 51.57 -21.30 38.27
N THR D 49 50.62 -21.50 39.19
CA THR D 49 49.27 -21.84 38.82
C THR D 49 48.46 -20.65 38.33
N ASP D 50 48.96 -19.43 38.54
CA ASP D 50 48.17 -18.22 38.33
C ASP D 50 48.60 -17.52 37.06
N TYR D 51 47.63 -17.19 36.21
CA TYR D 51 47.91 -16.31 35.09
C TYR D 51 48.46 -14.98 35.61
N CYS D 52 49.55 -14.52 35.00
CA CYS D 52 50.21 -13.30 35.41
C CYS D 52 50.02 -12.24 34.35
N SER D 53 49.43 -11.11 34.73
CA SER D 53 49.29 -9.95 33.85
C SER D 53 50.30 -8.90 34.29
N VAL D 54 51.13 -8.44 33.36
CA VAL D 54 52.16 -7.46 33.63
C VAL D 54 51.67 -6.09 33.18
N VAL D 55 51.91 -5.08 34.00
CA VAL D 55 51.43 -3.72 33.76
C VAL D 55 52.51 -2.74 34.17
N THR D 56 52.78 -1.77 33.31
CA THR D 56 53.68 -0.66 33.60
C THR D 56 52.84 0.61 33.63
N ILE D 57 52.79 1.27 34.79
CA ILE D 57 51.92 2.42 34.97
C ILE D 57 52.77 3.65 35.26
N VAL D 58 52.22 4.82 34.91
CA VAL D 58 52.89 6.11 35.08
C VAL D 58 51.87 7.11 35.60
N ASP D 59 52.32 8.00 36.48
CA ASP D 59 51.45 9.00 37.08
C ASP D 59 51.60 10.34 36.35
N GLN D 60 51.00 11.39 36.90
CA GLN D 60 51.05 12.70 36.28
C GLN D 60 52.41 13.35 36.42
N THR D 61 53.26 12.87 37.33
CA THR D 61 54.63 13.35 37.45
C THR D 61 55.61 12.48 36.65
N ASN D 62 55.12 11.66 35.73
CA ASN D 62 55.91 10.81 34.84
C ASN D 62 56.65 9.71 35.60
N VAL D 63 56.44 9.57 36.91
CA VAL D 63 57.11 8.52 37.67
C VAL D 63 56.42 7.19 37.38
N LYS D 64 57.19 6.10 37.46
CA LYS D 64 56.75 4.80 37.00
C LYS D 64 56.57 3.82 38.16
N LEU D 65 55.78 2.77 37.88
CA LEU D 65 55.65 1.60 38.75
C LEU D 65 55.32 0.39 37.89
N THR D 66 55.89 -0.75 38.24
CA THR D 66 55.51 -2.03 37.64
C THR D 66 54.50 -2.72 38.55
N CYS D 67 53.58 -3.46 37.93
CA CYS D 67 52.64 -4.28 38.68
C CYS D 67 52.54 -5.65 38.04
N LEU D 68 52.61 -6.68 38.88
CA LEU D 68 52.39 -8.06 38.47
C LEU D 68 51.09 -8.51 39.10
N LEU D 69 50.05 -8.69 38.29
CA LEU D 69 48.71 -9.02 38.78
C LEU D 69 48.45 -10.49 38.48
N PHE D 70 48.41 -11.31 39.53
CA PHE D 70 48.34 -12.76 39.42
C PHE D 70 46.91 -13.22 39.67
N SER D 71 46.43 -14.15 38.84
CA SER D 71 45.10 -14.70 39.01
C SER D 71 44.99 -16.01 38.24
N GLY D 72 44.19 -16.94 38.75
CA GLY D 72 43.94 -18.20 38.08
C GLY D 72 43.19 -18.04 36.77
N ASN D 73 42.53 -16.90 36.58
CA ASN D 73 41.78 -16.65 35.35
C ASN D 73 41.84 -15.16 35.04
N TYR D 74 41.27 -14.79 33.90
CA TYR D 74 41.33 -13.40 33.45
C TYR D 74 40.35 -12.53 34.22
N GLU D 75 39.11 -13.01 34.41
CA GLU D 75 38.04 -12.15 34.88
C GLU D 75 38.37 -11.53 36.23
N ALA D 76 39.15 -12.24 37.04
CA ALA D 76 39.45 -11.72 38.38
C ALA D 76 40.37 -10.50 38.33
N LEU D 77 41.08 -10.31 37.22
CA LEU D 77 42.06 -9.24 37.12
C LEU D 77 41.42 -7.92 36.69
N PRO D 78 42.10 -6.79 36.91
CA PRO D 78 41.57 -5.50 36.43
C PRO D 78 41.38 -5.49 34.91
N ILE D 79 40.43 -4.66 34.47
CA ILE D 79 39.95 -4.67 33.08
C ILE D 79 40.69 -3.57 32.32
N ILE D 80 41.61 -3.99 31.45
CA ILE D 80 42.46 -3.08 30.66
C ILE D 80 42.52 -3.64 29.24
N TYR D 81 42.54 -2.74 28.24
CA TYR D 81 42.53 -3.17 26.84
C TYR D 81 43.53 -2.47 25.93
N LYS D 82 43.97 -1.24 26.25
CA LYS D 82 44.91 -0.55 25.38
C LYS D 82 45.86 0.31 26.20
N ASN D 83 47.06 0.53 25.64
CA ASN D 83 47.96 1.53 26.21
C ASN D 83 47.27 2.89 26.18
N GLY D 84 47.38 3.61 27.28
CA GLY D 84 46.64 4.85 27.45
C GLY D 84 45.38 4.70 28.27
N ASP D 85 44.96 3.47 28.58
CA ASP D 85 43.92 3.30 29.59
C ASP D 85 44.41 3.85 30.92
N ILE D 86 43.48 4.24 31.77
CA ILE D 86 43.78 4.84 33.07
C ILE D 86 43.28 3.90 34.16
N VAL D 87 44.18 3.51 35.07
CA VAL D 87 43.91 2.46 36.06
C VAL D 87 43.99 3.05 37.46
N ARG D 88 43.17 2.50 38.37
CA ARG D 88 43.16 2.85 39.78
C ARG D 88 43.26 1.55 40.58
N PHE D 89 44.29 1.43 41.42
CA PHE D 89 44.52 0.25 42.23
C PHE D 89 44.54 0.64 43.70
N HIS D 90 43.68 0.01 44.50
CA HIS D 90 43.57 0.29 45.93
C HIS D 90 43.87 -0.97 46.73
N ARG D 91 44.47 -0.79 47.91
CA ARG D 91 45.07 -1.88 48.68
C ARG D 91 45.99 -2.71 47.78
N LEU D 92 46.71 -2.00 46.91
CA LEU D 92 47.78 -2.61 46.13
C LEU D 92 48.98 -2.85 47.05
N LYS D 93 49.39 -4.10 47.18
CA LYS D 93 50.56 -4.42 48.01
C LYS D 93 51.81 -4.33 47.16
N ILE D 94 52.79 -3.56 47.63
CA ILE D 94 54.03 -3.35 46.90
C ILE D 94 55.06 -4.37 47.35
N GLN D 95 55.81 -4.90 46.39
CA GLN D 95 56.87 -5.87 46.64
C GLN D 95 58.15 -5.36 45.99
N VAL D 96 59.26 -6.06 46.24
CA VAL D 96 60.57 -5.66 45.73
C VAL D 96 61.27 -6.87 45.15
N TYR D 97 62.06 -6.64 44.10
CA TYR D 97 62.92 -7.67 43.52
C TYR D 97 64.21 -6.99 43.06
N LYS D 98 65.31 -7.27 43.75
CA LYS D 98 66.59 -6.63 43.46
C LYS D 98 66.42 -5.11 43.38
N LYS D 99 65.77 -4.56 44.41
CA LYS D 99 65.50 -3.13 44.51
C LYS D 99 64.50 -2.66 43.46
N GLU D 100 64.06 -3.56 42.59
CA GLU D 100 63.01 -3.22 41.62
C GLU D 100 61.66 -3.38 42.30
N THR D 101 61.04 -2.25 42.63
CA THR D 101 59.72 -2.27 43.27
C THR D 101 58.64 -2.66 42.26
N GLN D 102 57.61 -3.35 42.73
CA GLN D 102 56.49 -3.75 41.89
C GLN D 102 55.27 -4.06 42.75
N GLY D 103 54.07 -3.79 42.20
CA GLY D 103 52.85 -4.07 42.92
C GLY D 103 52.29 -5.46 42.62
N ILE D 104 51.43 -5.94 43.53
CA ILE D 104 50.78 -7.24 43.38
C ILE D 104 49.35 -7.17 43.90
N THR D 105 48.50 -8.04 43.35
CA THR D 105 47.08 -8.13 43.71
C THR D 105 46.95 -8.73 45.11
N SER D 106 46.94 -7.83 46.11
CA SER D 106 46.98 -8.20 47.51
C SER D 106 45.70 -8.89 47.97
N SER D 107 45.77 -9.47 49.17
CA SER D 107 44.57 -9.77 49.94
C SER D 107 43.88 -8.46 50.32
N GLY D 108 42.58 -8.37 50.06
CA GLY D 108 41.84 -7.14 50.26
C GLY D 108 41.97 -6.11 49.15
N PHE D 109 42.47 -6.52 47.98
CA PHE D 109 42.74 -5.60 46.88
C PHE D 109 41.44 -5.11 46.24
N ALA D 110 41.52 -3.93 45.58
CA ALA D 110 40.40 -3.36 44.84
C ALA D 110 40.96 -2.55 43.68
N SER D 111 40.10 -2.24 42.70
CA SER D 111 40.56 -1.59 41.48
C SER D 111 39.43 -0.91 40.72
N LEU D 112 39.82 0.00 39.81
CA LEU D 112 38.96 0.55 38.76
C LEU D 112 39.82 0.81 37.52
N THR D 113 39.16 1.01 36.37
CA THR D 113 39.85 1.36 35.14
C THR D 113 38.88 2.09 34.21
N PHE D 114 39.43 2.94 33.32
CA PHE D 114 38.60 3.85 32.53
C PHE D 114 39.18 4.04 31.13
N GLU D 115 38.35 4.59 30.24
CA GLU D 115 38.75 4.87 28.86
C GLU D 115 39.67 6.09 28.79
N GLY D 116 40.58 6.09 27.82
CA GLY D 116 41.59 7.13 27.70
C GLY D 116 41.23 8.34 26.86
N THR D 117 40.10 8.31 26.15
CA THR D 117 39.79 9.35 25.17
C THR D 117 39.28 10.63 25.84
N LEU D 118 39.81 11.77 25.42
CA LEU D 118 39.18 13.05 25.71
C LEU D 118 37.98 13.27 24.78
N GLY D 119 37.01 14.05 25.24
CA GLY D 119 35.79 14.25 24.50
C GLY D 119 34.79 13.12 24.61
N ALA D 120 34.86 12.31 25.68
CA ALA D 120 33.98 11.18 25.84
C ALA D 120 33.81 10.90 27.33
N PRO D 121 32.74 10.19 27.73
CA PRO D 121 32.47 10.00 29.16
C PRO D 121 33.54 9.17 29.87
N ILE D 122 33.44 9.17 31.19
CA ILE D 122 34.21 8.28 32.05
C ILE D 122 33.29 7.13 32.46
N ILE D 123 33.51 5.95 31.88
CA ILE D 123 32.71 4.76 32.14
C ILE D 123 33.57 3.77 32.91
N PRO D 124 33.16 3.31 34.10
CA PRO D 124 34.02 2.42 34.89
C PRO D 124 34.15 1.04 34.26
N ARG D 125 35.34 0.45 34.41
CA ARG D 125 35.64 -0.92 33.99
C ARG D 125 36.38 -1.60 35.14
N THR D 126 35.68 -2.44 35.89
CA THR D 126 36.24 -3.01 37.11
C THR D 126 35.61 -4.37 37.42
N SER D 127 36.32 -5.16 38.22
CA SER D 127 35.82 -6.43 38.72
C SER D 127 35.82 -6.53 40.24
N SER D 128 36.19 -5.47 40.95
CA SER D 128 36.30 -5.50 42.40
C SER D 128 34.94 -5.28 43.04
N LYS D 129 34.93 -5.11 44.37
CA LYS D 129 33.71 -4.84 45.12
C LYS D 129 32.99 -3.63 44.56
N TYR D 130 31.77 -3.37 45.06
CA TYR D 130 31.07 -2.16 44.70
C TYR D 130 31.80 -0.93 45.24
N PHE D 131 31.69 0.18 44.53
CA PHE D 131 32.54 1.33 44.72
C PHE D 131 31.72 2.61 44.70
N ASN D 132 32.32 3.69 45.19
CA ASN D 132 31.77 5.04 45.07
C ASN D 132 32.79 5.91 44.36
N PHE D 133 32.38 6.50 43.23
CA PHE D 133 33.25 7.42 42.53
C PHE D 133 33.12 8.82 43.13
N THR D 134 34.18 9.61 43.00
CA THR D 134 34.23 10.95 43.55
C THR D 134 34.71 11.92 42.48
N THR D 135 34.46 13.21 42.72
CA THR D 135 34.89 14.23 41.77
C THR D 135 36.41 14.29 41.70
N GLU D 136 37.08 14.10 42.82
CA GLU D 136 38.54 14.02 42.82
C GLU D 136 39.02 12.83 41.99
N ASP D 137 38.32 11.69 42.13
CA ASP D 137 38.69 10.49 41.40
C ASP D 137 38.51 10.67 39.89
N HIS D 138 37.33 11.10 39.46
CA HIS D 138 37.09 11.33 38.04
C HIS D 138 37.97 12.46 37.49
N LYS D 139 38.30 13.44 38.32
CA LYS D 139 39.19 14.49 37.87
C LYS D 139 40.63 13.99 37.75
N MET D 140 41.01 13.00 38.56
CA MET D 140 42.28 12.31 38.32
C MET D 140 42.26 11.62 36.97
N VAL D 141 41.13 10.99 36.61
CA VAL D 141 41.03 10.37 35.29
C VAL D 141 41.19 11.43 34.19
N GLU D 142 40.44 12.53 34.28
CA GLU D 142 40.52 13.57 33.26
C GLU D 142 41.92 14.16 33.18
N ALA D 143 42.55 14.38 34.33
CA ALA D 143 43.90 14.95 34.35
C ALA D 143 44.90 14.00 33.71
N LEU D 144 44.76 12.70 33.98
CA LEU D 144 45.64 11.74 33.33
C LEU D 144 45.38 11.67 31.82
N ARG D 145 44.12 11.83 31.41
CA ARG D 145 43.82 11.94 29.98
C ARG D 145 44.57 13.12 29.37
N VAL D 146 44.38 14.31 29.93
CA VAL D 146 45.05 15.51 29.44
C VAL D 146 46.56 15.29 29.43
N TRP D 147 47.09 14.69 30.49
CA TRP D 147 48.52 14.49 30.62
C TRP D 147 49.04 13.60 29.51
N ALA D 148 48.58 12.35 29.47
CA ALA D 148 49.00 11.46 28.39
C ALA D 148 48.86 12.15 27.04
N SER D 149 47.79 12.93 26.85
CA SER D 149 47.49 13.46 25.52
C SER D 149 48.45 14.57 25.11
N THR D 150 48.86 15.44 26.03
CA THR D 150 49.63 16.61 25.62
C THR D 150 50.78 17.01 26.55
N HIS D 151 51.04 16.26 27.61
CA HIS D 151 52.20 16.47 28.49
C HIS D 151 53.21 15.34 28.33
N MET D 152 52.74 14.10 28.24
CA MET D 152 53.60 12.99 27.83
C MET D 152 53.62 12.86 26.31
N SER D 153 52.45 12.93 25.68
CA SER D 153 52.34 12.81 24.24
C SER D 153 52.91 11.46 23.77
N THR D 157 47.81 4.64 17.48
CA THR D 157 47.95 4.21 16.09
C THR D 157 46.72 3.41 15.66
N LEU D 158 46.30 3.61 14.41
CA LEU D 158 45.15 2.92 13.85
C LEU D 158 45.49 2.49 12.44
N LEU D 159 45.10 1.26 12.07
CA LEU D 159 45.55 0.67 10.82
C LEU D 159 44.49 -0.30 10.31
N LYS D 160 43.92 0.00 9.15
CA LYS D 160 43.08 -0.97 8.47
C LYS D 160 43.95 -2.01 7.77
N LEU D 161 43.38 -3.20 7.58
CA LEU D 161 44.13 -4.26 6.89
C LEU D 161 44.59 -3.78 5.53
N CYS D 162 43.81 -2.91 4.88
CA CYS D 162 44.16 -2.47 3.53
C CYS D 162 45.29 -1.46 3.51
N ASP D 163 45.82 -1.06 4.67
CA ASP D 163 46.87 -0.06 4.73
C ASP D 163 48.19 -0.62 5.26
N VAL D 164 48.34 -1.94 5.33
CA VAL D 164 49.49 -2.56 5.96
C VAL D 164 50.73 -2.43 5.09
N GLN D 165 51.88 -2.87 5.62
CA GLN D 165 53.14 -2.85 4.91
C GLN D 165 53.78 -4.24 4.91
N PRO D 166 54.61 -4.55 3.91
CA PRO D 166 54.85 -5.97 3.57
C PRO D 166 55.35 -6.84 4.71
N MET D 167 56.24 -6.34 5.56
CA MET D 167 56.72 -7.14 6.69
C MET D 167 56.96 -6.20 7.86
N GLN D 168 56.18 -6.38 8.93
CA GLN D 168 56.31 -5.52 10.10
C GLN D 168 55.51 -6.17 11.24
N TYR D 169 54.96 -5.34 12.12
CA TYR D 169 54.07 -5.81 13.16
C TYR D 169 52.94 -4.80 13.33
N PHE D 170 51.89 -5.20 14.04
CA PHE D 170 50.86 -4.26 14.45
C PHE D 170 49.93 -4.94 15.45
N ASP D 171 49.24 -4.10 16.23
CA ASP D 171 48.19 -4.55 17.15
C ASP D 171 46.85 -4.54 16.42
N LEU D 172 46.66 -5.57 15.59
CA LEU D 172 45.45 -5.67 14.79
C LEU D 172 44.24 -5.99 15.64
N THR D 173 43.06 -5.68 15.10
CA THR D 173 41.80 -5.94 15.78
C THR D 173 40.77 -6.40 14.74
N CYS D 174 40.10 -7.52 15.01
CA CYS D 174 39.23 -8.15 14.03
C CYS D 174 38.19 -8.99 14.75
N GLN D 175 37.33 -9.64 13.96
CA GLN D 175 36.40 -10.65 14.44
C GLN D 175 36.85 -12.02 13.97
N LEU D 176 36.69 -13.02 14.82
CA LEU D 176 37.13 -14.38 14.51
C LEU D 176 36.06 -15.08 13.69
N LEU D 177 36.39 -15.42 12.44
CA LEU D 177 35.46 -16.17 11.61
C LEU D 177 35.58 -17.68 11.85
N GLY D 178 36.75 -18.15 12.25
CA GLY D 178 36.92 -19.58 12.48
C GLY D 178 38.30 -19.87 13.04
N LYS D 179 38.44 -21.09 13.56
CA LYS D 179 39.66 -21.54 14.19
C LYS D 179 39.91 -23.00 13.84
N ALA D 180 41.19 -23.34 13.63
CA ALA D 180 41.56 -24.69 13.19
C ALA D 180 43.01 -24.95 13.62
N GLU D 181 43.53 -26.11 13.21
CA GLU D 181 44.89 -26.49 13.54
C GLU D 181 45.33 -27.65 12.67
N VAL D 182 46.64 -27.78 12.51
CA VAL D 182 47.29 -28.99 12.05
C VAL D 182 48.33 -29.36 13.09
N ASP D 183 48.44 -30.66 13.39
CA ASP D 183 49.24 -31.11 14.51
C ASP D 183 50.63 -30.48 14.47
N GLY D 184 50.94 -29.69 15.50
CA GLY D 184 52.23 -29.06 15.58
C GLY D 184 52.23 -27.94 16.60
N ALA D 185 53.30 -27.15 16.58
CA ALA D 185 53.49 -26.04 17.51
C ALA D 185 52.80 -24.77 17.05
N SER D 186 51.63 -24.89 16.42
CA SER D 186 50.95 -23.73 15.85
C SER D 186 49.46 -23.96 15.88
N PHE D 187 48.72 -22.87 15.68
CA PHE D 187 47.26 -22.91 15.70
C PHE D 187 46.73 -21.78 14.82
N LEU D 188 45.66 -22.07 14.08
CA LEU D 188 45.13 -21.16 13.07
C LEU D 188 43.96 -20.35 13.63
N LEU D 189 43.89 -19.09 13.19
CA LEU D 189 42.75 -18.22 13.45
C LEU D 189 42.45 -17.44 12.19
N LYS D 190 41.18 -17.47 11.75
CA LYS D 190 40.74 -16.79 10.54
C LYS D 190 39.84 -15.63 10.92
N VAL D 191 40.10 -14.45 10.36
CA VAL D 191 39.45 -13.21 10.79
C VAL D 191 39.19 -12.33 9.58
N TRP D 192 38.48 -11.22 9.80
CA TRP D 192 38.21 -10.27 8.73
C TRP D 192 38.08 -8.86 9.30
N ASP D 193 38.35 -7.88 8.42
CA ASP D 193 38.27 -6.46 8.76
C ASP D 193 37.29 -5.69 7.89
N GLY D 194 36.87 -6.25 6.75
CA GLY D 194 36.03 -5.53 5.82
C GLY D 194 36.77 -4.64 4.85
N THR D 195 38.11 -4.72 4.80
CA THR D 195 38.90 -3.97 3.84
C THR D 195 39.83 -4.93 3.11
N ARG D 196 40.21 -4.55 1.90
CA ARG D 196 40.97 -5.42 1.02
C ARG D 196 42.47 -5.37 1.33
N THR D 197 43.05 -6.52 1.63
CA THR D 197 44.49 -6.57 1.82
C THR D 197 45.20 -6.30 0.50
N PRO D 198 46.26 -5.48 0.48
CA PRO D 198 46.92 -5.16 -0.79
C PRO D 198 47.25 -6.40 -1.61
N PHE D 199 48.11 -7.26 -1.12
CA PHE D 199 48.17 -8.57 -1.73
C PHE D 199 47.14 -9.49 -1.08
N PRO D 200 46.73 -10.54 -1.78
CA PRO D 200 45.89 -11.55 -1.12
C PRO D 200 46.63 -12.20 0.04
N SER D 201 45.88 -12.53 1.08
CA SER D 201 46.45 -13.17 2.26
C SER D 201 47.00 -14.55 1.93
N TRP D 202 47.97 -14.99 2.72
CA TRP D 202 48.40 -16.37 2.65
C TRP D 202 47.22 -17.29 2.98
N ARG D 203 47.16 -18.43 2.30
CA ARG D 203 46.10 -19.41 2.50
C ARG D 203 46.73 -20.74 2.89
N VAL D 204 46.29 -21.30 4.02
CA VAL D 204 46.93 -22.45 4.64
C VAL D 204 46.46 -23.74 3.98
N LEU D 205 47.31 -24.76 4.06
CA LEU D 205 46.97 -26.12 3.61
C LEU D 205 46.35 -26.90 4.77
N ILE D 206 45.24 -26.36 5.27
CA ILE D 206 44.63 -26.82 6.51
C ILE D 206 43.91 -28.15 6.29
N GLN D 207 43.85 -28.95 7.33
CA GLN D 207 42.92 -30.07 7.42
C GLN D 207 41.54 -29.49 7.68
N ASP D 208 40.74 -29.31 6.61
CA ASP D 208 39.52 -28.53 6.70
C ASP D 208 38.58 -29.06 7.78
N LEU D 209 38.65 -30.36 8.09
CA LEU D 209 37.74 -30.92 9.08
C LEU D 209 37.93 -30.29 10.45
N VAL D 210 39.13 -29.77 10.73
CA VAL D 210 39.41 -29.20 12.05
C VAL D 210 38.85 -27.80 12.21
N LEU D 211 38.44 -27.15 11.12
CA LEU D 211 38.04 -25.75 11.17
C LEU D 211 36.62 -25.60 11.70
N GLU D 212 36.47 -24.74 12.71
CA GLU D 212 35.17 -24.33 13.21
C GLU D 212 34.79 -23.00 12.54
N GLY D 213 33.58 -22.92 12.03
CA GLY D 213 33.13 -21.71 11.39
C GLY D 213 31.94 -21.96 10.48
N ASP D 214 31.27 -20.85 10.13
CA ASP D 214 30.08 -20.90 9.27
C ASP D 214 30.44 -20.33 7.89
N LEU D 215 30.13 -21.11 6.85
CA LEU D 215 30.48 -20.73 5.48
C LEU D 215 29.58 -19.64 4.93
N SER D 216 28.39 -19.45 5.51
CA SER D 216 27.45 -18.48 4.99
C SER D 216 28.05 -17.07 4.96
N HIS D 217 28.65 -16.65 6.07
CA HIS D 217 29.19 -15.31 6.18
C HIS D 217 30.62 -15.19 5.65
N ILE D 218 31.06 -16.10 4.78
CA ILE D 218 32.46 -16.15 4.36
C ILE D 218 32.60 -16.23 2.85
N HIS D 219 32.13 -17.32 2.26
CA HIS D 219 32.64 -17.76 0.96
C HIS D 219 32.65 -16.64 -0.08
N ARG D 220 31.47 -16.09 -0.40
CA ARG D 220 31.39 -15.10 -1.46
C ARG D 220 31.86 -13.72 -1.03
N LEU D 221 32.51 -13.61 0.13
CA LEU D 221 33.24 -12.42 0.51
C LEU D 221 34.67 -12.76 0.97
N GLN D 222 35.17 -13.94 0.60
CA GLN D 222 36.45 -14.43 1.11
C GLN D 222 37.59 -13.47 0.78
N ASN D 223 37.43 -12.65 -0.25
CA ASN D 223 38.50 -11.72 -0.61
C ASN D 223 38.75 -10.67 0.47
N LEU D 224 37.83 -10.54 1.43
CA LEU D 224 37.97 -9.59 2.54
C LEU D 224 38.34 -10.28 3.85
N THR D 225 38.92 -11.48 3.79
CA THR D 225 39.24 -12.28 4.97
C THR D 225 40.69 -12.73 4.91
N ILE D 226 41.27 -13.01 6.09
CA ILE D 226 42.68 -13.35 6.18
C ILE D 226 42.88 -14.51 7.16
N ASP D 227 44.15 -14.92 7.29
CA ASP D 227 44.56 -16.01 8.17
C ASP D 227 45.70 -15.54 9.06
N ILE D 228 45.76 -16.11 10.26
CA ILE D 228 46.82 -15.81 11.22
C ILE D 228 47.26 -17.12 11.86
N LEU D 229 48.56 -17.24 12.14
CA LEU D 229 49.13 -18.43 12.74
C LEU D 229 49.83 -18.04 14.03
N VAL D 230 49.36 -18.59 15.15
CA VAL D 230 49.94 -18.35 16.47
C VAL D 230 50.70 -19.60 16.87
N TYR D 231 51.61 -19.43 17.83
CA TYR D 231 52.56 -20.48 18.15
C TYR D 231 52.72 -20.64 19.66
N ASP D 232 53.18 -21.83 20.04
CA ASP D 232 53.57 -22.15 21.41
C ASP D 232 52.50 -21.73 22.42
N ASN D 233 52.85 -20.85 23.35
CA ASN D 233 51.93 -20.48 24.41
C ASN D 233 50.59 -20.01 23.85
N HIS D 234 50.61 -19.31 22.73
CA HIS D 234 49.38 -18.82 22.12
C HIS D 234 48.50 -19.95 21.62
N VAL D 235 49.02 -21.17 21.51
CA VAL D 235 48.21 -22.29 21.02
C VAL D 235 47.09 -22.59 22.00
N HIS D 236 47.42 -22.77 23.28
CA HIS D 236 46.38 -23.10 24.26
C HIS D 236 45.36 -21.99 24.39
N VAL D 237 45.79 -20.73 24.25
CA VAL D 237 44.83 -19.63 24.21
C VAL D 237 43.91 -19.78 23.01
N ALA D 238 44.51 -19.78 21.81
CA ALA D 238 43.72 -19.88 20.58
C ALA D 238 42.83 -21.11 20.60
N ARG D 239 43.38 -22.24 21.04
CA ARG D 239 42.59 -23.46 21.12
C ARG D 239 41.36 -23.26 22.00
N SER D 240 41.50 -22.55 23.11
CA SER D 240 40.40 -22.36 24.05
C SER D 240 39.39 -21.33 23.58
N LEU D 241 39.63 -20.66 22.45
CA LEU D 241 38.75 -19.59 22.03
C LEU D 241 37.45 -20.15 21.45
N LYS D 242 36.50 -19.24 21.25
CA LYS D 242 35.22 -19.55 20.60
C LYS D 242 35.03 -18.59 19.44
N VAL D 243 34.53 -19.12 18.33
CA VAL D 243 34.34 -18.31 17.13
C VAL D 243 33.21 -17.32 17.33
N GLY D 244 33.32 -16.15 16.71
CA GLY D 244 32.27 -15.15 16.71
C GLY D 244 32.58 -13.90 17.51
N SER D 245 33.59 -13.93 18.38
CA SER D 245 33.88 -12.79 19.25
C SER D 245 34.83 -11.83 18.54
N PHE D 246 35.22 -10.78 19.27
CA PHE D 246 36.14 -9.77 18.76
C PHE D 246 37.45 -9.79 19.52
N LEU D 247 38.55 -9.65 18.79
CA LEU D 247 39.90 -9.79 19.32
C LEU D 247 40.75 -8.60 18.94
N ARG D 248 41.79 -8.36 19.74
CA ARG D 248 42.88 -7.45 19.37
C ARG D 248 44.18 -8.24 19.47
N ILE D 249 44.87 -8.37 18.35
CA ILE D 249 46.07 -9.19 18.27
C ILE D 249 47.26 -8.25 18.43
N TYR D 250 47.74 -8.14 19.67
CA TYR D 250 48.82 -7.22 19.98
C TYR D 250 50.13 -7.70 19.37
N SER D 251 50.78 -6.85 18.59
CA SER D 251 52.05 -7.16 17.94
C SER D 251 51.90 -8.34 16.98
N LEU D 252 50.90 -8.26 16.12
CA LEU D 252 50.76 -9.24 15.05
C LEU D 252 51.86 -9.02 14.03
N HIS D 253 52.52 -10.11 13.63
CA HIS D 253 53.58 -10.04 12.65
C HIS D 253 53.01 -10.12 11.24
N THR D 254 53.52 -9.26 10.36
CA THR D 254 53.25 -9.34 8.93
C THR D 254 54.52 -9.74 8.21
N LYS D 255 54.37 -10.46 7.10
CA LYS D 255 55.51 -11.00 6.38
C LYS D 255 55.09 -11.27 4.94
N LEU D 256 56.01 -11.01 4.01
CA LEU D 256 55.71 -11.05 2.59
C LEU D 256 55.83 -12.47 2.05
N GLN D 257 54.88 -12.84 1.19
CA GLN D 257 54.89 -14.11 0.48
C GLN D 257 54.95 -13.85 -1.02
N SER D 258 55.54 -14.79 -1.76
CA SER D 258 55.74 -14.59 -3.20
C SER D 258 55.60 -15.86 -4.03
N MET D 259 55.13 -16.97 -3.46
CA MET D 259 55.12 -18.25 -4.17
C MET D 259 53.82 -19.00 -3.88
N ASN D 260 53.53 -19.98 -4.73
CA ASN D 260 52.42 -20.90 -4.56
C ASN D 260 52.94 -22.30 -4.23
N SER D 261 52.01 -23.22 -3.95
CA SER D 261 52.39 -24.55 -3.50
C SER D 261 53.21 -25.29 -4.54
N GLU D 262 52.91 -25.10 -5.82
CA GLU D 262 53.71 -25.65 -6.90
C GLU D 262 54.81 -24.70 -7.35
N ASN D 263 55.16 -23.72 -6.51
CA ASN D 263 56.28 -22.81 -6.74
C ASN D 263 56.13 -22.03 -8.03
N GLN D 264 54.90 -21.63 -8.34
CA GLN D 264 54.67 -20.52 -9.26
C GLN D 264 54.60 -19.22 -8.47
N THR D 265 55.02 -18.13 -9.10
CA THR D 265 55.04 -16.86 -8.42
C THR D 265 53.64 -16.39 -8.07
N MET D 266 53.50 -15.81 -6.89
CA MET D 266 52.28 -15.09 -6.53
C MET D 266 52.55 -14.26 -5.29
N LEU D 267 52.35 -12.95 -5.39
CA LEU D 267 52.61 -12.05 -4.27
C LEU D 267 51.46 -12.12 -3.28
N SER D 268 51.81 -12.20 -1.99
CA SER D 268 50.84 -12.49 -0.95
C SER D 268 51.37 -11.97 0.39
N LEU D 269 50.50 -11.94 1.38
CA LEU D 269 50.83 -11.43 2.71
C LEU D 269 50.61 -12.52 3.75
N GLU D 270 51.59 -12.72 4.62
CA GLU D 270 51.52 -13.67 5.72
C GLU D 270 51.24 -12.94 7.04
N PHE D 271 50.73 -13.69 8.01
CA PHE D 271 50.46 -13.15 9.33
C PHE D 271 50.77 -14.21 10.38
N HIS D 272 51.46 -13.81 11.45
CA HIS D 272 51.94 -14.75 12.44
C HIS D 272 51.95 -14.11 13.81
N LEU D 273 52.00 -14.96 14.83
CA LEU D 273 52.16 -14.52 16.21
C LEU D 273 53.13 -15.47 16.89
N HIS D 274 54.34 -15.00 17.17
CA HIS D 274 55.38 -15.86 17.71
C HIS D 274 55.13 -16.16 19.18
N GLY D 275 55.56 -17.34 19.60
CA GLY D 275 55.40 -17.73 20.99
C GLY D 275 56.08 -16.76 21.94
N GLY D 276 55.67 -16.85 23.20
CA GLY D 276 56.21 -15.97 24.21
C GLY D 276 55.61 -14.58 24.12
N THR D 277 55.48 -13.93 25.28
CA THR D 277 54.84 -12.63 25.37
C THR D 277 55.81 -11.47 25.26
N SER D 278 57.10 -11.74 24.99
CA SER D 278 58.08 -10.67 24.94
C SER D 278 57.70 -9.65 23.88
N TYR D 279 57.95 -8.38 24.20
CA TYR D 279 57.56 -7.24 23.36
C TYR D 279 56.06 -7.00 23.44
N GLY D 280 55.31 -7.95 23.98
CA GLY D 280 53.87 -7.82 24.08
C GLY D 280 53.07 -8.60 23.08
N ARG D 281 53.64 -9.64 22.47
CA ARG D 281 52.87 -10.50 21.58
C ARG D 281 51.75 -11.17 22.36
N GLY D 282 50.51 -10.97 21.92
CA GLY D 282 49.41 -11.60 22.60
C GLY D 282 48.08 -11.23 21.98
N ILE D 283 47.03 -11.76 22.60
CA ILE D 283 45.65 -11.54 22.19
C ILE D 283 44.83 -11.26 23.44
N ARG D 284 43.83 -10.38 23.32
CA ARG D 284 42.83 -10.23 24.37
C ARG D 284 41.45 -10.11 23.73
N VAL D 285 40.50 -10.91 24.24
CA VAL D 285 39.13 -10.80 23.79
C VAL D 285 38.62 -9.40 24.06
N LEU D 286 37.96 -8.82 23.07
CA LEU D 286 37.42 -7.47 23.23
C LEU D 286 35.95 -7.55 23.58
N PRO D 287 35.48 -6.74 24.53
CA PRO D 287 34.06 -6.75 24.83
C PRO D 287 33.28 -5.99 23.77
N GLU D 288 32.10 -6.49 23.45
CA GLU D 288 31.29 -5.83 22.45
C GLU D 288 30.61 -4.56 22.97
N SER D 289 31.04 -4.07 24.14
CA SER D 289 30.69 -2.74 24.61
C SER D 289 31.79 -1.72 24.34
N ASN D 290 32.93 -2.16 23.79
CA ASN D 290 34.07 -1.27 23.61
C ASN D 290 33.83 -0.35 22.40
N SER D 291 34.18 0.93 22.56
CA SER D 291 33.94 1.90 21.49
C SER D 291 34.74 1.58 20.23
N ASP D 292 35.86 0.87 20.36
CA ASP D 292 36.56 0.40 19.18
C ASP D 292 35.69 -0.55 18.38
N VAL D 293 34.94 -1.42 19.07
CA VAL D 293 34.04 -2.33 18.38
C VAL D 293 32.91 -1.55 17.74
N ASP D 294 32.47 -0.46 18.37
CA ASP D 294 31.48 0.41 17.72
C ASP D 294 32.06 1.03 16.46
N GLN D 295 33.34 1.41 16.48
CA GLN D 295 33.97 1.95 15.29
C GLN D 295 34.05 0.92 14.18
N LEU D 296 34.42 -0.31 14.53
CA LEU D 296 34.50 -1.38 13.54
C LEU D 296 33.12 -1.70 12.95
N LYS D 297 32.10 -1.75 13.80
CA LYS D 297 30.73 -1.87 13.31
C LYS D 297 30.39 -0.75 12.34
N LYS D 298 30.56 0.50 12.79
CA LYS D 298 30.34 1.66 11.95
C LYS D 298 30.98 1.49 10.58
N ASP D 299 32.21 0.99 10.55
CA ASP D 299 32.93 0.83 9.29
C ASP D 299 32.18 -0.12 8.36
N LEU D 300 31.81 -1.29 8.88
CA LEU D 300 31.13 -2.28 8.03
C LEU D 300 29.80 -1.77 7.52
N GLU D 301 29.15 -0.84 8.23
CA GLU D 301 27.90 -0.26 7.72
C GLU D 301 28.08 0.29 6.32
N SER D 302 29.26 0.82 6.01
CA SER D 302 29.54 1.31 4.67
C SER D 302 30.00 0.18 3.76
N ALA D 303 30.72 -0.80 4.33
CA ALA D 303 31.30 -1.88 3.55
C ALA D 303 30.25 -2.81 2.95
N ASN D 304 28.99 -2.66 3.33
CA ASN D 304 27.93 -3.53 2.82
C ASN D 304 26.87 -2.76 2.04
N LEU D 305 26.29 -1.71 2.62
CA LEU D 305 25.29 -0.92 1.89
C LEU D 305 25.95 -0.19 0.72
N THR D 306 26.92 0.68 1.01
CA THR D 306 27.68 1.37 -0.02
C THR D 306 28.86 0.53 -0.50
N ALA D 307 28.67 -0.79 -0.64
CA ALA D 307 29.79 -1.68 -0.94
C ALA D 307 30.35 -1.46 -2.34
N ASN D 308 29.50 -1.14 -3.31
CA ASN D 308 29.88 -1.05 -4.72
C ASN D 308 30.48 -2.34 -5.26
N GLN D 309 30.31 -3.44 -4.53
CA GLN D 309 30.89 -4.71 -4.92
C GLN D 309 29.96 -5.49 -5.83
N HIS D 310 30.55 -6.35 -6.66
CA HIS D 310 29.78 -7.07 -7.66
C HIS D 310 28.76 -7.99 -7.01
N SER D 311 28.06 -8.74 -7.86
CA SER D 311 26.92 -9.52 -7.42
C SER D 311 27.35 -10.68 -6.52
N ASP D 312 26.40 -11.16 -5.74
CA ASP D 312 26.55 -12.37 -4.96
C ASP D 312 25.15 -12.84 -4.55
N VAL D 313 25.04 -14.11 -4.19
CA VAL D 313 23.74 -14.71 -3.93
C VAL D 313 22.96 -14.71 -5.24
N ILE D 314 23.62 -15.10 -6.33
CA ILE D 314 22.94 -15.22 -7.61
C ILE D 314 21.71 -16.10 -7.47
N CYS D 315 21.71 -17.03 -6.51
CA CYS D 315 20.52 -17.78 -6.19
C CYS D 315 19.52 -16.90 -5.46
N GLN D 316 18.92 -15.95 -6.19
CA GLN D 316 18.03 -14.97 -5.57
C GLN D 316 16.73 -15.59 -5.05
N SER D 317 16.50 -16.88 -5.31
CA SER D 317 15.36 -17.59 -4.72
C SER D 317 15.65 -18.10 -3.31
N GLU D 318 16.81 -17.79 -2.75
CA GLU D 318 17.25 -18.37 -1.49
C GLU D 318 16.72 -17.65 -0.26
N PRO D 319 16.72 -16.31 -0.22
CA PRO D 319 16.48 -15.61 1.06
C PRO D 319 15.11 -15.85 1.69
N ASP D 320 14.03 -15.59 0.95
CA ASP D 320 12.66 -15.65 1.47
C ASP D 320 12.47 -14.77 2.70
N ASP D 321 13.38 -13.83 2.96
CA ASP D 321 13.36 -13.02 4.17
C ASP D 321 12.95 -13.84 5.39
N SER D 322 12.03 -13.31 6.21
CA SER D 322 11.60 -14.01 7.42
C SER D 322 10.68 -15.17 7.06
N PHE D 323 11.24 -16.26 6.59
CA PHE D 323 10.41 -17.33 6.04
C PHE D 323 9.67 -18.06 7.16
N PRO D 324 8.39 -18.40 6.96
CA PRO D 324 7.56 -18.14 5.77
C PRO D 324 7.24 -16.65 5.65
N SER D 325 7.61 -16.04 4.53
CA SER D 325 7.57 -14.59 4.37
C SER D 325 6.25 -14.02 4.85
N SER D 326 5.15 -14.38 4.19
CA SER D 326 3.85 -13.87 4.58
C SER D 326 3.27 -14.61 5.76
N GLY D 327 3.73 -15.85 6.00
CA GLY D 327 3.23 -16.59 7.15
C GLY D 327 3.64 -15.96 8.47
N SER D 328 4.87 -15.46 8.54
CA SER D 328 5.33 -14.84 9.78
C SER D 328 4.53 -13.59 10.09
N GLU D 329 4.07 -12.88 9.05
CA GLU D 329 3.23 -11.71 9.28
C GLU D 329 1.80 -12.12 9.59
N SER D 330 1.27 -13.16 8.91
CA SER D 330 -0.06 -13.66 9.22
C SER D 330 -0.14 -14.14 10.67
N ASP D 331 0.97 -14.67 11.18
CA ASP D 331 1.05 -15.10 12.57
C ASP D 331 0.84 -13.95 13.54
N LEU D 332 0.99 -12.69 13.08
CA LEU D 332 0.69 -11.51 13.88
C LEU D 332 -0.67 -10.91 13.49
N VAL D 333 -0.96 -10.89 12.19
CA VAL D 333 -2.13 -10.20 11.67
C VAL D 333 -3.42 -10.87 12.09
N SER D 334 -3.37 -12.16 12.39
CA SER D 334 -4.56 -12.91 12.79
C SER D 334 -4.80 -12.89 14.30
N LEU D 335 -4.03 -12.12 15.06
CA LEU D 335 -4.19 -12.11 16.51
C LEU D 335 -5.47 -11.35 16.91
N TYR D 336 -5.82 -11.47 18.20
CA TYR D 336 -7.18 -11.31 18.68
C TYR D 336 -7.65 -9.85 18.82
N GLU D 337 -6.75 -8.91 19.02
CA GLU D 337 -7.06 -7.57 19.53
C GLU D 337 -7.38 -7.68 21.02
N VAL D 338 -7.99 -6.64 21.62
CA VAL D 338 -8.08 -6.47 23.10
C VAL D 338 -9.40 -6.97 23.66
N GLU D 339 -10.00 -6.28 24.65
CA GLU D 339 -11.22 -6.80 25.33
C GLU D 339 -12.34 -5.77 25.47
N ARG D 340 -12.31 -4.56 24.84
CA ARG D 340 -13.54 -3.74 24.84
C ARG D 340 -13.65 -2.93 23.54
N CYS D 341 -14.26 -3.54 22.52
CA CYS D 341 -14.39 -2.93 21.19
C CYS D 341 -15.67 -2.10 21.07
N GLN D 342 -15.90 -1.59 19.85
CA GLN D 342 -17.15 -0.89 19.54
C GLN D 342 -18.30 -1.85 19.30
N GLN D 343 -18.01 -3.01 18.74
CA GLN D 343 -19.05 -3.91 18.26
C GLN D 343 -19.89 -4.44 19.41
N LEU D 344 -21.11 -4.86 19.09
CA LEU D 344 -22.08 -5.29 20.08
C LEU D 344 -21.99 -6.80 20.31
N SER D 345 -22.22 -7.20 21.57
CA SER D 345 -22.15 -8.62 21.93
C SER D 345 -23.08 -9.44 21.06
N ALA D 346 -22.82 -10.74 21.00
CA ALA D 346 -23.67 -11.67 20.27
C ALA D 346 -24.50 -12.56 21.17
N THR D 347 -24.18 -12.64 22.46
CA THR D 347 -24.89 -13.51 23.37
C THR D 347 -25.11 -12.77 24.69
N ILE D 348 -26.20 -13.12 25.37
CA ILE D 348 -26.54 -12.55 26.66
C ILE D 348 -26.78 -13.69 27.65
N LEU D 349 -26.23 -13.55 28.84
CA LEU D 349 -26.48 -14.49 29.92
C LEU D 349 -27.78 -14.11 30.61
N THR D 350 -28.70 -15.07 30.75
CA THR D 350 -29.99 -14.77 31.34
C THR D 350 -29.91 -14.53 32.83
N ASP D 351 -28.85 -14.99 33.50
CA ASP D 351 -28.75 -14.93 34.94
C ASP D 351 -27.32 -14.64 35.36
N HIS D 352 -27.16 -14.20 36.61
CA HIS D 352 -25.86 -13.90 37.19
C HIS D 352 -25.18 -12.74 36.47
N GLN D 353 -25.96 -11.76 36.02
CA GLN D 353 -25.39 -10.62 35.30
C GLN D 353 -24.60 -9.72 36.23
N TYR D 354 -24.85 -9.81 37.53
CA TYR D 354 -24.10 -9.01 38.50
C TYR D 354 -22.63 -9.43 38.55
N LEU D 355 -22.32 -10.62 38.07
CA LEU D 355 -20.96 -11.15 38.21
C LEU D 355 -19.95 -10.31 37.44
N GLU D 356 -18.84 -10.00 38.09
CA GLU D 356 -17.77 -9.24 37.44
C GLU D 356 -17.08 -10.09 36.39
N ARG D 357 -16.64 -9.44 35.31
CA ARG D 357 -15.88 -10.13 34.27
C ARG D 357 -14.55 -10.64 34.83
N THR D 358 -14.27 -11.92 34.61
CA THR D 358 -13.03 -12.52 35.08
C THR D 358 -12.17 -12.90 33.89
N PRO D 359 -11.00 -12.29 33.70
CA PRO D 359 -10.13 -12.68 32.59
C PRO D 359 -9.88 -14.18 32.57
N LEU D 360 -9.77 -14.74 31.36
CA LEU D 360 -9.55 -16.17 31.22
C LEU D 360 -8.25 -16.60 31.91
N CYS D 361 -7.20 -15.79 31.79
CA CYS D 361 -5.95 -16.08 32.48
C CYS D 361 -6.18 -16.20 33.98
N ALA D 362 -6.94 -15.26 34.55
CA ALA D 362 -7.26 -15.31 35.96
C ALA D 362 -7.94 -16.63 36.32
N ILE D 363 -8.83 -17.10 35.46
CA ILE D 363 -9.51 -18.37 35.70
C ILE D 363 -8.50 -19.51 35.70
N LEU D 364 -7.66 -19.57 34.66
CA LEU D 364 -6.69 -20.66 34.54
C LEU D 364 -5.81 -20.76 35.79
N LYS D 365 -5.48 -19.62 36.38
CA LYS D 365 -4.62 -19.62 37.56
C LYS D 365 -5.35 -20.04 38.82
N GLN D 366 -6.64 -20.33 38.75
CA GLN D 366 -7.43 -20.68 39.93
C GLN D 366 -7.88 -22.14 39.87
N LYS D 367 -8.28 -22.63 41.04
CA LYS D 367 -8.80 -23.98 41.18
C LYS D 367 -10.14 -24.15 40.48
N ALA D 368 -10.56 -25.40 40.36
CA ALA D 368 -11.91 -25.77 39.98
C ALA D 368 -12.52 -26.65 41.08
N PRO D 369 -13.84 -26.60 41.28
CA PRO D 369 -14.84 -25.84 40.52
C PRO D 369 -14.98 -24.38 40.93
N GLN D 370 -15.58 -23.57 40.07
CA GLN D 370 -15.83 -22.16 40.34
C GLN D 370 -16.70 -21.61 39.22
N GLN D 371 -17.48 -20.59 39.54
CA GLN D 371 -18.32 -19.90 38.58
C GLN D 371 -17.56 -18.68 38.03
N TYR D 372 -17.82 -18.37 36.76
CA TYR D 372 -17.20 -17.22 36.13
C TYR D 372 -18.13 -16.65 35.08
N ARG D 373 -17.96 -15.35 34.82
CA ARG D 373 -18.68 -14.64 33.77
C ARG D 373 -17.64 -14.01 32.86
N ILE D 374 -17.68 -14.37 31.58
CA ILE D 374 -16.60 -14.03 30.65
C ILE D 374 -17.16 -13.42 29.38
N ARG D 375 -16.24 -12.91 28.57
CA ARG D 375 -16.48 -12.51 27.19
C ARG D 375 -15.41 -13.17 26.33
N ALA D 376 -15.80 -13.59 25.14
CA ALA D 376 -14.89 -14.34 24.28
C ALA D 376 -15.29 -14.18 22.83
N LYS D 377 -14.51 -14.79 21.95
CA LYS D 377 -14.88 -15.00 20.55
C LYS D 377 -14.58 -16.45 20.20
N LEU D 378 -15.49 -17.09 19.47
CA LEU D 378 -15.28 -18.48 19.08
C LEU D 378 -14.20 -18.57 18.00
N ARG D 379 -12.97 -18.84 18.41
CA ARG D 379 -11.91 -19.07 17.43
C ARG D 379 -12.22 -20.28 16.57
N SER D 380 -12.90 -21.28 17.13
CA SER D 380 -13.28 -22.47 16.39
C SER D 380 -14.32 -23.24 17.20
N TYR D 381 -15.00 -24.16 16.52
CA TYR D 381 -16.06 -24.94 17.16
C TYR D 381 -16.05 -26.35 16.61
N LYS D 382 -16.57 -27.28 17.43
CA LYS D 382 -16.65 -28.69 17.05
C LYS D 382 -18.00 -29.27 17.45
N PRO D 383 -18.59 -30.14 16.61
CA PRO D 383 -18.10 -30.55 15.28
C PRO D 383 -18.50 -29.54 14.23
N ARG D 384 -17.62 -29.28 13.25
CA ARG D 384 -18.00 -28.39 12.16
C ARG D 384 -19.14 -28.97 11.35
N ARG D 385 -19.13 -30.28 11.15
CA ARG D 385 -20.19 -30.99 10.43
C ARG D 385 -21.39 -31.07 11.35
N LEU D 386 -22.22 -30.03 11.29
CA LEU D 386 -23.20 -29.75 12.34
C LEU D 386 -24.29 -30.80 12.45
N PHE D 387 -24.42 -31.72 11.49
CA PHE D 387 -25.35 -32.82 11.71
C PHE D 387 -24.90 -33.72 12.85
N GLN D 388 -23.73 -33.47 13.44
CA GLN D 388 -23.21 -34.23 14.57
C GLN D 388 -23.36 -33.50 15.90
N SER D 389 -24.20 -32.47 15.97
CA SER D 389 -24.25 -31.58 17.13
C SER D 389 -25.39 -31.90 18.10
N VAL D 390 -26.09 -33.02 17.92
CA VAL D 390 -27.20 -33.38 18.78
C VAL D 390 -26.96 -34.77 19.36
N LYS D 391 -27.44 -34.98 20.58
CA LYS D 391 -27.24 -36.24 21.28
C LYS D 391 -28.51 -36.64 22.02
N LEU D 392 -28.63 -37.94 22.29
CA LEU D 392 -29.58 -38.45 23.27
C LEU D 392 -28.86 -38.64 24.60
N HIS D 393 -29.54 -38.30 25.69
CA HIS D 393 -28.95 -38.35 27.01
C HIS D 393 -29.89 -39.07 27.96
N CYS D 394 -29.34 -40.01 28.74
CA CYS D 394 -30.11 -40.63 29.81
C CYS D 394 -29.76 -39.94 31.12
N PRO D 395 -30.68 -39.23 31.76
CA PRO D 395 -30.31 -38.53 32.99
C PRO D 395 -30.10 -39.45 34.17
N LYS D 396 -30.89 -40.52 34.28
CA LYS D 396 -30.83 -41.38 35.46
C LYS D 396 -29.42 -41.90 35.70
N CYS D 397 -28.77 -42.39 34.64
CA CYS D 397 -27.37 -42.78 34.69
C CYS D 397 -26.46 -41.73 34.07
N HIS D 398 -26.94 -40.49 33.88
CA HIS D 398 -26.14 -39.37 33.30
C HIS D 398 -25.07 -39.94 32.37
N LEU D 399 -25.47 -40.34 31.17
CA LEU D 399 -24.53 -40.91 30.17
C LEU D 399 -25.12 -40.68 28.78
N LEU D 400 -24.41 -39.94 27.93
CA LEU D 400 -24.92 -39.61 26.57
C LEU D 400 -25.19 -40.89 25.77
N GLN D 401 -25.96 -40.79 24.68
CA GLN D 401 -26.37 -41.91 23.85
C GLN D 401 -26.47 -41.44 22.40
N GLU D 402 -25.74 -42.11 21.52
CA GLU D 402 -25.77 -41.75 20.10
C GLU D 402 -27.16 -42.00 19.52
N VAL D 403 -27.50 -41.20 18.53
CA VAL D 403 -28.82 -41.31 17.90
C VAL D 403 -28.78 -42.44 16.86
N PRO D 404 -29.73 -43.37 16.88
CA PRO D 404 -29.75 -44.40 15.85
C PRO D 404 -30.05 -43.81 14.47
N HIS D 405 -29.59 -44.52 13.44
CA HIS D 405 -29.84 -44.14 12.06
C HIS D 405 -31.13 -44.78 11.56
N GLU D 406 -31.60 -44.28 10.41
CA GLU D 406 -32.76 -44.88 9.77
C GLU D 406 -32.48 -46.32 9.35
N GLY D 407 -31.25 -46.61 8.93
CA GLY D 407 -30.88 -47.99 8.65
C GLY D 407 -31.07 -48.88 9.86
N ASP D 408 -30.79 -48.35 11.05
CA ASP D 408 -31.00 -49.12 12.27
C ASP D 408 -32.49 -49.41 12.48
N LEU D 409 -33.33 -48.37 12.38
CA LEU D 409 -34.76 -48.57 12.48
C LEU D 409 -35.25 -49.62 11.50
N ASP D 410 -34.75 -49.56 10.26
CA ASP D 410 -35.14 -50.54 9.26
C ASP D 410 -34.69 -51.95 9.66
N ILE D 411 -33.48 -52.07 10.19
CA ILE D 411 -32.99 -53.36 10.67
C ILE D 411 -33.86 -53.88 11.79
N ILE D 412 -34.47 -52.98 12.56
CA ILE D 412 -35.42 -53.42 13.59
C ILE D 412 -36.75 -53.82 12.94
N PHE D 413 -37.38 -52.88 12.24
CA PHE D 413 -38.73 -53.12 11.72
C PHE D 413 -38.78 -54.32 10.78
N GLN D 414 -37.69 -54.59 10.05
CA GLN D 414 -37.71 -55.68 9.08
C GLN D 414 -38.09 -57.01 9.73
N ASP D 415 -37.77 -57.19 11.02
CA ASP D 415 -38.07 -58.47 11.66
C ASP D 415 -39.55 -58.61 11.98
N GLY D 416 -40.31 -57.51 11.97
CA GLY D 416 -41.72 -57.58 12.29
C GLY D 416 -42.58 -57.81 11.07
N ALA D 417 -42.05 -57.51 9.89
CA ALA D 417 -42.83 -57.64 8.65
C ALA D 417 -43.27 -59.07 8.39
N THR D 418 -42.60 -60.06 8.97
CA THR D 418 -42.88 -61.46 8.69
C THR D 418 -43.65 -62.15 9.80
N LYS D 419 -44.03 -61.44 10.86
CA LYS D 419 -44.65 -62.06 12.01
C LYS D 419 -46.12 -62.33 11.75
N THR D 420 -46.67 -63.29 12.50
CA THR D 420 -48.06 -63.72 12.37
C THR D 420 -48.89 -63.15 13.49
N PRO D 421 -49.99 -62.43 13.20
CA PRO D 421 -50.85 -61.95 14.29
C PRO D 421 -51.49 -63.12 15.05
N ASP D 422 -51.81 -62.86 16.31
CA ASP D 422 -52.46 -63.84 17.18
C ASP D 422 -53.91 -63.45 17.39
N VAL D 423 -54.79 -64.45 17.50
CA VAL D 423 -56.22 -64.18 17.58
C VAL D 423 -56.58 -63.50 18.90
N LYS D 424 -55.94 -63.90 19.99
CA LYS D 424 -56.28 -63.35 21.29
C LYS D 424 -55.70 -61.96 21.52
N LEU D 425 -54.82 -61.48 20.63
CA LEU D 425 -54.29 -60.13 20.71
C LEU D 425 -55.05 -59.15 19.82
N GLN D 426 -56.10 -59.61 19.13
CA GLN D 426 -56.81 -58.75 18.19
C GLN D 426 -57.72 -57.76 18.92
N ASN D 427 -58.84 -58.26 19.43
CA ASN D 427 -59.86 -57.42 20.05
C ASN D 427 -59.91 -57.70 21.54
N THR D 428 -59.91 -56.64 22.34
CA THR D 428 -59.97 -56.76 23.80
C THR D 428 -60.78 -55.58 24.34
N SER D 429 -60.92 -55.54 25.66
CA SER D 429 -61.55 -54.39 26.30
C SER D 429 -60.73 -53.12 26.11
N LEU D 430 -59.43 -53.25 25.86
CA LEU D 430 -58.54 -52.10 25.77
C LEU D 430 -58.22 -51.69 24.34
N TYR D 431 -58.19 -52.64 23.40
CA TYR D 431 -57.81 -52.32 22.02
C TYR D 431 -58.45 -53.31 21.06
N ASP D 432 -58.75 -52.82 19.86
CA ASP D 432 -59.28 -53.62 18.77
C ASP D 432 -58.39 -53.41 17.55
N SER D 433 -58.51 -54.32 16.57
CA SER D 433 -57.49 -54.44 15.53
C SER D 433 -58.11 -54.60 14.15
N LYS D 434 -57.26 -54.45 13.13
CA LYS D 434 -57.59 -54.72 11.75
C LYS D 434 -56.32 -55.19 11.05
N ILE D 435 -56.47 -56.12 10.11
CA ILE D 435 -55.33 -56.85 9.56
C ILE D 435 -55.24 -56.62 8.05
N TRP D 436 -54.04 -56.86 7.52
CA TRP D 436 -53.77 -56.74 6.09
C TRP D 436 -52.57 -57.61 5.73
N THR D 437 -52.50 -57.97 4.45
CA THR D 437 -51.32 -58.59 3.85
C THR D 437 -50.92 -57.77 2.63
N THR D 438 -49.80 -57.07 2.72
CA THR D 438 -49.37 -56.21 1.63
C THR D 438 -48.79 -57.05 0.50
N LYS D 439 -49.32 -56.86 -0.70
CA LYS D 439 -48.92 -57.65 -1.85
C LYS D 439 -47.63 -57.13 -2.46
N ASN D 440 -46.90 -58.04 -3.12
CA ASN D 440 -45.68 -57.71 -3.85
C ASN D 440 -44.49 -57.48 -2.93
N GLN D 441 -44.74 -57.13 -1.66
CA GLN D 441 -43.68 -56.87 -0.70
C GLN D 441 -43.23 -58.15 0.00
N LYS D 442 -42.92 -59.17 -0.80
CA LYS D 442 -42.48 -60.46 -0.28
C LYS D 442 -43.49 -61.07 0.67
N GLY D 443 -44.77 -60.79 0.47
CA GLY D 443 -45.81 -61.33 1.33
C GLY D 443 -45.76 -60.80 2.75
N ARG D 444 -45.48 -59.51 2.92
CA ARG D 444 -45.39 -58.93 4.25
C ARG D 444 -46.74 -58.95 4.94
N LYS D 445 -46.72 -59.24 6.24
CA LYS D 445 -47.91 -59.26 7.08
C LYS D 445 -47.92 -58.03 7.98
N VAL D 446 -49.09 -57.40 8.11
CA VAL D 446 -49.24 -56.18 8.89
C VAL D 446 -50.53 -56.28 9.69
N ALA D 447 -50.50 -55.76 10.93
CA ALA D 447 -51.66 -55.73 11.79
C ALA D 447 -51.70 -54.38 12.51
N VAL D 448 -52.89 -53.83 12.66
CA VAL D 448 -53.11 -52.53 13.28
C VAL D 448 -54.05 -52.70 14.47
N HIS D 449 -53.76 -52.00 15.55
CA HIS D 449 -54.57 -52.05 16.77
C HIS D 449 -54.89 -50.63 17.23
N PHE D 450 -56.14 -50.40 17.61
CA PHE D 450 -56.60 -49.09 18.08
C PHE D 450 -56.94 -49.21 19.55
N VAL D 451 -56.25 -48.42 20.38
CA VAL D 451 -56.57 -48.38 21.80
C VAL D 451 -57.88 -47.61 21.99
N LYS D 452 -58.62 -47.99 23.01
CA LYS D 452 -59.96 -47.45 23.26
C LYS D 452 -59.98 -46.70 24.60
N ASN D 453 -60.67 -45.57 24.61
CA ASN D 453 -60.88 -44.82 25.84
C ASN D 453 -62.17 -45.30 26.50
N ASN D 454 -62.09 -45.59 27.80
CA ASN D 454 -63.22 -46.15 28.55
C ASN D 454 -63.97 -47.19 27.73
N GLY D 455 -63.23 -48.00 26.97
CA GLY D 455 -63.82 -49.03 26.16
C GLY D 455 -64.31 -48.58 24.79
N ILE D 456 -64.28 -47.29 24.50
CA ILE D 456 -64.78 -46.74 23.24
C ILE D 456 -63.63 -46.09 22.50
N LEU D 457 -63.62 -46.25 21.18
CA LEU D 457 -62.59 -45.63 20.35
C LEU D 457 -62.70 -44.11 20.47
N PRO D 458 -61.61 -43.42 20.81
CA PRO D 458 -61.65 -41.95 20.84
C PRO D 458 -61.41 -41.36 19.45
N LEU D 459 -61.68 -40.07 19.34
CA LEU D 459 -61.41 -39.36 18.09
C LEU D 459 -59.94 -39.47 17.74
N SER D 460 -59.63 -39.17 16.46
CA SER D 460 -58.27 -39.35 15.97
C SER D 460 -57.27 -38.54 16.77
N ASN D 461 -57.65 -37.34 17.19
CA ASN D 461 -56.72 -36.48 17.92
C ASN D 461 -56.34 -37.06 19.27
N GLU D 462 -57.08 -38.05 19.76
CA GLU D 462 -56.76 -38.72 21.02
C GLU D 462 -56.69 -40.23 20.84
N CYS D 463 -56.54 -40.70 19.60
CA CYS D 463 -56.56 -42.14 19.30
C CYS D 463 -55.14 -42.67 19.31
N LEU D 464 -54.79 -43.39 20.37
CA LEU D 464 -53.51 -44.06 20.45
C LEU D 464 -53.58 -45.36 19.66
N LEU D 465 -52.67 -45.52 18.69
CA LEU D 465 -52.70 -46.61 17.74
C LEU D 465 -51.40 -47.41 17.83
N LEU D 466 -51.50 -48.72 17.60
CA LEU D 466 -50.37 -49.63 17.72
C LEU D 466 -50.17 -50.36 16.39
N ILE D 467 -48.92 -50.65 16.05
CA ILE D 467 -48.56 -51.24 14.77
C ILE D 467 -47.57 -52.37 14.98
N GLU D 468 -47.74 -53.44 14.20
CA GLU D 468 -46.74 -54.49 14.05
C GLU D 468 -46.66 -54.85 12.58
N GLY D 469 -45.45 -54.81 12.03
CA GLY D 469 -45.23 -55.07 10.62
C GLY D 469 -45.10 -53.84 9.77
N GLY D 470 -45.35 -52.65 10.32
CA GLY D 470 -45.22 -51.43 9.55
C GLY D 470 -43.78 -50.92 9.53
N THR D 471 -43.41 -50.34 8.40
CA THR D 471 -42.06 -49.80 8.22
C THR D 471 -41.94 -48.43 8.88
N LEU D 472 -40.70 -47.97 9.01
CA LEU D 472 -40.44 -46.71 9.69
C LEU D 472 -41.16 -45.56 8.99
N SER D 473 -41.09 -45.49 7.67
CA SER D 473 -41.77 -44.43 6.94
C SER D 473 -43.27 -44.52 7.12
N GLU D 474 -43.80 -45.75 7.08
CA GLU D 474 -45.25 -45.92 7.22
C GLU D 474 -45.72 -45.53 8.62
N ILE D 475 -45.00 -45.97 9.65
CA ILE D 475 -45.40 -45.62 11.02
C ILE D 475 -45.25 -44.12 11.24
N CYS D 476 -44.25 -43.49 10.61
CA CYS D 476 -44.11 -42.04 10.73
C CYS D 476 -45.29 -41.32 10.08
N LYS D 477 -45.58 -41.65 8.82
CA LYS D 477 -46.71 -41.03 8.13
C LYS D 477 -48.01 -41.28 8.87
N LEU D 478 -48.15 -42.44 9.50
CA LEU D 478 -49.36 -42.74 10.26
C LEU D 478 -49.40 -41.94 11.57
N SER D 479 -48.24 -41.67 12.16
CA SER D 479 -48.19 -40.87 13.38
C SER D 479 -48.43 -39.40 13.08
N ASN D 480 -48.15 -38.94 11.85
CA ASN D 480 -48.55 -37.60 11.45
C ASN D 480 -50.06 -37.43 11.48
N LYS D 481 -50.82 -38.54 11.38
CA LYS D 481 -52.27 -38.49 11.32
C LYS D 481 -52.91 -38.75 12.68
N PHE D 482 -52.55 -39.88 13.31
CA PHE D 482 -53.10 -40.20 14.62
C PHE D 482 -52.41 -39.37 15.70
N ASN D 483 -52.96 -39.46 16.92
CA ASN D 483 -52.36 -38.74 18.04
C ASN D 483 -50.90 -39.15 18.23
N SER D 484 -50.66 -40.43 18.46
CA SER D 484 -49.33 -40.97 18.63
C SER D 484 -49.43 -42.49 18.54
N VAL D 485 -48.34 -43.13 18.13
CA VAL D 485 -48.37 -44.56 17.82
C VAL D 485 -47.16 -45.24 18.45
N ILE D 486 -47.32 -46.52 18.75
CA ILE D 486 -46.33 -47.33 19.46
C ILE D 486 -46.02 -48.55 18.59
N PRO D 487 -44.77 -48.76 18.17
CA PRO D 487 -44.41 -50.04 17.53
C PRO D 487 -44.45 -51.18 18.53
N VAL D 488 -45.03 -52.30 18.11
CA VAL D 488 -45.19 -53.47 18.97
C VAL D 488 -44.97 -54.73 18.14
N ARG D 489 -44.86 -55.86 18.85
CA ARG D 489 -44.81 -57.18 18.23
C ARG D 489 -45.70 -58.12 19.03
N SER D 490 -45.90 -59.32 18.50
CA SER D 490 -46.81 -60.29 19.09
C SER D 490 -46.13 -60.92 20.31
N GLY D 491 -46.46 -60.43 21.50
CA GLY D 491 -46.06 -61.08 22.72
C GLY D 491 -47.08 -62.13 23.12
N HIS D 492 -46.57 -63.29 23.53
CA HIS D 492 -47.46 -64.43 23.82
C HIS D 492 -48.50 -64.07 24.86
N GLU D 493 -48.19 -63.17 25.78
CA GLU D 493 -49.16 -62.67 26.75
C GLU D 493 -49.91 -61.45 26.21
N ASP D 494 -49.17 -60.45 25.72
CA ASP D 494 -49.78 -59.22 25.24
C ASP D 494 -48.72 -58.46 24.44
N LEU D 495 -49.19 -57.47 23.69
CA LEU D 495 -48.30 -56.72 22.81
C LEU D 495 -47.15 -56.10 23.60
N GLU D 496 -45.95 -56.14 23.01
CA GLU D 496 -44.76 -55.60 23.62
C GLU D 496 -43.94 -54.85 22.57
N LEU D 497 -43.23 -53.83 23.02
CA LEU D 497 -42.35 -53.07 22.14
C LEU D 497 -41.35 -54.01 21.46
N LEU D 498 -41.35 -53.99 20.12
CA LEU D 498 -40.51 -54.95 19.39
C LEU D 498 -39.04 -54.75 19.69
N ASP D 499 -38.61 -53.52 19.97
CA ASP D 499 -37.22 -53.26 20.32
C ASP D 499 -37.03 -51.81 20.74
N LEU D 500 -36.47 -51.57 21.92
CA LEU D 500 -36.21 -50.21 22.36
C LEU D 500 -35.18 -49.51 21.49
N SER D 501 -34.52 -50.25 20.58
CA SER D 501 -33.75 -49.61 19.53
C SER D 501 -34.66 -48.87 18.55
N ALA D 502 -35.89 -49.31 18.42
CA ALA D 502 -36.92 -48.55 17.71
C ALA D 502 -37.66 -47.65 18.69
N PRO D 503 -38.42 -46.69 18.21
CA PRO D 503 -39.07 -45.74 19.11
C PRO D 503 -40.09 -46.44 20.01
N PHE D 504 -40.02 -46.16 21.31
CA PHE D 504 -41.09 -46.60 22.20
C PHE D 504 -42.35 -45.78 21.99
N LEU D 505 -42.22 -44.60 21.38
CA LEU D 505 -43.38 -43.81 20.95
C LEU D 505 -42.91 -42.85 19.87
N ILE D 506 -43.56 -42.89 18.71
CA ILE D 506 -43.30 -41.95 17.63
C ILE D 506 -44.50 -41.04 17.49
N GLN D 507 -44.28 -39.74 17.70
CA GLN D 507 -45.32 -38.73 17.82
C GLN D 507 -45.06 -37.70 16.72
N GLY D 508 -45.65 -37.93 15.55
CA GLY D 508 -45.43 -37.06 14.41
C GLY D 508 -43.98 -36.98 14.01
N THR D 509 -43.36 -35.83 14.25
CA THR D 509 -41.96 -35.60 13.90
C THR D 509 -41.00 -36.04 15.01
N ILE D 510 -41.52 -36.47 16.16
CA ILE D 510 -40.69 -36.85 17.30
C ILE D 510 -40.65 -38.37 17.39
N HIS D 511 -39.44 -38.94 17.32
CA HIS D 511 -39.20 -40.34 17.63
C HIS D 511 -38.64 -40.40 19.05
N HIS D 512 -39.40 -40.98 19.98
CA HIS D 512 -38.96 -41.09 21.36
C HIS D 512 -38.16 -42.37 21.54
N TYR D 513 -37.00 -42.25 22.20
CA TYR D 513 -36.15 -43.39 22.50
C TYR D 513 -35.92 -43.47 24.01
N GLY D 514 -35.53 -44.66 24.48
CA GLY D 514 -35.30 -44.88 25.89
C GLY D 514 -33.95 -45.53 26.14
N CYS D 515 -33.53 -45.49 27.40
CA CYS D 515 -32.27 -46.09 27.82
C CYS D 515 -32.51 -47.56 28.17
N LYS D 516 -31.91 -48.46 27.39
CA LYS D 516 -32.06 -49.88 27.66
C LYS D 516 -31.48 -50.25 29.01
N GLN D 517 -30.39 -49.61 29.42
CA GLN D 517 -29.75 -49.95 30.69
C GLN D 517 -30.62 -49.57 31.87
N CYS D 518 -31.50 -48.58 31.71
CA CYS D 518 -32.32 -48.09 32.82
C CYS D 518 -33.80 -48.46 32.68
N SER D 519 -34.21 -49.08 31.59
CA SER D 519 -35.60 -49.41 31.38
C SER D 519 -35.92 -50.81 31.90
N SER D 520 -37.20 -51.01 32.26
CA SER D 520 -37.73 -52.30 32.71
C SER D 520 -39.19 -52.33 32.24
N LEU D 521 -39.37 -52.70 30.97
CA LEU D 521 -40.60 -52.39 30.25
C LEU D 521 -41.74 -53.33 30.63
N ARG D 522 -42.94 -52.91 30.28
CA ARG D 522 -44.18 -53.65 30.54
C ARG D 522 -44.99 -53.72 29.26
N SER D 523 -46.04 -54.53 29.29
CA SER D 523 -46.84 -54.77 28.10
C SER D 523 -47.94 -53.71 27.95
N ILE D 524 -48.66 -53.81 26.83
CA ILE D 524 -49.66 -52.79 26.49
C ILE D 524 -50.80 -52.78 27.49
N GLN D 525 -51.12 -53.94 28.08
CA GLN D 525 -52.17 -53.99 29.08
C GLN D 525 -51.92 -53.02 30.23
N ASN D 526 -50.64 -52.73 30.50
CA ASN D 526 -50.28 -51.84 31.60
C ASN D 526 -50.65 -50.39 31.33
N LEU D 527 -51.24 -50.08 30.18
CA LEU D 527 -51.83 -48.76 29.99
C LEU D 527 -52.97 -48.50 30.97
N ASN D 528 -53.49 -49.56 31.60
CA ASN D 528 -54.51 -49.38 32.63
C ASN D 528 -54.00 -48.58 33.82
N SER D 529 -52.69 -48.45 33.97
CA SER D 529 -52.13 -47.68 35.06
C SER D 529 -52.16 -46.17 34.82
N LEU D 530 -52.58 -45.74 33.64
CA LEU D 530 -52.61 -44.32 33.33
C LEU D 530 -53.76 -43.62 34.05
N VAL D 531 -53.52 -42.36 34.43
CA VAL D 531 -54.57 -41.55 35.04
C VAL D 531 -55.68 -41.27 34.03
N ASP D 532 -55.35 -41.25 32.74
CA ASP D 532 -56.33 -40.98 31.71
C ASP D 532 -55.89 -41.66 30.42
N LYS D 533 -56.86 -41.85 29.51
CA LYS D 533 -56.64 -42.48 28.22
C LYS D 533 -57.00 -41.54 27.08
N THR D 534 -56.63 -40.27 27.20
CA THR D 534 -56.94 -39.27 26.19
C THR D 534 -55.73 -38.39 25.93
N SER D 535 -54.98 -38.07 26.98
CA SER D 535 -53.81 -37.21 26.84
C SER D 535 -52.62 -37.96 26.26
N TRP D 536 -52.37 -39.17 26.73
CA TRP D 536 -51.25 -39.99 26.26
C TRP D 536 -49.95 -39.19 26.31
N ILE D 537 -49.72 -38.53 27.44
CA ILE D 537 -48.47 -37.78 27.59
C ILE D 537 -47.29 -38.73 27.42
N PRO D 538 -46.35 -38.46 26.52
CA PRO D 538 -45.24 -39.41 26.33
C PRO D 538 -44.60 -39.89 27.62
N SER D 539 -44.40 -39.01 28.59
CA SER D 539 -43.83 -39.44 29.87
C SER D 539 -44.77 -40.42 30.56
N SER D 540 -46.08 -40.15 30.54
CA SER D 540 -47.04 -41.02 31.20
C SER D 540 -47.04 -42.41 30.58
N VAL D 541 -47.15 -42.48 29.24
CA VAL D 541 -47.19 -43.76 28.57
C VAL D 541 -45.86 -44.50 28.76
N ALA D 542 -44.75 -43.77 28.72
CA ALA D 542 -43.46 -44.40 28.98
C ALA D 542 -43.46 -45.07 30.34
N GLU D 543 -43.80 -44.31 31.39
CA GLU D 543 -43.88 -44.89 32.73
C GLU D 543 -44.79 -46.12 32.75
N ALA D 544 -45.94 -46.02 32.10
CA ALA D 544 -46.86 -47.15 32.06
C ALA D 544 -46.21 -48.37 31.42
N LEU D 545 -45.49 -48.16 30.32
CA LEU D 545 -44.73 -49.22 29.67
C LEU D 545 -43.35 -49.42 30.27
N GLY D 546 -43.08 -48.84 31.45
CA GLY D 546 -41.85 -49.07 32.16
C GLY D 546 -40.59 -48.78 31.35
N ILE D 547 -40.48 -47.56 30.83
CA ILE D 547 -39.35 -47.17 29.99
C ILE D 547 -38.87 -45.79 30.41
N VAL D 548 -37.55 -45.63 30.49
CA VAL D 548 -36.93 -44.36 30.86
C VAL D 548 -36.71 -43.57 29.57
N PRO D 549 -37.46 -42.49 29.34
CA PRO D 549 -37.30 -41.74 28.08
C PRO D 549 -36.00 -40.94 28.07
N LEU D 550 -35.31 -41.00 26.93
CA LEU D 550 -34.07 -40.28 26.76
C LEU D 550 -34.33 -38.82 26.45
N GLN D 551 -33.43 -37.96 26.91
CA GLN D 551 -33.50 -36.54 26.64
C GLN D 551 -32.76 -36.22 25.34
N TYR D 552 -33.31 -35.29 24.57
CA TYR D 552 -32.64 -34.74 23.40
C TYR D 552 -31.87 -33.50 23.83
N VAL D 553 -30.61 -33.40 23.38
CA VAL D 553 -29.77 -32.27 23.75
C VAL D 553 -28.84 -31.92 22.60
N PHE D 554 -28.50 -30.64 22.52
CA PHE D 554 -27.34 -30.21 21.76
C PHE D 554 -26.08 -30.45 22.58
N VAL D 555 -25.00 -30.84 21.92
CA VAL D 555 -23.70 -30.97 22.57
C VAL D 555 -22.62 -30.53 21.59
N MET D 556 -21.77 -29.61 22.05
CA MET D 556 -20.64 -29.13 21.25
C MET D 556 -19.61 -28.55 22.20
N THR D 557 -18.41 -28.33 21.68
CA THR D 557 -17.34 -27.67 22.41
C THR D 557 -16.75 -26.58 21.54
N PHE D 558 -16.36 -25.48 22.18
CA PHE D 558 -16.04 -24.25 21.48
C PHE D 558 -14.71 -23.70 21.96
N THR D 559 -13.97 -23.06 21.04
CA THR D 559 -12.70 -22.44 21.36
C THR D 559 -12.96 -20.97 21.70
N LEU D 560 -13.11 -20.70 22.99
CA LEU D 560 -13.49 -19.38 23.47
C LEU D 560 -12.22 -18.58 23.76
N ASP D 561 -11.84 -17.74 22.81
CA ASP D 561 -10.63 -16.94 22.91
C ASP D 561 -10.96 -15.58 23.52
N ASP D 562 -10.07 -15.10 24.39
CA ASP D 562 -10.23 -13.83 25.09
C ASP D 562 -9.02 -12.91 24.93
N GLY D 563 -7.96 -13.36 24.26
CA GLY D 563 -6.73 -12.61 24.19
C GLY D 563 -5.88 -12.77 25.43
N THR D 564 -6.50 -12.64 26.61
CA THR D 564 -5.83 -13.01 27.86
C THR D 564 -5.60 -14.51 27.95
N GLY D 565 -6.36 -15.29 27.19
CA GLY D 565 -6.27 -16.73 27.20
C GLY D 565 -7.41 -17.30 26.37
N VAL D 566 -7.30 -18.59 26.10
CA VAL D 566 -8.30 -19.29 25.29
C VAL D 566 -8.74 -20.53 26.03
N LEU D 567 -10.06 -20.76 26.05
CA LEU D 567 -10.70 -21.77 26.89
C LEU D 567 -11.63 -22.62 26.05
N GLU D 568 -11.68 -23.92 26.34
CA GLU D 568 -12.48 -24.88 25.58
C GLU D 568 -13.56 -25.47 26.49
N ALA D 569 -14.74 -24.86 26.47
CA ALA D 569 -15.85 -25.29 27.29
C ALA D 569 -16.75 -26.24 26.53
N TYR D 570 -17.70 -26.83 27.25
CA TYR D 570 -18.70 -27.73 26.68
C TYR D 570 -20.07 -27.08 26.73
N LEU D 571 -20.92 -27.50 25.80
CA LEU D 571 -22.33 -27.18 25.81
C LEU D 571 -23.14 -28.47 25.80
N MET D 572 -24.25 -28.49 26.52
CA MET D 572 -25.05 -29.71 26.68
C MET D 572 -26.40 -29.32 27.28
N ASP D 573 -27.38 -29.11 26.42
CA ASP D 573 -28.69 -28.63 26.89
C ASP D 573 -29.76 -28.96 25.87
N SER D 574 -31.00 -28.63 26.24
CA SER D 574 -32.19 -28.77 25.39
C SER D 574 -32.84 -27.39 25.26
N ASP D 575 -32.78 -26.82 24.05
CA ASP D 575 -33.60 -25.66 23.68
C ASP D 575 -33.40 -24.47 24.61
N LYS D 576 -32.18 -24.26 25.11
CA LYS D 576 -31.92 -23.08 25.93
C LYS D 576 -31.12 -22.04 25.15
N PHE D 577 -29.82 -22.32 24.95
CA PHE D 577 -28.96 -21.36 24.24
C PHE D 577 -29.49 -21.08 22.85
N PHE D 578 -29.55 -22.11 22.00
CA PHE D 578 -29.99 -21.90 20.62
C PHE D 578 -31.43 -21.44 20.55
N GLN D 579 -32.23 -21.74 21.57
CA GLN D 579 -33.67 -21.51 21.50
C GLN D 579 -34.29 -22.29 20.36
N ILE D 580 -33.77 -23.50 20.13
CA ILE D 580 -34.27 -24.40 19.11
C ILE D 580 -34.60 -25.72 19.79
N PRO D 581 -35.74 -26.36 19.49
CA PRO D 581 -36.01 -27.66 20.12
C PRO D 581 -35.08 -28.74 19.63
N ALA D 582 -34.13 -29.14 20.49
CA ALA D 582 -33.26 -30.27 20.16
C ALA D 582 -34.05 -31.52 19.83
N SER D 583 -35.32 -31.59 20.23
CA SER D 583 -36.13 -32.77 19.98
C SER D 583 -36.56 -32.85 18.53
N GLU D 584 -36.85 -31.71 17.90
CA GLU D 584 -37.39 -31.67 16.56
C GLU D 584 -36.38 -31.27 15.49
N VAL D 585 -35.23 -30.73 15.90
CA VAL D 585 -34.30 -30.17 14.93
C VAL D 585 -33.83 -31.23 13.93
N LEU D 586 -33.81 -32.50 14.33
CA LEU D 586 -33.36 -33.55 13.42
C LEU D 586 -34.32 -33.75 12.26
N MET D 587 -35.62 -33.53 12.48
CA MET D 587 -36.63 -33.86 11.50
C MET D 587 -37.20 -32.66 10.77
N ASP D 588 -36.85 -31.45 11.17
CA ASP D 588 -37.36 -30.23 10.55
C ASP D 588 -36.20 -29.47 9.93
N ASP D 589 -36.31 -29.17 8.64
CA ASP D 589 -35.18 -28.62 7.90
C ASP D 589 -34.98 -27.13 8.19
N ASP D 590 -36.05 -26.40 8.51
CA ASP D 590 -35.92 -24.99 8.84
C ASP D 590 -35.05 -24.80 10.06
N LEU D 591 -35.27 -25.60 11.11
CA LEU D 591 -34.45 -25.49 12.31
C LEU D 591 -32.99 -25.79 11.99
N GLN D 592 -32.75 -26.73 11.09
CA GLN D 592 -31.37 -27.07 10.73
C GLN D 592 -30.72 -25.91 10.01
N LYS D 593 -31.42 -25.30 9.04
CA LYS D 593 -30.95 -24.07 8.43
C LYS D 593 -30.63 -23.03 9.49
N SER D 594 -31.50 -22.91 10.50
CA SER D 594 -31.34 -21.87 11.51
C SER D 594 -30.07 -22.09 12.32
N VAL D 595 -29.85 -23.32 12.78
CA VAL D 595 -28.68 -23.61 13.61
C VAL D 595 -27.41 -23.45 12.78
N ASP D 596 -27.45 -23.90 11.52
CA ASP D 596 -26.31 -23.69 10.64
C ASP D 596 -26.00 -22.21 10.48
N MET D 597 -27.04 -21.40 10.30
CA MET D 597 -26.86 -19.95 10.21
C MET D 597 -26.23 -19.41 11.47
N ILE D 598 -26.72 -19.85 12.64
CA ILE D 598 -26.21 -19.34 13.91
C ILE D 598 -24.72 -19.63 14.03
N MET D 599 -24.33 -20.86 13.70
CA MET D 599 -22.92 -21.23 13.90
C MET D 599 -22.03 -20.55 12.87
N ASP D 600 -22.47 -20.45 11.62
CA ASP D 600 -21.66 -19.73 10.65
C ASP D 600 -21.67 -18.23 10.88
N MET D 601 -22.60 -17.75 11.71
CA MET D 601 -22.61 -16.34 12.08
C MET D 601 -21.65 -16.06 13.23
N PHE D 602 -21.68 -16.91 14.27
CA PHE D 602 -20.65 -16.82 15.30
C PHE D 602 -19.27 -17.03 14.71
N CYS D 603 -19.16 -17.95 13.76
CA CYS D 603 -17.89 -18.29 13.12
C CYS D 603 -18.08 -18.23 11.61
N PRO D 604 -18.08 -17.03 11.04
CA PRO D 604 -18.19 -16.91 9.59
C PRO D 604 -17.10 -17.64 8.83
N PRO D 605 -17.42 -18.19 7.66
CA PRO D 605 -16.43 -18.96 6.90
C PRO D 605 -15.27 -18.11 6.42
N GLY D 606 -14.05 -18.55 6.74
CA GLY D 606 -12.85 -18.04 6.11
C GLY D 606 -12.26 -16.77 6.70
N ILE D 607 -13.10 -15.76 6.93
CA ILE D 607 -12.56 -14.46 7.32
C ILE D 607 -11.88 -14.54 8.69
N LYS D 608 -11.12 -13.50 9.02
CA LYS D 608 -10.29 -13.54 10.21
C LYS D 608 -11.13 -13.34 11.47
N ILE D 609 -10.73 -14.01 12.55
CA ILE D 609 -11.35 -13.81 13.86
C ILE D 609 -11.37 -12.34 14.22
N ASP D 610 -10.49 -11.55 13.61
CA ASP D 610 -10.55 -10.10 13.68
C ASP D 610 -11.98 -9.59 13.49
N ALA D 611 -12.79 -10.30 12.71
CA ALA D 611 -14.16 -9.91 12.44
C ALA D 611 -15.21 -10.80 13.10
N TYR D 612 -14.80 -11.77 13.90
CA TYR D 612 -15.77 -12.60 14.61
C TYR D 612 -16.37 -11.79 15.77
N PRO D 613 -17.67 -11.90 16.02
CA PRO D 613 -18.29 -11.06 17.05
C PRO D 613 -17.97 -11.52 18.46
N TRP D 614 -18.00 -10.56 19.38
CA TRP D 614 -17.83 -10.89 20.79
C TRP D 614 -18.98 -11.76 21.28
N LEU D 615 -18.69 -12.60 22.27
CA LEU D 615 -19.68 -13.51 22.83
C LEU D 615 -19.54 -13.51 24.35
N GLU D 616 -20.54 -12.96 25.04
CA GLU D 616 -20.57 -12.96 26.49
C GLU D 616 -21.41 -14.15 26.96
N CYS D 617 -20.97 -14.80 28.04
CA CYS D 617 -21.67 -15.97 28.54
C CYS D 617 -21.33 -16.17 30.00
N PHE D 618 -21.91 -17.22 30.59
CA PHE D 618 -21.66 -17.61 31.97
C PHE D 618 -21.26 -19.08 31.99
N ILE D 619 -20.13 -19.37 32.63
CA ILE D 619 -19.58 -20.72 32.62
C ILE D 619 -19.28 -21.16 34.04
N LYS D 620 -19.18 -22.48 34.22
CA LYS D 620 -18.76 -23.10 35.46
C LYS D 620 -17.54 -23.97 35.17
N SER D 621 -16.76 -24.23 36.21
CA SER D 621 -15.59 -25.09 36.12
C SER D 621 -15.74 -26.26 37.07
N TYR D 622 -15.04 -27.36 36.77
CA TYR D 622 -15.20 -28.58 37.55
C TYR D 622 -14.06 -29.54 37.21
N ASN D 623 -13.96 -30.61 38.00
CA ASN D 623 -12.97 -31.66 37.83
C ASN D 623 -13.60 -32.84 37.09
N VAL D 624 -12.74 -33.78 36.67
CA VAL D 624 -13.21 -34.93 35.89
C VAL D 624 -12.49 -36.20 36.32
N THR D 625 -11.16 -36.20 36.25
CA THR D 625 -10.34 -37.34 36.70
C THR D 625 -10.69 -38.63 35.96
N ASN D 626 -11.16 -38.55 34.72
CA ASN D 626 -11.44 -39.77 33.97
C ASN D 626 -10.16 -40.48 33.57
N GLY D 627 -9.07 -39.73 33.39
CA GLY D 627 -7.75 -40.32 33.23
C GLY D 627 -7.00 -40.27 34.54
N THR D 628 -7.48 -41.01 35.53
CA THR D 628 -6.92 -41.01 36.88
C THR D 628 -7.13 -39.68 37.58
N ASP D 629 -6.63 -38.59 37.02
CA ASP D 629 -6.61 -37.32 37.75
C ASP D 629 -6.87 -36.15 36.81
N ASN D 630 -7.33 -35.05 37.41
CA ASN D 630 -7.53 -33.78 36.73
C ASN D 630 -8.47 -33.89 35.54
N GLN D 631 -7.96 -33.72 34.32
CA GLN D 631 -8.82 -33.47 33.16
C GLN D 631 -9.85 -32.40 33.49
N ILE D 632 -9.35 -31.26 33.99
CA ILE D 632 -10.24 -30.17 34.39
C ILE D 632 -11.02 -29.70 33.17
N CYS D 633 -12.30 -29.37 33.38
CA CYS D 633 -13.20 -29.08 32.28
C CYS D 633 -14.11 -27.90 32.64
N TYR D 634 -14.79 -27.39 31.61
CA TYR D 634 -15.61 -26.20 31.72
C TYR D 634 -16.88 -26.40 30.92
N GLN D 635 -18.00 -25.88 31.43
CA GLN D 635 -19.29 -26.04 30.77
C GLN D 635 -20.07 -24.74 30.79
N ILE D 636 -20.86 -24.52 29.76
CA ILE D 636 -21.62 -23.29 29.58
C ILE D 636 -22.97 -23.41 30.28
N PHE D 637 -23.50 -22.29 30.76
CA PHE D 637 -24.76 -22.30 31.48
C PHE D 637 -25.47 -20.95 31.34
N ASP D 638 -26.81 -21.01 31.26
CA ASP D 638 -27.67 -19.84 31.43
C ASP D 638 -27.36 -18.72 30.44
N THR D 639 -27.12 -19.09 29.19
CA THR D 639 -26.79 -18.10 28.16
C THR D 639 -27.53 -18.43 26.88
N THR D 640 -28.01 -17.39 26.21
CA THR D 640 -28.80 -17.54 24.99
C THR D 640 -28.37 -16.49 23.97
N VAL D 641 -28.43 -16.86 22.70
CA VAL D 641 -28.15 -15.92 21.63
C VAL D 641 -29.12 -14.76 21.72
N ALA D 642 -28.62 -13.55 21.47
CA ALA D 642 -29.48 -12.38 21.50
C ALA D 642 -30.58 -12.51 20.47
N GLU D 643 -31.63 -11.68 20.59
CA GLU D 643 -32.79 -11.83 19.72
C GLU D 643 -32.51 -11.30 18.31
N ASP D 644 -32.02 -10.06 18.22
CA ASP D 644 -31.88 -9.41 16.91
C ASP D 644 -30.81 -10.02 16.02
N VAL D 645 -29.86 -10.76 16.60
CA VAL D 645 -28.75 -11.31 15.82
C VAL D 645 -29.05 -12.70 15.28
N ILE D 646 -30.23 -13.24 15.58
CA ILE D 646 -30.67 -14.52 15.01
C ILE D 646 -30.94 -14.35 13.52
N MET E 453 -75.43 -48.35 14.76
CA MET E 453 -74.05 -48.75 14.45
C MET E 453 -73.46 -47.82 13.39
N ARG E 454 -74.31 -47.00 12.77
CA ARG E 454 -73.85 -46.12 11.70
C ARG E 454 -72.70 -45.23 12.17
N GLU E 455 -72.87 -44.58 13.32
CA GLU E 455 -71.83 -43.69 13.83
C GLU E 455 -70.59 -44.47 14.24
N ASP E 456 -70.77 -45.59 14.94
CA ASP E 456 -69.63 -46.38 15.38
C ASP E 456 -68.84 -46.93 14.20
N GLN E 457 -69.55 -47.50 13.22
CA GLN E 457 -68.87 -48.05 12.06
C GLN E 457 -68.23 -46.94 11.23
N GLU E 458 -68.90 -45.78 11.13
CA GLU E 458 -68.28 -44.63 10.50
C GLU E 458 -66.96 -44.22 11.14
N HIS E 459 -66.91 -44.21 12.48
CA HIS E 459 -65.69 -43.82 13.19
C HIS E 459 -64.58 -44.86 12.99
N GLN E 460 -64.91 -46.13 13.24
CA GLN E 460 -63.91 -47.17 13.05
C GLN E 460 -63.44 -47.23 11.60
N GLY E 461 -64.32 -46.91 10.66
CA GLY E 461 -63.93 -46.90 9.25
C GLY E 461 -63.08 -45.71 8.89
N ALA E 462 -63.29 -44.57 9.55
CA ALA E 462 -62.36 -43.46 9.38
C ALA E 462 -60.96 -43.86 9.86
N LEU E 463 -60.89 -44.51 11.02
CA LEU E 463 -59.59 -44.99 11.50
C LEU E 463 -58.97 -45.97 10.52
N VAL E 464 -59.76 -46.94 10.05
CA VAL E 464 -59.27 -47.96 9.13
C VAL E 464 -58.87 -47.33 7.80
N CYS E 465 -59.55 -46.26 7.38
CA CYS E 465 -59.20 -45.58 6.14
C CYS E 465 -57.86 -44.87 6.28
N LEU E 466 -57.67 -44.13 7.37
CA LEU E 466 -56.37 -43.55 7.64
C LEU E 466 -55.28 -44.62 7.57
N ALA E 467 -55.49 -45.72 8.30
CA ALA E 467 -54.48 -46.77 8.36
C ALA E 467 -54.18 -47.33 6.97
N GLU E 468 -55.21 -47.75 6.24
CA GLU E 468 -55.00 -48.43 4.97
C GLU E 468 -54.42 -47.47 3.94
N SER E 469 -54.93 -46.24 3.87
CA SER E 469 -54.35 -45.26 2.96
C SER E 469 -52.90 -44.96 3.30
N CYS E 470 -52.53 -45.11 4.57
CA CYS E 470 -51.13 -44.97 4.94
C CYS E 470 -50.33 -46.24 4.69
N LEU E 471 -51.00 -47.39 4.65
CA LEU E 471 -50.32 -48.66 4.46
C LEU E 471 -50.06 -48.92 2.99
N THR E 472 -48.85 -49.42 2.69
CA THR E 472 -48.48 -49.79 1.32
C THR E 472 -49.16 -51.12 1.00
N LEU E 473 -50.45 -51.02 0.63
CA LEU E 473 -51.26 -52.21 0.44
C LEU E 473 -50.71 -53.10 -0.68
N GLU E 474 -50.12 -52.51 -1.72
CA GLU E 474 -49.56 -53.29 -2.81
C GLU E 474 -48.47 -52.48 -3.48
N GLY E 475 -47.64 -53.18 -4.26
CA GLY E 475 -46.56 -52.55 -4.99
C GLY E 475 -45.28 -52.49 -4.16
N PRO E 476 -44.27 -51.81 -4.69
CA PRO E 476 -43.01 -51.66 -3.96
C PRO E 476 -43.08 -50.52 -2.94
N CYS E 477 -42.00 -50.41 -2.17
CA CYS E 477 -41.88 -49.33 -1.18
C CYS E 477 -41.53 -48.02 -1.88
N THR E 478 -41.52 -46.94 -1.08
CA THR E 478 -41.24 -45.61 -1.61
C THR E 478 -40.31 -44.88 -0.65
N ALA E 479 -39.64 -43.85 -1.18
CA ALA E 479 -38.67 -43.09 -0.40
C ALA E 479 -39.34 -41.87 0.23
N PRO E 480 -39.24 -41.68 1.54
CA PRO E 480 -39.83 -40.49 2.16
C PRO E 480 -38.93 -39.29 1.96
N PRO E 481 -39.44 -38.08 2.20
CA PRO E 481 -38.58 -36.90 2.11
C PRO E 481 -37.45 -36.97 3.12
N VAL E 482 -36.36 -36.26 2.81
CA VAL E 482 -35.18 -36.25 3.65
C VAL E 482 -34.72 -34.81 3.84
N THR E 483 -34.33 -34.48 5.08
CA THR E 483 -33.93 -33.13 5.41
C THR E 483 -32.43 -32.95 5.23
N HIS E 484 -31.98 -31.70 5.42
CA HIS E 484 -30.59 -31.35 5.16
C HIS E 484 -29.64 -32.19 5.99
N TRP E 485 -29.78 -32.14 7.32
CA TRP E 485 -28.86 -32.87 8.19
C TRP E 485 -28.96 -34.37 7.97
N ALA E 486 -30.17 -34.88 7.75
CA ALA E 486 -30.33 -36.32 7.53
C ALA E 486 -29.62 -36.76 6.27
N ALA E 487 -29.87 -36.07 5.16
CA ALA E 487 -29.19 -36.41 3.91
C ALA E 487 -27.69 -36.25 4.04
N SER E 488 -27.23 -35.23 4.76
CA SER E 488 -25.80 -35.01 4.92
C SER E 488 -25.16 -36.10 5.76
N ARG E 489 -25.83 -36.51 6.84
CA ARG E 489 -25.33 -37.63 7.64
C ARG E 489 -25.26 -38.90 6.78
N CYS E 490 -26.34 -39.19 6.05
CA CYS E 490 -26.35 -40.37 5.19
C CYS E 490 -25.20 -40.33 4.19
N LYS E 491 -24.95 -39.16 3.60
CA LYS E 491 -23.84 -39.03 2.65
C LYS E 491 -22.50 -39.19 3.36
N ALA E 492 -22.40 -38.73 4.60
CA ALA E 492 -21.18 -38.82 5.37
C ALA E 492 -20.99 -40.17 6.05
N THR E 493 -22.00 -41.05 6.00
CA THR E 493 -21.92 -42.33 6.68
C THR E 493 -20.62 -43.04 6.31
N GLY E 494 -19.92 -43.52 7.34
CA GLY E 494 -18.52 -43.85 7.27
C GLY E 494 -17.66 -42.91 8.09
N GLU E 495 -18.15 -41.71 8.37
CA GLU E 495 -17.52 -40.79 9.29
C GLU E 495 -17.63 -41.31 10.72
N ALA E 496 -16.55 -41.18 11.48
CA ALA E 496 -16.58 -41.45 12.91
C ALA E 496 -17.13 -40.23 13.63
N VAL E 497 -18.20 -40.42 14.38
CA VAL E 497 -18.97 -39.30 14.91
C VAL E 497 -18.26 -38.66 16.09
N TYR E 498 -18.37 -37.34 16.18
CA TYR E 498 -17.91 -36.61 17.35
C TYR E 498 -18.64 -37.10 18.59
N THR E 499 -17.89 -37.29 19.69
CA THR E 499 -18.51 -37.69 20.95
C THR E 499 -17.57 -37.36 22.11
N VAL E 500 -18.14 -37.33 23.31
CA VAL E 500 -17.43 -36.97 24.52
C VAL E 500 -17.91 -37.85 25.68
N PRO E 501 -17.02 -38.33 26.54
CA PRO E 501 -17.48 -39.04 27.74
C PRO E 501 -18.31 -38.13 28.63
N SER E 502 -19.31 -38.71 29.29
CA SER E 502 -20.13 -37.93 30.21
C SER E 502 -19.35 -37.47 31.44
N SER E 503 -18.18 -38.07 31.70
CA SER E 503 -17.36 -37.62 32.82
C SER E 503 -16.92 -36.18 32.63
N MET E 504 -16.30 -35.88 31.49
CA MET E 504 -15.93 -34.50 31.17
C MET E 504 -17.14 -33.58 31.18
N LEU E 505 -18.35 -34.13 31.15
CA LEU E 505 -19.58 -33.36 31.07
C LEU E 505 -20.29 -33.33 32.42
N CYS E 506 -19.52 -33.13 33.49
CA CYS E 506 -20.06 -32.82 34.82
C CYS E 506 -20.74 -34.05 35.44
N ILE E 507 -20.00 -35.16 35.49
CA ILE E 507 -20.43 -36.29 36.30
C ILE E 507 -20.12 -36.08 37.77
N SER E 508 -19.31 -35.08 38.09
CA SER E 508 -18.85 -34.82 39.46
C SER E 508 -19.96 -34.10 40.22
N GLU E 509 -20.86 -34.90 40.80
CA GLU E 509 -21.96 -34.33 41.58
C GLU E 509 -21.46 -33.59 42.81
N ASN E 510 -20.28 -33.91 43.32
CA ASN E 510 -19.70 -33.18 44.44
C ASN E 510 -19.36 -31.75 44.03
N ASP E 511 -18.72 -31.60 42.87
CA ASP E 511 -18.47 -30.25 42.34
C ASP E 511 -19.79 -29.53 42.10
N GLN E 512 -20.80 -30.24 41.59
CA GLN E 512 -22.12 -29.63 41.44
C GLN E 512 -22.63 -29.10 42.77
N LEU E 513 -22.48 -29.89 43.83
CA LEU E 513 -22.94 -29.48 45.15
C LEU E 513 -22.24 -28.21 45.59
N ILE E 514 -20.91 -28.23 45.63
CA ILE E 514 -20.18 -27.07 46.15
C ILE E 514 -20.26 -25.89 45.19
N LEU E 515 -20.67 -26.12 43.95
CA LEU E 515 -20.95 -25.02 43.02
C LEU E 515 -22.27 -24.35 43.35
N SER E 516 -23.34 -25.13 43.41
CA SER E 516 -24.64 -24.59 43.80
C SER E 516 -24.58 -23.95 45.18
N SER E 517 -23.61 -24.35 46.01
CA SER E 517 -23.44 -23.69 47.30
C SER E 517 -22.93 -22.26 47.14
N LEU E 518 -22.16 -22.00 46.08
CA LEU E 518 -21.62 -20.67 45.86
C LEU E 518 -22.73 -19.67 45.60
N GLY E 519 -22.50 -18.43 46.01
CA GLY E 519 -23.46 -17.36 45.81
C GLY E 519 -23.47 -16.83 44.39
#